data_2ZUG
# 
_entry.id   2ZUG 
# 
_audit_conform.dict_name       mmcif_pdbx.dic 
_audit_conform.dict_version    5.397 
_audit_conform.dict_location   http://mmcif.pdb.org/dictionaries/ascii/mmcif_pdbx.dic 
# 
loop_
_database_2.database_id 
_database_2.database_code 
_database_2.pdbx_database_accession 
_database_2.pdbx_DOI 
PDB   2ZUG         pdb_00002zug 10.2210/pdb2zug/pdb 
RCSB  RCSB028439   ?            ?                   
WWPDB D_1000028439 ?            ?                   
# 
loop_
_pdbx_audit_revision_history.ordinal 
_pdbx_audit_revision_history.data_content_type 
_pdbx_audit_revision_history.major_revision 
_pdbx_audit_revision_history.minor_revision 
_pdbx_audit_revision_history.revision_date 
1 'Structure model' 1 0 2008-12-09 
2 'Structure model' 1 1 2011-07-13 
3 'Structure model' 1 2 2024-10-30 
# 
_pdbx_audit_revision_details.ordinal             1 
_pdbx_audit_revision_details.revision_ordinal    1 
_pdbx_audit_revision_details.data_content_type   'Structure model' 
_pdbx_audit_revision_details.provider            repository 
_pdbx_audit_revision_details.type                'Initial release' 
_pdbx_audit_revision_details.description         ? 
_pdbx_audit_revision_details.details             ? 
# 
loop_
_pdbx_audit_revision_group.ordinal 
_pdbx_audit_revision_group.revision_ordinal 
_pdbx_audit_revision_group.data_content_type 
_pdbx_audit_revision_group.group 
1 2 'Structure model' 'Version format compliance' 
2 3 'Structure model' 'Data collection'           
3 3 'Structure model' 'Database references'       
4 3 'Structure model' 'Derived calculations'      
5 3 'Structure model' 'Structure summary'         
# 
loop_
_pdbx_audit_revision_category.ordinal 
_pdbx_audit_revision_category.revision_ordinal 
_pdbx_audit_revision_category.data_content_type 
_pdbx_audit_revision_category.category 
1 3 'Structure model' chem_comp_atom            
2 3 'Structure model' chem_comp_bond            
3 3 'Structure model' database_2                
4 3 'Structure model' pdbx_entry_details        
5 3 'Structure model' pdbx_modification_feature 
6 3 'Structure model' struct_conn               
7 3 'Structure model' struct_ref_seq_dif        
# 
loop_
_pdbx_audit_revision_item.ordinal 
_pdbx_audit_revision_item.revision_ordinal 
_pdbx_audit_revision_item.data_content_type 
_pdbx_audit_revision_item.item 
1 3 'Structure model' '_database_2.pdbx_DOI'                
2 3 'Structure model' '_database_2.pdbx_database_accession' 
3 3 'Structure model' '_struct_conn.pdbx_leaving_atom_flag' 
4 3 'Structure model' '_struct_ref_seq_dif.details'         
# 
_pdbx_database_status.status_code                     REL 
_pdbx_database_status.entry_id                        2ZUG 
_pdbx_database_status.recvd_initial_deposition_date   2008-10-17 
_pdbx_database_status.deposit_site                    PDBJ 
_pdbx_database_status.process_site                    PDBJ 
_pdbx_database_status.status_code_sf                  REL 
_pdbx_database_status.status_code_mr                  ? 
_pdbx_database_status.SG_entry                        ? 
_pdbx_database_status.pdb_format_compatible           Y 
_pdbx_database_status.status_code_cs                  ? 
_pdbx_database_status.status_code_nmr_data            ? 
_pdbx_database_status.methods_development_category    ? 
# 
_pdbx_database_related.db_name        PDB 
_pdbx_database_related.db_id          2GJ2 
_pdbx_database_related.details        'Another dimer form of this protein' 
_pdbx_database_related.content_type   unspecified 
# 
loop_
_audit_author.name 
_audit_author.pdbx_ordinal 
'Wang, A.H.-J.' 1 
'Wang, H.-C.'   2 
'Ko, T.-P.'     3 
'Lo, C.-F.'     4 
# 
_citation.id                        primary 
_citation.title                     
'White spot syndrome virus protein ICP11: A histone-binding DNA mimic that disrupts nucleosome assembly' 
_citation.journal_abbrev            Proc.Natl.Acad.Sci.USA 
_citation.journal_volume            105 
_citation.page_first                20758 
_citation.page_last                 20763 
_citation.year                      2008 
_citation.journal_id_ASTM           PNASA6 
_citation.country                   US 
_citation.journal_id_ISSN           0027-8424 
_citation.journal_id_CSD            0040 
_citation.book_publisher            ? 
_citation.pdbx_database_id_PubMed   19095797 
_citation.pdbx_database_id_DOI      10.1073/pnas.0811233106 
# 
loop_
_citation_author.citation_id 
_citation_author.name 
_citation_author.ordinal 
_citation_author.identifier_ORCID 
primary 'Wang, H.-C.'   1 ? 
primary 'Wang, H.-C.'   2 ? 
primary 'Ko, T.-P.'     3 ? 
primary 'Lee, Y.-M.'    4 ? 
primary 'Leu, J.-H.'    5 ? 
primary 'Ho, C.-H.'     6 ? 
primary 'Huang, W.-P.'  7 ? 
primary 'Lo, C.-F.'     8 ? 
primary 'Wang, A.H.-J.' 9 ? 
# 
loop_
_entity.id 
_entity.type 
_entity.src_method 
_entity.pdbx_description 
_entity.formula_weight 
_entity.pdbx_number_of_molecules 
_entity.pdbx_ec 
_entity.pdbx_mutation 
_entity.pdbx_fragment 
_entity.details 
1 polymer man 'ORF115 (WSSV285) (Wsv230)' 10477.116 2  ? ? ? ? 
2 water   nat water                       18.015    39 ? ? ? ? 
# 
_entity_name_com.entity_id   1 
_entity_name_com.name        ICP11 
# 
_entity_poly.entity_id                      1 
_entity_poly.type                           'polypeptide(L)' 
_entity_poly.nstd_linkage                   no 
_entity_poly.nstd_monomer                   yes 
_entity_poly.pdbx_seq_one_letter_code       
;(MSE)ATFQTDADFLLVGDDTSRYEEV(MSE)KTFDTVEAVRKSDLDDRVY(MSE)VCLKQGSTFVLNGGIEELRLLTGD
STLEIQP(MSE)IVPTTELEHHHHHH
;
_entity_poly.pdbx_seq_one_letter_code_can   
;MATFQTDADFLLVGDDTSRYEEVMKTFDTVEAVRKSDLDDRVYMVCLKQGSTFVLNGGIEELRLLTGDSTLEIQPMIVPT
TELEHHHHHH
;
_entity_poly.pdbx_strand_id                 A,B 
_entity_poly.pdbx_target_identifier         ? 
# 
_pdbx_entity_nonpoly.entity_id   2 
_pdbx_entity_nonpoly.name        water 
_pdbx_entity_nonpoly.comp_id     HOH 
# 
loop_
_entity_poly_seq.entity_id 
_entity_poly_seq.num 
_entity_poly_seq.mon_id 
_entity_poly_seq.hetero 
1 1  MSE n 
1 2  ALA n 
1 3  THR n 
1 4  PHE n 
1 5  GLN n 
1 6  THR n 
1 7  ASP n 
1 8  ALA n 
1 9  ASP n 
1 10 PHE n 
1 11 LEU n 
1 12 LEU n 
1 13 VAL n 
1 14 GLY n 
1 15 ASP n 
1 16 ASP n 
1 17 THR n 
1 18 SER n 
1 19 ARG n 
1 20 TYR n 
1 21 GLU n 
1 22 GLU n 
1 23 VAL n 
1 24 MSE n 
1 25 LYS n 
1 26 THR n 
1 27 PHE n 
1 28 ASP n 
1 29 THR n 
1 30 VAL n 
1 31 GLU n 
1 32 ALA n 
1 33 VAL n 
1 34 ARG n 
1 35 LYS n 
1 36 SER n 
1 37 ASP n 
1 38 LEU n 
1 39 ASP n 
1 40 ASP n 
1 41 ARG n 
1 42 VAL n 
1 43 TYR n 
1 44 MSE n 
1 45 VAL n 
1 46 CYS n 
1 47 LEU n 
1 48 LYS n 
1 49 GLN n 
1 50 GLY n 
1 51 SER n 
1 52 THR n 
1 53 PHE n 
1 54 VAL n 
1 55 LEU n 
1 56 ASN n 
1 57 GLY n 
1 58 GLY n 
1 59 ILE n 
1 60 GLU n 
1 61 GLU n 
1 62 LEU n 
1 63 ARG n 
1 64 LEU n 
1 65 LEU n 
1 66 THR n 
1 67 GLY n 
1 68 ASP n 
1 69 SER n 
1 70 THR n 
1 71 LEU n 
1 72 GLU n 
1 73 ILE n 
1 74 GLN n 
1 75 PRO n 
1 76 MSE n 
1 77 ILE n 
1 78 VAL n 
1 79 PRO n 
1 80 THR n 
1 81 THR n 
1 82 GLU n 
1 83 LEU n 
1 84 GLU n 
1 85 HIS n 
1 86 HIS n 
1 87 HIS n 
1 88 HIS n 
1 89 HIS n 
1 90 HIS n 
# 
_entity_src_gen.entity_id                          1 
_entity_src_gen.pdbx_src_id                        1 
_entity_src_gen.pdbx_alt_source_flag               sample 
_entity_src_gen.pdbx_seq_type                      ? 
_entity_src_gen.pdbx_beg_seq_num                   ? 
_entity_src_gen.pdbx_end_seq_num                   ? 
_entity_src_gen.gene_src_common_name               WSSV 
_entity_src_gen.gene_src_genus                     ? 
_entity_src_gen.pdbx_gene_src_gene                 'white spot syndrome virus' 
_entity_src_gen.gene_src_species                   ? 
_entity_src_gen.gene_src_strain                    'Taiwan isolate' 
_entity_src_gen.gene_src_tissue                    ? 
_entity_src_gen.gene_src_tissue_fraction           ? 
_entity_src_gen.gene_src_details                   ? 
_entity_src_gen.pdbx_gene_src_fragment             ? 
_entity_src_gen.pdbx_gene_src_scientific_name      'Shrimp white spot syndrome virus' 
_entity_src_gen.pdbx_gene_src_ncbi_taxonomy_id     92652 
_entity_src_gen.pdbx_gene_src_variant              ? 
_entity_src_gen.pdbx_gene_src_cell_line            ? 
_entity_src_gen.pdbx_gene_src_atcc                 ? 
_entity_src_gen.pdbx_gene_src_organ                ? 
_entity_src_gen.pdbx_gene_src_organelle            ? 
_entity_src_gen.pdbx_gene_src_cell                 ? 
_entity_src_gen.pdbx_gene_src_cellular_location    ? 
_entity_src_gen.host_org_common_name               ? 
_entity_src_gen.pdbx_host_org_scientific_name      'Escherichia coli' 
_entity_src_gen.pdbx_host_org_ncbi_taxonomy_id     469008 
_entity_src_gen.host_org_genus                     ? 
_entity_src_gen.pdbx_host_org_gene                 ? 
_entity_src_gen.pdbx_host_org_organ                ? 
_entity_src_gen.host_org_species                   ? 
_entity_src_gen.pdbx_host_org_tissue               ? 
_entity_src_gen.pdbx_host_org_tissue_fraction      ? 
_entity_src_gen.pdbx_host_org_strain               'BL21 (DE3)' 
_entity_src_gen.pdbx_host_org_variant              ? 
_entity_src_gen.pdbx_host_org_cell_line            ? 
_entity_src_gen.pdbx_host_org_atcc                 ? 
_entity_src_gen.pdbx_host_org_culture_collection   ? 
_entity_src_gen.pdbx_host_org_cell                 ? 
_entity_src_gen.pdbx_host_org_organelle            ? 
_entity_src_gen.pdbx_host_org_cellular_location    ? 
_entity_src_gen.pdbx_host_org_vector_type          plasmid 
_entity_src_gen.pdbx_host_org_vector               ? 
_entity_src_gen.host_org_details                   ? 
_entity_src_gen.expression_system_id               ? 
_entity_src_gen.plasmid_name                       pET21b 
_entity_src_gen.plasmid_details                    ? 
_entity_src_gen.pdbx_description                   ? 
# 
loop_
_chem_comp.id 
_chem_comp.type 
_chem_comp.mon_nstd_flag 
_chem_comp.name 
_chem_comp.pdbx_synonyms 
_chem_comp.formula 
_chem_comp.formula_weight 
ALA 'L-peptide linking' y ALANINE          ? 'C3 H7 N O2'     89.093  
ARG 'L-peptide linking' y ARGININE         ? 'C6 H15 N4 O2 1' 175.209 
ASN 'L-peptide linking' y ASPARAGINE       ? 'C4 H8 N2 O3'    132.118 
ASP 'L-peptide linking' y 'ASPARTIC ACID'  ? 'C4 H7 N O4'     133.103 
CYS 'L-peptide linking' y CYSTEINE         ? 'C3 H7 N O2 S'   121.158 
GLN 'L-peptide linking' y GLUTAMINE        ? 'C5 H10 N2 O3'   146.144 
GLU 'L-peptide linking' y 'GLUTAMIC ACID'  ? 'C5 H9 N O4'     147.129 
GLY 'peptide linking'   y GLYCINE          ? 'C2 H5 N O2'     75.067  
HIS 'L-peptide linking' y HISTIDINE        ? 'C6 H10 N3 O2 1' 156.162 
HOH non-polymer         . WATER            ? 'H2 O'           18.015  
ILE 'L-peptide linking' y ISOLEUCINE       ? 'C6 H13 N O2'    131.173 
LEU 'L-peptide linking' y LEUCINE          ? 'C6 H13 N O2'    131.173 
LYS 'L-peptide linking' y LYSINE           ? 'C6 H15 N2 O2 1' 147.195 
MSE 'L-peptide linking' n SELENOMETHIONINE ? 'C5 H11 N O2 Se' 196.106 
PHE 'L-peptide linking' y PHENYLALANINE    ? 'C9 H11 N O2'    165.189 
PRO 'L-peptide linking' y PROLINE          ? 'C5 H9 N O2'     115.130 
SER 'L-peptide linking' y SERINE           ? 'C3 H7 N O3'     105.093 
THR 'L-peptide linking' y THREONINE        ? 'C4 H9 N O3'     119.119 
TYR 'L-peptide linking' y TYROSINE         ? 'C9 H11 N O3'    181.189 
VAL 'L-peptide linking' y VALINE           ? 'C5 H11 N O2'    117.146 
# 
loop_
_pdbx_poly_seq_scheme.asym_id 
_pdbx_poly_seq_scheme.entity_id 
_pdbx_poly_seq_scheme.seq_id 
_pdbx_poly_seq_scheme.mon_id 
_pdbx_poly_seq_scheme.ndb_seq_num 
_pdbx_poly_seq_scheme.pdb_seq_num 
_pdbx_poly_seq_scheme.auth_seq_num 
_pdbx_poly_seq_scheme.pdb_mon_id 
_pdbx_poly_seq_scheme.auth_mon_id 
_pdbx_poly_seq_scheme.pdb_strand_id 
_pdbx_poly_seq_scheme.pdb_ins_code 
_pdbx_poly_seq_scheme.hetero 
A 1 1  MSE 1  1  ?  ?   ?   A . n 
A 1 2  ALA 2  2  2  ALA ALA A . n 
A 1 3  THR 3  3  3  THR THR A . n 
A 1 4  PHE 4  4  4  PHE PHE A . n 
A 1 5  GLN 5  5  5  GLN GLN A . n 
A 1 6  THR 6  6  6  THR THR A . n 
A 1 7  ASP 7  7  7  ASP ASP A . n 
A 1 8  ALA 8  8  8  ALA ALA A . n 
A 1 9  ASP 9  9  9  ASP ASP A . n 
A 1 10 PHE 10 10 10 PHE PHE A . n 
A 1 11 LEU 11 11 11 LEU LEU A . n 
A 1 12 LEU 12 12 12 LEU LEU A . n 
A 1 13 VAL 13 13 13 VAL VAL A . n 
A 1 14 GLY 14 14 14 GLY GLY A . n 
A 1 15 ASP 15 15 15 ASP ASP A . n 
A 1 16 ASP 16 16 16 ASP ASP A . n 
A 1 17 THR 17 17 17 THR THR A . n 
A 1 18 SER 18 18 18 SER SER A . n 
A 1 19 ARG 19 19 19 ARG ARG A . n 
A 1 20 TYR 20 20 20 TYR TYR A . n 
A 1 21 GLU 21 21 21 GLU GLU A . n 
A 1 22 GLU 22 22 22 GLU GLU A . n 
A 1 23 VAL 23 23 23 VAL VAL A . n 
A 1 24 MSE 24 24 24 MSE MSE A . n 
A 1 25 LYS 25 25 25 LYS LYS A . n 
A 1 26 THR 26 26 26 THR THR A . n 
A 1 27 PHE 27 27 27 PHE PHE A . n 
A 1 28 ASP 28 28 28 ASP ASP A . n 
A 1 29 THR 29 29 29 THR THR A . n 
A 1 30 VAL 30 30 30 VAL VAL A . n 
A 1 31 GLU 31 31 31 GLU GLU A . n 
A 1 32 ALA 32 32 32 ALA ALA A . n 
A 1 33 VAL 33 33 33 VAL VAL A . n 
A 1 34 ARG 34 34 34 ARG ARG A . n 
A 1 35 LYS 35 35 35 LYS LYS A . n 
A 1 36 SER 36 36 36 SER SER A . n 
A 1 37 ASP 37 37 37 ASP ASP A . n 
A 1 38 LEU 38 38 38 LEU LEU A . n 
A 1 39 ASP 39 39 39 ASP ASP A . n 
A 1 40 ASP 40 40 40 ASP ASP A . n 
A 1 41 ARG 41 41 41 ARG ARG A . n 
A 1 42 VAL 42 42 42 VAL VAL A . n 
A 1 43 TYR 43 43 43 TYR TYR A . n 
A 1 44 MSE 44 44 44 MSE MSE A . n 
A 1 45 VAL 45 45 45 VAL VAL A . n 
A 1 46 CYS 46 46 46 CYS CYS A . n 
A 1 47 LEU 47 47 47 LEU LEU A . n 
A 1 48 LYS 48 48 48 LYS LYS A . n 
A 1 49 GLN 49 49 49 GLN GLN A . n 
A 1 50 GLY 50 50 50 GLY GLY A . n 
A 1 51 SER 51 51 51 SER SER A . n 
A 1 52 THR 52 52 52 THR THR A . n 
A 1 53 PHE 53 53 53 PHE PHE A . n 
A 1 54 VAL 54 54 54 VAL VAL A . n 
A 1 55 LEU 55 55 55 LEU LEU A . n 
A 1 56 ASN 56 56 56 ASN ASN A . n 
A 1 57 GLY 57 57 57 GLY GLY A . n 
A 1 58 GLY 58 58 58 GLY GLY A . n 
A 1 59 ILE 59 59 59 ILE ILE A . n 
A 1 60 GLU 60 60 60 GLU GLU A . n 
A 1 61 GLU 61 61 61 GLU GLU A . n 
A 1 62 LEU 62 62 62 LEU LEU A . n 
A 1 63 ARG 63 63 63 ARG ARG A . n 
A 1 64 LEU 64 64 64 LEU LEU A . n 
A 1 65 LEU 65 65 65 LEU LEU A . n 
A 1 66 THR 66 66 66 THR THR A . n 
A 1 67 GLY 67 67 67 GLY GLY A . n 
A 1 68 ASP 68 68 68 ASP ASP A . n 
A 1 69 SER 69 69 69 SER SER A . n 
A 1 70 THR 70 70 70 THR THR A . n 
A 1 71 LEU 71 71 71 LEU LEU A . n 
A 1 72 GLU 72 72 72 GLU GLU A . n 
A 1 73 ILE 73 73 73 ILE ILE A . n 
A 1 74 GLN 74 74 74 GLN GLN A . n 
A 1 75 PRO 75 75 75 PRO PRO A . n 
A 1 76 MSE 76 76 76 MSE MSE A . n 
A 1 77 ILE 77 77 77 ILE ILE A . n 
A 1 78 VAL 78 78 78 VAL VAL A . n 
A 1 79 PRO 79 79 79 PRO PRO A . n 
A 1 80 THR 80 80 80 THR THR A . n 
A 1 81 THR 81 81 81 THR THR A . n 
A 1 82 GLU 82 82 ?  ?   ?   A . n 
A 1 83 LEU 83 83 ?  ?   ?   A . n 
A 1 84 GLU 84 84 ?  ?   ?   A . n 
A 1 85 HIS 85 85 ?  ?   ?   A . n 
A 1 86 HIS 86 86 ?  ?   ?   A . n 
A 1 87 HIS 87 87 ?  ?   ?   A . n 
A 1 88 HIS 88 88 ?  ?   ?   A . n 
A 1 89 HIS 89 89 ?  ?   ?   A . n 
A 1 90 HIS 90 90 ?  ?   ?   A . n 
B 1 1  MSE 1  1  ?  ?   ?   B . n 
B 1 2  ALA 2  2  2  ALA ALA B . n 
B 1 3  THR 3  3  3  THR THR B . n 
B 1 4  PHE 4  4  4  PHE PHE B . n 
B 1 5  GLN 5  5  5  GLN GLN B . n 
B 1 6  THR 6  6  6  THR THR B . n 
B 1 7  ASP 7  7  7  ASP ASP B . n 
B 1 8  ALA 8  8  8  ALA ALA B . n 
B 1 9  ASP 9  9  9  ASP ASP B . n 
B 1 10 PHE 10 10 10 PHE PHE B . n 
B 1 11 LEU 11 11 11 LEU LEU B . n 
B 1 12 LEU 12 12 12 LEU LEU B . n 
B 1 13 VAL 13 13 13 VAL VAL B . n 
B 1 14 GLY 14 14 14 GLY GLY B . n 
B 1 15 ASP 15 15 15 ASP ASP B . n 
B 1 16 ASP 16 16 16 ASP ASP B . n 
B 1 17 THR 17 17 17 THR THR B . n 
B 1 18 SER 18 18 18 SER SER B . n 
B 1 19 ARG 19 19 19 ARG ARG B . n 
B 1 20 TYR 20 20 20 TYR TYR B . n 
B 1 21 GLU 21 21 21 GLU GLU B . n 
B 1 22 GLU 22 22 22 GLU GLU B . n 
B 1 23 VAL 23 23 23 VAL VAL B . n 
B 1 24 MSE 24 24 24 MSE MSE B . n 
B 1 25 LYS 25 25 25 LYS LYS B . n 
B 1 26 THR 26 26 26 THR THR B . n 
B 1 27 PHE 27 27 27 PHE PHE B . n 
B 1 28 ASP 28 28 28 ASP ASP B . n 
B 1 29 THR 29 29 29 THR THR B . n 
B 1 30 VAL 30 30 30 VAL VAL B . n 
B 1 31 GLU 31 31 31 GLU GLU B . n 
B 1 32 ALA 32 32 32 ALA ALA B . n 
B 1 33 VAL 33 33 33 VAL VAL B . n 
B 1 34 ARG 34 34 34 ARG ARG B . n 
B 1 35 LYS 35 35 35 LYS LYS B . n 
B 1 36 SER 36 36 36 SER SER B . n 
B 1 37 ASP 37 37 37 ASP ASP B . n 
B 1 38 LEU 38 38 38 LEU LEU B . n 
B 1 39 ASP 39 39 39 ASP ASP B . n 
B 1 40 ASP 40 40 40 ASP ASP B . n 
B 1 41 ARG 41 41 41 ARG ARG B . n 
B 1 42 VAL 42 42 42 VAL VAL B . n 
B 1 43 TYR 43 43 43 TYR TYR B . n 
B 1 44 MSE 44 44 44 MSE MSE B . n 
B 1 45 VAL 45 45 45 VAL VAL B . n 
B 1 46 CYS 46 46 46 CYS CYS B . n 
B 1 47 LEU 47 47 47 LEU LEU B . n 
B 1 48 LYS 48 48 48 LYS LYS B . n 
B 1 49 GLN 49 49 49 GLN GLN B . n 
B 1 50 GLY 50 50 50 GLY GLY B . n 
B 1 51 SER 51 51 51 SER SER B . n 
B 1 52 THR 52 52 52 THR THR B . n 
B 1 53 PHE 53 53 53 PHE PHE B . n 
B 1 54 VAL 54 54 54 VAL VAL B . n 
B 1 55 LEU 55 55 55 LEU LEU B . n 
B 1 56 ASN 56 56 56 ASN ASN B . n 
B 1 57 GLY 57 57 57 GLY GLY B . n 
B 1 58 GLY 58 58 58 GLY GLY B . n 
B 1 59 ILE 59 59 59 ILE ILE B . n 
B 1 60 GLU 60 60 60 GLU GLU B . n 
B 1 61 GLU 61 61 61 GLU GLU B . n 
B 1 62 LEU 62 62 62 LEU LEU B . n 
B 1 63 ARG 63 63 63 ARG ARG B . n 
B 1 64 LEU 64 64 64 LEU LEU B . n 
B 1 65 LEU 65 65 65 LEU LEU B . n 
B 1 66 THR 66 66 66 THR THR B . n 
B 1 67 GLY 67 67 67 GLY GLY B . n 
B 1 68 ASP 68 68 68 ASP ASP B . n 
B 1 69 SER 69 69 69 SER SER B . n 
B 1 70 THR 70 70 70 THR THR B . n 
B 1 71 LEU 71 71 71 LEU LEU B . n 
B 1 72 GLU 72 72 72 GLU GLU B . n 
B 1 73 ILE 73 73 73 ILE ILE B . n 
B 1 74 GLN 74 74 74 GLN GLN B . n 
B 1 75 PRO 75 75 75 PRO PRO B . n 
B 1 76 MSE 76 76 76 MSE MSE B . n 
B 1 77 ILE 77 77 77 ILE ILE B . n 
B 1 78 VAL 78 78 78 VAL VAL B . n 
B 1 79 PRO 79 79 79 PRO PRO B . n 
B 1 80 THR 80 80 80 THR THR B . n 
B 1 81 THR 81 81 ?  ?   ?   B . n 
B 1 82 GLU 82 82 ?  ?   ?   B . n 
B 1 83 LEU 83 83 ?  ?   ?   B . n 
B 1 84 GLU 84 84 ?  ?   ?   B . n 
B 1 85 HIS 85 85 ?  ?   ?   B . n 
B 1 86 HIS 86 86 ?  ?   ?   B . n 
B 1 87 HIS 87 87 ?  ?   ?   B . n 
B 1 88 HIS 88 88 ?  ?   ?   B . n 
B 1 89 HIS 89 89 ?  ?   ?   B . n 
B 1 90 HIS 90 90 ?  ?   ?   B . n 
# 
loop_
_pdbx_nonpoly_scheme.asym_id 
_pdbx_nonpoly_scheme.entity_id 
_pdbx_nonpoly_scheme.mon_id 
_pdbx_nonpoly_scheme.ndb_seq_num 
_pdbx_nonpoly_scheme.pdb_seq_num 
_pdbx_nonpoly_scheme.auth_seq_num 
_pdbx_nonpoly_scheme.pdb_mon_id 
_pdbx_nonpoly_scheme.auth_mon_id 
_pdbx_nonpoly_scheme.pdb_strand_id 
_pdbx_nonpoly_scheme.pdb_ins_code 
C 2 HOH 1  91  1  HOH HOH A . 
C 2 HOH 2  92  2  HOH HOH A . 
C 2 HOH 3  93  3  HOH HOH A . 
C 2 HOH 4  94  4  HOH HOH A . 
C 2 HOH 5  95  5  HOH HOH A . 
C 2 HOH 6  96  6  HOH HOH A . 
C 2 HOH 7  97  8  HOH HOH A . 
C 2 HOH 8  98  24 HOH HOH A . 
C 2 HOH 9  99  25 HOH HOH A . 
C 2 HOH 10 100 26 HOH HOH A . 
C 2 HOH 11 101 27 HOH HOH A . 
C 2 HOH 12 102 28 HOH HOH A . 
C 2 HOH 13 103 29 HOH HOH A . 
C 2 HOH 14 104 30 HOH HOH A . 
C 2 HOH 15 105 31 HOH HOH A . 
C 2 HOH 16 106 37 HOH HOH A . 
D 2 HOH 1  91  7  HOH HOH B . 
D 2 HOH 2  92  9  HOH HOH B . 
D 2 HOH 3  93  10 HOH HOH B . 
D 2 HOH 4  94  11 HOH HOH B . 
D 2 HOH 5  95  12 HOH HOH B . 
D 2 HOH 6  96  13 HOH HOH B . 
D 2 HOH 7  97  14 HOH HOH B . 
D 2 HOH 8  98  15 HOH HOH B . 
D 2 HOH 9  99  16 HOH HOH B . 
D 2 HOH 10 100 17 HOH HOH B . 
D 2 HOH 11 101 18 HOH HOH B . 
D 2 HOH 12 102 19 HOH HOH B . 
D 2 HOH 13 103 20 HOH HOH B . 
D 2 HOH 14 104 21 HOH HOH B . 
D 2 HOH 15 105 22 HOH HOH B . 
D 2 HOH 16 106 23 HOH HOH B . 
D 2 HOH 17 107 32 HOH HOH B . 
D 2 HOH 18 108 33 HOH HOH B . 
D 2 HOH 19 109 34 HOH HOH B . 
D 2 HOH 20 110 35 HOH HOH B . 
D 2 HOH 21 111 36 HOH HOH B . 
D 2 HOH 22 112 38 HOH HOH B . 
D 2 HOH 23 113 39 HOH HOH B . 
# 
loop_
_software.name 
_software.classification 
_software.version 
_software.citation_id 
_software.pdbx_ordinal 
HKL-2000 'data collection' .   ? 1 
SOLVE    phasing           .   ? 2 
CNS      refinement        1.1 ? 3 
HKL-2000 'data reduction'  .   ? 4 
HKL-2000 'data scaling'    .   ? 5 
# 
_cell.entry_id           2ZUG 
_cell.length_a           91.595 
_cell.length_b           91.595 
_cell.length_c           98.352 
_cell.angle_alpha        90.00 
_cell.angle_beta         90.00 
_cell.angle_gamma        90.00 
_cell.Z_PDB              16 
_cell.pdbx_unique_axis   ? 
_cell.length_a_esd       ? 
_cell.length_b_esd       ? 
_cell.length_c_esd       ? 
_cell.angle_alpha_esd    ? 
_cell.angle_beta_esd     ? 
_cell.angle_gamma_esd    ? 
# 
_symmetry.entry_id                         2ZUG 
_symmetry.space_group_name_H-M             'P 41 21 2' 
_symmetry.pdbx_full_space_group_name_H-M   ? 
_symmetry.cell_setting                     ? 
_symmetry.Int_Tables_number                92 
_symmetry.space_group_name_Hall            ? 
# 
_exptl.entry_id          2ZUG 
_exptl.method            'X-RAY DIFFRACTION' 
_exptl.crystals_number   2 
# 
_exptl_crystal.id                    1 
_exptl_crystal.density_meas          ? 
_exptl_crystal.density_Matthews      4.92 
_exptl_crystal.density_percent_sol   75.01 
_exptl_crystal.description           ? 
_exptl_crystal.F_000                 ? 
_exptl_crystal.preparation           ? 
# 
_exptl_crystal_grow.crystal_id      1 
_exptl_crystal_grow.method          'VAPOR DIFFUSION, SITTING DROP' 
_exptl_crystal_grow.temp            298 
_exptl_crystal_grow.temp_details    ? 
_exptl_crystal_grow.pH              6.5 
_exptl_crystal_grow.pdbx_details    
'0.2M sodium acetate trihydrate, 2.2M ammonium sulfate, pH 6.5, VAPOR DIFFUSION, SITTING DROP, temperature 298K' 
_exptl_crystal_grow.pdbx_pH_range   . 
# 
loop_
_diffrn.id 
_diffrn.ambient_temp 
_diffrn.ambient_temp_details 
_diffrn.crystal_id 
1 100 ? 1 
2 100 ? 1 
# 
loop_
_diffrn_detector.diffrn_id 
_diffrn_detector.detector 
_diffrn_detector.type 
_diffrn_detector.pdbx_collection_date 
_diffrn_detector.details 
1 CCD 'ADSC QUANTUM 315' 2006-07-01 ? 
2 CCD 'ADSC QUANTUM 315' 2006-07-01 ? 
# 
loop_
_diffrn_radiation.diffrn_id 
_diffrn_radiation.wavelength_id 
_diffrn_radiation.pdbx_monochromatic_or_laue_m_l 
_diffrn_radiation.monochromator 
_diffrn_radiation.pdbx_diffrn_protocol 
_diffrn_radiation.pdbx_scattering_type 
1 1 M 'Si 111 CHANNEL' 'SINGLE WAVELENGTH' x-ray 
2 2 M ?                MAD                 x-ray 
# 
loop_
_diffrn_radiation_wavelength.id 
_diffrn_radiation_wavelength.wavelength 
_diffrn_radiation_wavelength.wt 
1 0.9762 1.0 
2 0.9790 1.0 
3 0.9788 1.0 
4 0.9636 1.0 
# 
loop_
_diffrn_source.diffrn_id 
_diffrn_source.source 
_diffrn_source.type 
_diffrn_source.pdbx_synchrotron_site 
_diffrn_source.pdbx_synchrotron_beamline 
_diffrn_source.pdbx_wavelength 
_diffrn_source.pdbx_wavelength_list 
1 SYNCHROTRON 'NSRRC BEAMLINE BL13B1' NSRRC BL13B1 ? 0.9762                   
2 SYNCHROTRON 'NSRRC BEAMLINE BL13B1' NSRRC BL13B1 ? '0.9790, 0.9788, 0.9636' 
# 
_reflns.entry_id                     2ZUG 
_reflns.observed_criterion_sigma_F   0 
_reflns.observed_criterion_sigma_I   1 
_reflns.d_resolution_high            2.72 
_reflns.d_resolution_low             30 
_reflns.number_all                   11756 
_reflns.number_obs                   11437 
_reflns.percent_possible_obs         96.8 
_reflns.pdbx_Rmerge_I_obs            0.062 
_reflns.pdbx_Rsym_value              ? 
_reflns.pdbx_netI_over_sigmaI        30.3 
_reflns.B_iso_Wilson_estimate        ? 
_reflns.pdbx_redundancy              9.4 
_reflns.R_free_details               ? 
_reflns.limit_h_max                  ? 
_reflns.limit_h_min                  ? 
_reflns.limit_k_max                  ? 
_reflns.limit_k_min                  ? 
_reflns.limit_l_max                  ? 
_reflns.limit_l_min                  ? 
_reflns.observed_criterion_F_max     ? 
_reflns.observed_criterion_F_min     ? 
_reflns.pdbx_chi_squared             ? 
_reflns.pdbx_scaling_rejects         ? 
_reflns.pdbx_diffrn_id               1,2 
_reflns.pdbx_ordinal                 1 
# 
_reflns_shell.d_res_high             2.72 
_reflns_shell.d_res_low              2.82 
_reflns_shell.percent_possible_all   88.2 
_reflns_shell.Rmerge_I_obs           0.644 
_reflns_shell.pdbx_Rsym_value        ? 
_reflns_shell.meanI_over_sigI_obs    3.2 
_reflns_shell.pdbx_redundancy        10.1 
_reflns_shell.percent_possible_obs   ? 
_reflns_shell.number_unique_all      1158 
_reflns_shell.number_measured_all    ? 
_reflns_shell.number_measured_obs    ? 
_reflns_shell.number_unique_obs      ? 
_reflns_shell.pdbx_chi_squared       ? 
_reflns_shell.pdbx_diffrn_id         ? 
_reflns_shell.pdbx_ordinal           1 
# 
_refine.entry_id                                 2ZUG 
_refine.ls_d_res_high                            2.72 
_refine.ls_d_res_low                             29.25 
_refine.pdbx_ls_sigma_F                          0 
_refine.pdbx_ls_sigma_I                          0 
_refine.ls_number_reflns_all                     11756 
_refine.ls_number_reflns_obs                     10822 
_refine.ls_number_reflns_R_free                  569 
_refine.ls_percent_reflns_obs                    92.1 
_refine.ls_R_factor_all                          0.227 
_refine.ls_R_factor_obs                          0.227 
_refine.ls_R_factor_R_work                       0.226 
_refine.ls_R_factor_R_free                       0.254 
_refine.ls_redundancy_reflns_obs                 ? 
_refine.pdbx_data_cutoff_high_absF               ? 
_refine.pdbx_data_cutoff_low_absF                ? 
_refine.ls_number_parameters                     ? 
_refine.ls_number_restraints                     ? 
_refine.ls_percent_reflns_R_free                 ? 
_refine.ls_R_factor_R_free_error                 ? 
_refine.ls_R_factor_R_free_error_details         ? 
_refine.pdbx_method_to_determine_struct          MAD 
_refine.pdbx_starting_model                      ? 
_refine.pdbx_ls_cross_valid_method               THROUGHOUT 
_refine.pdbx_R_Free_selection_details            RANDOM 
_refine.pdbx_stereochem_target_val_spec_case     ? 
_refine.pdbx_stereochemistry_target_values       'Engh & Huber' 
_refine.solvent_model_details                    ? 
_refine.solvent_model_param_bsol                 ? 
_refine.solvent_model_param_ksol                 ? 
_refine.occupancy_max                            ? 
_refine.occupancy_min                            ? 
_refine.pdbx_isotropic_thermal_model             Isotropic 
_refine.B_iso_mean                               66.8 
_refine.aniso_B[1][1]                            ? 
_refine.aniso_B[1][2]                            ? 
_refine.aniso_B[1][3]                            ? 
_refine.aniso_B[2][2]                            ? 
_refine.aniso_B[2][3]                            ? 
_refine.aniso_B[3][3]                            ? 
_refine.details                                  ? 
_refine.B_iso_min                                ? 
_refine.B_iso_max                                ? 
_refine.correlation_coeff_Fo_to_Fc               ? 
_refine.correlation_coeff_Fo_to_Fc_free          ? 
_refine.pdbx_solvent_vdw_probe_radii             ? 
_refine.pdbx_solvent_ion_probe_radii             ? 
_refine.pdbx_solvent_shrinkage_radii             ? 
_refine.overall_SU_R_Cruickshank_DPI             ? 
_refine.overall_SU_R_free                        ? 
_refine.overall_SU_ML                            ? 
_refine.overall_SU_B                             ? 
_refine.pdbx_overall_ESU_R_Free                  ? 
_refine.pdbx_data_cutoff_high_rms_absF           ? 
_refine.pdbx_overall_ESU_R                       ? 
_refine.ls_wR_factor_R_free                      ? 
_refine.ls_wR_factor_R_work                      ? 
_refine.overall_FOM_free_R_set                   ? 
_refine.overall_FOM_work_R_set                   ? 
_refine.pdbx_refine_id                           'X-RAY DIFFRACTION' 
_refine.pdbx_overall_phase_error                 ? 
_refine.pdbx_diffrn_id                           1 
_refine.pdbx_TLS_residual_ADP_flag               ? 
_refine.pdbx_overall_SU_R_free_Cruickshank_DPI   ? 
_refine.pdbx_overall_SU_R_Blow_DPI               ? 
_refine.pdbx_overall_SU_R_free_Blow_DPI          ? 
# 
_refine_analyze.entry_id                        2ZUG 
_refine_analyze.Luzzati_coordinate_error_obs    0.41 
_refine_analyze.Luzzati_sigma_a_obs             0.58 
_refine_analyze.Luzzati_d_res_low_obs           5.0 
_refine_analyze.Luzzati_coordinate_error_free   0.48 
_refine_analyze.Luzzati_sigma_a_free            0.56 
_refine_analyze.Luzzati_d_res_low_free          ? 
_refine_analyze.number_disordered_residues      ? 
_refine_analyze.occupancy_sum_non_hydrogen      ? 
_refine_analyze.occupancy_sum_hydrogen          ? 
_refine_analyze.pdbx_Luzzati_d_res_high_obs     ? 
_refine_analyze.pdbx_refine_id                  'X-RAY DIFFRACTION' 
# 
_refine_hist.pdbx_refine_id                   'X-RAY DIFFRACTION' 
_refine_hist.cycle_id                         LAST 
_refine_hist.pdbx_number_atoms_protein        1243 
_refine_hist.pdbx_number_atoms_nucleic_acid   0 
_refine_hist.pdbx_number_atoms_ligand         0 
_refine_hist.number_atoms_solvent             39 
_refine_hist.number_atoms_total               1282 
_refine_hist.d_res_high                       2.72 
_refine_hist.d_res_low                        29.25 
# 
loop_
_refine_ls_restr.type 
_refine_ls_restr.dev_ideal 
_refine_ls_restr.dev_ideal_target 
_refine_ls_restr.weight 
_refine_ls_restr.number 
_refine_ls_restr.pdbx_refine_id 
_refine_ls_restr.pdbx_restraint_function 
c_angle_deg 1.8   ? ? ? 'X-RAY DIFFRACTION' ? 
c_bond_d    0.015 ? ? ? 'X-RAY DIFFRACTION' ? 
# 
_refine_ls_shell.pdbx_total_number_of_bins_used   ? 
_refine_ls_shell.d_res_high                       2.72 
_refine_ls_shell.d_res_low                        2.82 
_refine_ls_shell.number_reflns_R_work             ? 
_refine_ls_shell.R_factor_R_work                  0.407 
_refine_ls_shell.percent_reflns_obs               74.2 
_refine_ls_shell.R_factor_R_free                  0.372 
_refine_ls_shell.R_factor_R_free_error            0.035 
_refine_ls_shell.percent_reflns_R_free            ? 
_refine_ls_shell.number_reflns_R_free             50 
_refine_ls_shell.number_reflns_all                ? 
_refine_ls_shell.R_factor_all                     ? 
_refine_ls_shell.number_reflns_obs                854 
_refine_ls_shell.redundancy_reflns_obs            ? 
_refine_ls_shell.pdbx_refine_id                   'X-RAY DIFFRACTION' 
# 
_struct.entry_id                  2ZUG 
_struct.title                     'Crystal structure of WSSV ICP11' 
_struct.pdbx_model_details        ? 
_struct.pdbx_CASP_flag            ? 
_struct.pdbx_model_type_details   ? 
# 
_struct_keywords.entry_id        2ZUG 
_struct_keywords.pdbx_keywords   'VIRAL PROTEIN' 
_struct_keywords.text            'DNA mimic protein, dimer, White spot syndrome virus, VIRAL PROTEIN' 
# 
loop_
_struct_asym.id 
_struct_asym.pdbx_blank_PDB_chainid_flag 
_struct_asym.pdbx_modified 
_struct_asym.entity_id 
_struct_asym.details 
A N N 1 ? 
B N N 1 ? 
C N N 2 ? 
D N N 2 ? 
# 
_struct_ref.id                         1 
_struct_ref.db_name                    UNP 
_struct_ref.db_code                    Q91LD0_WSSV 
_struct_ref.pdbx_db_accession          Q91LD0 
_struct_ref.entity_id                  1 
_struct_ref.pdbx_seq_one_letter_code   
;MATFQTDADFLLVGDDTSRYEEVMKTFDTVEAVRKSDLDDRVYMVCLKQGSTFVLNGGIEELRLLTGDSTLEIQPMIVPT
TE
;
_struct_ref.pdbx_align_begin           1 
_struct_ref.pdbx_db_isoform            ? 
# 
loop_
_struct_ref_seq.align_id 
_struct_ref_seq.ref_id 
_struct_ref_seq.pdbx_PDB_id_code 
_struct_ref_seq.pdbx_strand_id 
_struct_ref_seq.seq_align_beg 
_struct_ref_seq.pdbx_seq_align_beg_ins_code 
_struct_ref_seq.seq_align_end 
_struct_ref_seq.pdbx_seq_align_end_ins_code 
_struct_ref_seq.pdbx_db_accession 
_struct_ref_seq.db_align_beg 
_struct_ref_seq.pdbx_db_align_beg_ins_code 
_struct_ref_seq.db_align_end 
_struct_ref_seq.pdbx_db_align_end_ins_code 
_struct_ref_seq.pdbx_auth_seq_align_beg 
_struct_ref_seq.pdbx_auth_seq_align_end 
1 1 2ZUG A 1 ? 82 ? Q91LD0 1 ? 82 ? 1 82 
2 1 2ZUG B 1 ? 82 ? Q91LD0 1 ? 82 ? 1 82 
# 
loop_
_struct_ref_seq_dif.align_id 
_struct_ref_seq_dif.pdbx_pdb_id_code 
_struct_ref_seq_dif.mon_id 
_struct_ref_seq_dif.pdbx_pdb_strand_id 
_struct_ref_seq_dif.seq_num 
_struct_ref_seq_dif.pdbx_pdb_ins_code 
_struct_ref_seq_dif.pdbx_seq_db_name 
_struct_ref_seq_dif.pdbx_seq_db_accession_code 
_struct_ref_seq_dif.db_mon_id 
_struct_ref_seq_dif.pdbx_seq_db_seq_num 
_struct_ref_seq_dif.details 
_struct_ref_seq_dif.pdbx_auth_seq_num 
_struct_ref_seq_dif.pdbx_ordinal 
1 2ZUG LEU A 83 ? UNP Q91LD0 ? ? 'expression tag' 83 1  
1 2ZUG GLU A 84 ? UNP Q91LD0 ? ? 'expression tag' 84 2  
1 2ZUG HIS A 85 ? UNP Q91LD0 ? ? 'expression tag' 85 3  
1 2ZUG HIS A 86 ? UNP Q91LD0 ? ? 'expression tag' 86 4  
1 2ZUG HIS A 87 ? UNP Q91LD0 ? ? 'expression tag' 87 5  
1 2ZUG HIS A 88 ? UNP Q91LD0 ? ? 'expression tag' 88 6  
1 2ZUG HIS A 89 ? UNP Q91LD0 ? ? 'expression tag' 89 7  
1 2ZUG HIS A 90 ? UNP Q91LD0 ? ? 'expression tag' 90 8  
2 2ZUG LEU B 83 ? UNP Q91LD0 ? ? 'expression tag' 83 9  
2 2ZUG GLU B 84 ? UNP Q91LD0 ? ? 'expression tag' 84 10 
2 2ZUG HIS B 85 ? UNP Q91LD0 ? ? 'expression tag' 85 11 
2 2ZUG HIS B 86 ? UNP Q91LD0 ? ? 'expression tag' 86 12 
2 2ZUG HIS B 87 ? UNP Q91LD0 ? ? 'expression tag' 87 13 
2 2ZUG HIS B 88 ? UNP Q91LD0 ? ? 'expression tag' 88 14 
2 2ZUG HIS B 89 ? UNP Q91LD0 ? ? 'expression tag' 89 15 
2 2ZUG HIS B 90 ? UNP Q91LD0 ? ? 'expression tag' 90 16 
# 
_pdbx_struct_assembly.id                   1 
_pdbx_struct_assembly.details              author_and_software_defined_assembly 
_pdbx_struct_assembly.method_details       PISA 
_pdbx_struct_assembly.oligomeric_details   dimeric 
_pdbx_struct_assembly.oligomeric_count     2 
# 
loop_
_pdbx_struct_assembly_prop.biol_id 
_pdbx_struct_assembly_prop.type 
_pdbx_struct_assembly_prop.value 
_pdbx_struct_assembly_prop.details 
1 'ABSA (A^2)' 1870 ? 
1 MORE         -12  ? 
1 'SSA (A^2)'  8680 ? 
# 
_pdbx_struct_assembly_gen.assembly_id       1 
_pdbx_struct_assembly_gen.oper_expression   1 
_pdbx_struct_assembly_gen.asym_id_list      A,B,C,D 
# 
_pdbx_struct_oper_list.id                   1 
_pdbx_struct_oper_list.type                 'identity operation' 
_pdbx_struct_oper_list.name                 1_555 
_pdbx_struct_oper_list.symmetry_operation   x,y,z 
_pdbx_struct_oper_list.matrix[1][1]         1.0000000000 
_pdbx_struct_oper_list.matrix[1][2]         0.0000000000 
_pdbx_struct_oper_list.matrix[1][3]         0.0000000000 
_pdbx_struct_oper_list.vector[1]            0.0000000000 
_pdbx_struct_oper_list.matrix[2][1]         0.0000000000 
_pdbx_struct_oper_list.matrix[2][2]         1.0000000000 
_pdbx_struct_oper_list.matrix[2][3]         0.0000000000 
_pdbx_struct_oper_list.vector[2]            0.0000000000 
_pdbx_struct_oper_list.matrix[3][1]         0.0000000000 
_pdbx_struct_oper_list.matrix[3][2]         0.0000000000 
_pdbx_struct_oper_list.matrix[3][3]         1.0000000000 
_pdbx_struct_oper_list.vector[3]            0.0000000000 
# 
_struct_biol.id        1 
_struct_biol.details   ? 
# 
loop_
_struct_conf.conf_type_id 
_struct_conf.id 
_struct_conf.pdbx_PDB_helix_id 
_struct_conf.beg_label_comp_id 
_struct_conf.beg_label_asym_id 
_struct_conf.beg_label_seq_id 
_struct_conf.pdbx_beg_PDB_ins_code 
_struct_conf.end_label_comp_id 
_struct_conf.end_label_asym_id 
_struct_conf.end_label_seq_id 
_struct_conf.pdbx_end_PDB_ins_code 
_struct_conf.beg_auth_comp_id 
_struct_conf.beg_auth_asym_id 
_struct_conf.beg_auth_seq_id 
_struct_conf.end_auth_comp_id 
_struct_conf.end_auth_asym_id 
_struct_conf.end_auth_seq_id 
_struct_conf.pdbx_PDB_helix_class 
_struct_conf.details 
_struct_conf.pdbx_PDB_helix_length 
HELX_P HELX_P1 1 ARG A 19 ? THR A 26 ? ARG A 19 THR A 26 1 ? 8  
HELX_P HELX_P2 2 GLY A 57 ? GLY A 67 ? GLY A 57 GLY A 67 1 ? 11 
HELX_P HELX_P3 3 ASP B 16 ? SER B 18 ? ASP B 16 SER B 18 5 ? 3  
HELX_P HELX_P4 4 ARG B 19 ? THR B 26 ? ARG B 19 THR B 26 1 ? 8  
HELX_P HELX_P5 5 GLY B 57 ? GLY B 67 ? GLY B 57 GLY B 67 1 ? 11 
# 
_struct_conf_type.id          HELX_P 
_struct_conf_type.criteria    ? 
_struct_conf_type.reference   ? 
# 
loop_
_struct_conn.id 
_struct_conn.conn_type_id 
_struct_conn.pdbx_leaving_atom_flag 
_struct_conn.pdbx_PDB_id 
_struct_conn.ptnr1_label_asym_id 
_struct_conn.ptnr1_label_comp_id 
_struct_conn.ptnr1_label_seq_id 
_struct_conn.ptnr1_label_atom_id 
_struct_conn.pdbx_ptnr1_label_alt_id 
_struct_conn.pdbx_ptnr1_PDB_ins_code 
_struct_conn.pdbx_ptnr1_standard_comp_id 
_struct_conn.ptnr1_symmetry 
_struct_conn.ptnr2_label_asym_id 
_struct_conn.ptnr2_label_comp_id 
_struct_conn.ptnr2_label_seq_id 
_struct_conn.ptnr2_label_atom_id 
_struct_conn.pdbx_ptnr2_label_alt_id 
_struct_conn.pdbx_ptnr2_PDB_ins_code 
_struct_conn.ptnr1_auth_asym_id 
_struct_conn.ptnr1_auth_comp_id 
_struct_conn.ptnr1_auth_seq_id 
_struct_conn.ptnr2_auth_asym_id 
_struct_conn.ptnr2_auth_comp_id 
_struct_conn.ptnr2_auth_seq_id 
_struct_conn.ptnr2_symmetry 
_struct_conn.pdbx_ptnr3_label_atom_id 
_struct_conn.pdbx_ptnr3_label_seq_id 
_struct_conn.pdbx_ptnr3_label_comp_id 
_struct_conn.pdbx_ptnr3_label_asym_id 
_struct_conn.pdbx_ptnr3_label_alt_id 
_struct_conn.pdbx_ptnr3_PDB_ins_code 
_struct_conn.details 
_struct_conn.pdbx_dist_value 
_struct_conn.pdbx_value_order 
_struct_conn.pdbx_role 
covale1  covale both ? A VAL 23 C ? ? ? 1_555 A MSE 24 N ? ? A VAL 23 A MSE 24 1_555 ? ? ? ? ? ? ? 1.330 ? ? 
covale2  covale both ? A MSE 24 C ? ? ? 1_555 A LYS 25 N ? ? A MSE 24 A LYS 25 1_555 ? ? ? ? ? ? ? 1.325 ? ? 
covale3  covale both ? A TYR 43 C ? ? ? 1_555 A MSE 44 N ? ? A TYR 43 A MSE 44 1_555 ? ? ? ? ? ? ? 1.324 ? ? 
covale4  covale both ? A MSE 44 C ? ? ? 1_555 A VAL 45 N ? ? A MSE 44 A VAL 45 1_555 ? ? ? ? ? ? ? 1.327 ? ? 
covale5  covale both ? A PRO 75 C ? ? ? 1_555 A MSE 76 N ? ? A PRO 75 A MSE 76 1_555 ? ? ? ? ? ? ? 1.324 ? ? 
covale6  covale both ? A MSE 76 C ? ? ? 1_555 A ILE 77 N ? ? A MSE 76 A ILE 77 1_555 ? ? ? ? ? ? ? 1.318 ? ? 
covale7  covale both ? B VAL 23 C ? ? ? 1_555 B MSE 24 N ? ? B VAL 23 B MSE 24 1_555 ? ? ? ? ? ? ? 1.323 ? ? 
covale8  covale both ? B MSE 24 C ? ? ? 1_555 B LYS 25 N ? ? B MSE 24 B LYS 25 1_555 ? ? ? ? ? ? ? 1.340 ? ? 
covale9  covale both ? B TYR 43 C ? ? ? 1_555 B MSE 44 N ? ? B TYR 43 B MSE 44 1_555 ? ? ? ? ? ? ? 1.327 ? ? 
covale10 covale both ? B MSE 44 C ? ? ? 1_555 B VAL 45 N ? ? B MSE 44 B VAL 45 1_555 ? ? ? ? ? ? ? 1.313 ? ? 
covale11 covale both ? B PRO 75 C ? ? ? 1_555 B MSE 76 N ? ? B PRO 75 B MSE 76 1_555 ? ? ? ? ? ? ? 1.324 ? ? 
covale12 covale both ? B MSE 76 C ? ? ? 1_555 B ILE 77 N ? ? B MSE 76 B ILE 77 1_555 ? ? ? ? ? ? ? 1.319 ? ? 
# 
_struct_conn_type.id          covale 
_struct_conn_type.criteria    ? 
_struct_conn_type.reference   ? 
# 
loop_
_pdbx_modification_feature.ordinal 
_pdbx_modification_feature.label_comp_id 
_pdbx_modification_feature.label_asym_id 
_pdbx_modification_feature.label_seq_id 
_pdbx_modification_feature.label_alt_id 
_pdbx_modification_feature.modified_residue_label_comp_id 
_pdbx_modification_feature.modified_residue_label_asym_id 
_pdbx_modification_feature.modified_residue_label_seq_id 
_pdbx_modification_feature.modified_residue_label_alt_id 
_pdbx_modification_feature.auth_comp_id 
_pdbx_modification_feature.auth_asym_id 
_pdbx_modification_feature.auth_seq_id 
_pdbx_modification_feature.PDB_ins_code 
_pdbx_modification_feature.symmetry 
_pdbx_modification_feature.modified_residue_auth_comp_id 
_pdbx_modification_feature.modified_residue_auth_asym_id 
_pdbx_modification_feature.modified_residue_auth_seq_id 
_pdbx_modification_feature.modified_residue_PDB_ins_code 
_pdbx_modification_feature.modified_residue_symmetry 
_pdbx_modification_feature.comp_id_linking_atom 
_pdbx_modification_feature.modified_residue_id_linking_atom 
_pdbx_modification_feature.modified_residue_id 
_pdbx_modification_feature.ref_pcm_id 
_pdbx_modification_feature.ref_comp_id 
_pdbx_modification_feature.type 
_pdbx_modification_feature.category 
1 MSE A 24 ? . . . . MSE A 24 ? 1_555 . . . . . . . MET 1 MSE Selenomethionine 'Named protein modification' 
2 MSE A 44 ? . . . . MSE A 44 ? 1_555 . . . . . . . MET 1 MSE Selenomethionine 'Named protein modification' 
3 MSE A 76 ? . . . . MSE A 76 ? 1_555 . . . . . . . MET 1 MSE Selenomethionine 'Named protein modification' 
4 MSE B 24 ? . . . . MSE B 24 ? 1_555 . . . . . . . MET 1 MSE Selenomethionine 'Named protein modification' 
5 MSE B 44 ? . . . . MSE B 44 ? 1_555 . . . . . . . MET 1 MSE Selenomethionine 'Named protein modification' 
6 MSE B 76 ? . . . . MSE B 76 ? 1_555 . . . . . . . MET 1 MSE Selenomethionine 'Named protein modification' 
# 
loop_
_struct_sheet.id 
_struct_sheet.type 
_struct_sheet.number_strands 
_struct_sheet.details 
A ? 2 ? 
B ? 4 ? 
C ? 2 ? 
D ? 4 ? 
# 
loop_
_struct_sheet_order.sheet_id 
_struct_sheet_order.range_id_1 
_struct_sheet_order.range_id_2 
_struct_sheet_order.offset 
_struct_sheet_order.sense 
A 1 2 ? anti-parallel 
B 1 2 ? anti-parallel 
B 2 3 ? anti-parallel 
B 3 4 ? anti-parallel 
C 1 2 ? anti-parallel 
D 1 2 ? anti-parallel 
D 2 3 ? anti-parallel 
D 3 4 ? anti-parallel 
# 
loop_
_struct_sheet_range.sheet_id 
_struct_sheet_range.id 
_struct_sheet_range.beg_label_comp_id 
_struct_sheet_range.beg_label_asym_id 
_struct_sheet_range.beg_label_seq_id 
_struct_sheet_range.pdbx_beg_PDB_ins_code 
_struct_sheet_range.end_label_comp_id 
_struct_sheet_range.end_label_asym_id 
_struct_sheet_range.end_label_seq_id 
_struct_sheet_range.pdbx_end_PDB_ins_code 
_struct_sheet_range.beg_auth_comp_id 
_struct_sheet_range.beg_auth_asym_id 
_struct_sheet_range.beg_auth_seq_id 
_struct_sheet_range.end_auth_comp_id 
_struct_sheet_range.end_auth_asym_id 
_struct_sheet_range.end_auth_seq_id 
A 1 PHE A 4  ? THR A 6  ? PHE A 4  THR A 6  
A 2 PHE A 53 ? LEU A 55 ? PHE A 53 LEU A 55 
B 1 VAL A 30 ? LYS A 35 ? VAL A 30 LYS A 35 
B 2 VAL A 42 ? LEU A 47 ? VAL A 42 LEU A 47 
B 3 PHE A 10 ? VAL A 13 ? PHE A 10 VAL A 13 
B 4 GLU A 72 ? GLN A 74 ? GLU A 72 GLN A 74 
C 1 PHE B 4  ? THR B 6  ? PHE B 4  THR B 6  
C 2 PHE B 53 ? LEU B 55 ? PHE B 53 LEU B 55 
D 1 VAL B 30 ? LYS B 35 ? VAL B 30 LYS B 35 
D 2 VAL B 42 ? LEU B 47 ? VAL B 42 LEU B 47 
D 3 PHE B 10 ? VAL B 13 ? PHE B 10 VAL B 13 
D 4 GLU B 72 ? GLN B 74 ? GLU B 72 GLN B 74 
# 
loop_
_pdbx_struct_sheet_hbond.sheet_id 
_pdbx_struct_sheet_hbond.range_id_1 
_pdbx_struct_sheet_hbond.range_id_2 
_pdbx_struct_sheet_hbond.range_1_label_atom_id 
_pdbx_struct_sheet_hbond.range_1_label_comp_id 
_pdbx_struct_sheet_hbond.range_1_label_asym_id 
_pdbx_struct_sheet_hbond.range_1_label_seq_id 
_pdbx_struct_sheet_hbond.range_1_PDB_ins_code 
_pdbx_struct_sheet_hbond.range_1_auth_atom_id 
_pdbx_struct_sheet_hbond.range_1_auth_comp_id 
_pdbx_struct_sheet_hbond.range_1_auth_asym_id 
_pdbx_struct_sheet_hbond.range_1_auth_seq_id 
_pdbx_struct_sheet_hbond.range_2_label_atom_id 
_pdbx_struct_sheet_hbond.range_2_label_comp_id 
_pdbx_struct_sheet_hbond.range_2_label_asym_id 
_pdbx_struct_sheet_hbond.range_2_label_seq_id 
_pdbx_struct_sheet_hbond.range_2_PDB_ins_code 
_pdbx_struct_sheet_hbond.range_2_auth_atom_id 
_pdbx_struct_sheet_hbond.range_2_auth_comp_id 
_pdbx_struct_sheet_hbond.range_2_auth_asym_id 
_pdbx_struct_sheet_hbond.range_2_auth_seq_id 
A 1 2 N PHE A 4  ? N PHE A 4  O LEU A 55 ? O LEU A 55 
B 1 2 N ARG A 34 ? N ARG A 34 O MSE A 44 ? O MSE A 44 
B 2 3 O VAL A 45 ? O VAL A 45 N PHE A 10 ? N PHE A 10 
B 3 4 N LEU A 11 ? N LEU A 11 O GLN A 74 ? O GLN A 74 
C 1 2 N PHE B 4  ? N PHE B 4  O LEU B 55 ? O LEU B 55 
D 1 2 N ARG B 34 ? N ARG B 34 O MSE B 44 ? O MSE B 44 
D 2 3 O VAL B 45 ? O VAL B 45 N PHE B 10 ? N PHE B 10 
D 3 4 N LEU B 11 ? N LEU B 11 O GLN B 74 ? O GLN B 74 
# 
_pdbx_entry_details.entry_id                   2ZUG 
_pdbx_entry_details.compound_details           ? 
_pdbx_entry_details.source_details             ? 
_pdbx_entry_details.nonpolymer_details         ? 
_pdbx_entry_details.sequence_details           ? 
_pdbx_entry_details.has_ligand_of_interest     ? 
_pdbx_entry_details.has_protein_modification   Y 
# 
_pdbx_validate_rmsd_bond.id                        1 
_pdbx_validate_rmsd_bond.PDB_model_num             1 
_pdbx_validate_rmsd_bond.auth_atom_id_1            CB 
_pdbx_validate_rmsd_bond.auth_asym_id_1            A 
_pdbx_validate_rmsd_bond.auth_comp_id_1            CYS 
_pdbx_validate_rmsd_bond.auth_seq_id_1             46 
_pdbx_validate_rmsd_bond.PDB_ins_code_1            ? 
_pdbx_validate_rmsd_bond.label_alt_id_1            ? 
_pdbx_validate_rmsd_bond.auth_atom_id_2            SG 
_pdbx_validate_rmsd_bond.auth_asym_id_2            A 
_pdbx_validate_rmsd_bond.auth_comp_id_2            CYS 
_pdbx_validate_rmsd_bond.auth_seq_id_2             46 
_pdbx_validate_rmsd_bond.PDB_ins_code_2            ? 
_pdbx_validate_rmsd_bond.label_alt_id_2            ? 
_pdbx_validate_rmsd_bond.bond_value                1.935 
_pdbx_validate_rmsd_bond.bond_target_value         1.818 
_pdbx_validate_rmsd_bond.bond_deviation            0.117 
_pdbx_validate_rmsd_bond.bond_standard_deviation   0.017 
_pdbx_validate_rmsd_bond.linker_flag               N 
# 
loop_
_pdbx_validate_torsion.id 
_pdbx_validate_torsion.PDB_model_num 
_pdbx_validate_torsion.auth_comp_id 
_pdbx_validate_torsion.auth_asym_id 
_pdbx_validate_torsion.auth_seq_id 
_pdbx_validate_torsion.PDB_ins_code 
_pdbx_validate_torsion.label_alt_id 
_pdbx_validate_torsion.phi 
_pdbx_validate_torsion.psi 
1 1 THR A 6  ? ? -179.35 141.74 
2 1 LEU A 71 ? ? -34.53  141.92 
3 1 PRO A 79 ? ? -69.67  2.29   
4 1 ASP B 9  ? ? -49.94  161.07 
# 
loop_
_pdbx_struct_mod_residue.id 
_pdbx_struct_mod_residue.label_asym_id 
_pdbx_struct_mod_residue.label_comp_id 
_pdbx_struct_mod_residue.label_seq_id 
_pdbx_struct_mod_residue.auth_asym_id 
_pdbx_struct_mod_residue.auth_comp_id 
_pdbx_struct_mod_residue.auth_seq_id 
_pdbx_struct_mod_residue.PDB_ins_code 
_pdbx_struct_mod_residue.parent_comp_id 
_pdbx_struct_mod_residue.details 
1 A MSE 24 A MSE 24 ? MET SELENOMETHIONINE 
2 A MSE 44 A MSE 44 ? MET SELENOMETHIONINE 
3 A MSE 76 A MSE 76 ? MET SELENOMETHIONINE 
4 B MSE 24 B MSE 24 ? MET SELENOMETHIONINE 
5 B MSE 44 B MSE 44 ? MET SELENOMETHIONINE 
6 B MSE 76 B MSE 76 ? MET SELENOMETHIONINE 
# 
loop_
_pdbx_struct_special_symmetry.id 
_pdbx_struct_special_symmetry.PDB_model_num 
_pdbx_struct_special_symmetry.auth_asym_id 
_pdbx_struct_special_symmetry.auth_comp_id 
_pdbx_struct_special_symmetry.auth_seq_id 
_pdbx_struct_special_symmetry.PDB_ins_code 
_pdbx_struct_special_symmetry.label_asym_id 
_pdbx_struct_special_symmetry.label_comp_id 
_pdbx_struct_special_symmetry.label_seq_id 
1 1 B HOH 97  ? D HOH . 
2 1 B HOH 99  ? D HOH . 
3 1 B HOH 108 ? D HOH . 
# 
loop_
_pdbx_unobs_or_zero_occ_residues.id 
_pdbx_unobs_or_zero_occ_residues.PDB_model_num 
_pdbx_unobs_or_zero_occ_residues.polymer_flag 
_pdbx_unobs_or_zero_occ_residues.occupancy_flag 
_pdbx_unobs_or_zero_occ_residues.auth_asym_id 
_pdbx_unobs_or_zero_occ_residues.auth_comp_id 
_pdbx_unobs_or_zero_occ_residues.auth_seq_id 
_pdbx_unobs_or_zero_occ_residues.PDB_ins_code 
_pdbx_unobs_or_zero_occ_residues.label_asym_id 
_pdbx_unobs_or_zero_occ_residues.label_comp_id 
_pdbx_unobs_or_zero_occ_residues.label_seq_id 
1  1 Y 1 A MSE 1  ? A MSE 1  
2  1 Y 1 A GLU 82 ? A GLU 82 
3  1 Y 1 A LEU 83 ? A LEU 83 
4  1 Y 1 A GLU 84 ? A GLU 84 
5  1 Y 1 A HIS 85 ? A HIS 85 
6  1 Y 1 A HIS 86 ? A HIS 86 
7  1 Y 1 A HIS 87 ? A HIS 87 
8  1 Y 1 A HIS 88 ? A HIS 88 
9  1 Y 1 A HIS 89 ? A HIS 89 
10 1 Y 1 A HIS 90 ? A HIS 90 
11 1 Y 1 B MSE 1  ? B MSE 1  
12 1 Y 1 B THR 81 ? B THR 81 
13 1 Y 1 B GLU 82 ? B GLU 82 
14 1 Y 1 B LEU 83 ? B LEU 83 
15 1 Y 1 B GLU 84 ? B GLU 84 
16 1 Y 1 B HIS 85 ? B HIS 85 
17 1 Y 1 B HIS 86 ? B HIS 86 
18 1 Y 1 B HIS 87 ? B HIS 87 
19 1 Y 1 B HIS 88 ? B HIS 88 
20 1 Y 1 B HIS 89 ? B HIS 89 
21 1 Y 1 B HIS 90 ? B HIS 90 
# 
loop_
_chem_comp_atom.comp_id 
_chem_comp_atom.atom_id 
_chem_comp_atom.type_symbol 
_chem_comp_atom.pdbx_aromatic_flag 
_chem_comp_atom.pdbx_stereo_config 
_chem_comp_atom.pdbx_ordinal 
ALA N    N  N N 1   
ALA CA   C  N S 2   
ALA C    C  N N 3   
ALA O    O  N N 4   
ALA CB   C  N N 5   
ALA OXT  O  N N 6   
ALA H    H  N N 7   
ALA H2   H  N N 8   
ALA HA   H  N N 9   
ALA HB1  H  N N 10  
ALA HB2  H  N N 11  
ALA HB3  H  N N 12  
ALA HXT  H  N N 13  
ARG N    N  N N 14  
ARG CA   C  N S 15  
ARG C    C  N N 16  
ARG O    O  N N 17  
ARG CB   C  N N 18  
ARG CG   C  N N 19  
ARG CD   C  N N 20  
ARG NE   N  N N 21  
ARG CZ   C  N N 22  
ARG NH1  N  N N 23  
ARG NH2  N  N N 24  
ARG OXT  O  N N 25  
ARG H    H  N N 26  
ARG H2   H  N N 27  
ARG HA   H  N N 28  
ARG HB2  H  N N 29  
ARG HB3  H  N N 30  
ARG HG2  H  N N 31  
ARG HG3  H  N N 32  
ARG HD2  H  N N 33  
ARG HD3  H  N N 34  
ARG HE   H  N N 35  
ARG HH11 H  N N 36  
ARG HH12 H  N N 37  
ARG HH21 H  N N 38  
ARG HH22 H  N N 39  
ARG HXT  H  N N 40  
ASN N    N  N N 41  
ASN CA   C  N S 42  
ASN C    C  N N 43  
ASN O    O  N N 44  
ASN CB   C  N N 45  
ASN CG   C  N N 46  
ASN OD1  O  N N 47  
ASN ND2  N  N N 48  
ASN OXT  O  N N 49  
ASN H    H  N N 50  
ASN H2   H  N N 51  
ASN HA   H  N N 52  
ASN HB2  H  N N 53  
ASN HB3  H  N N 54  
ASN HD21 H  N N 55  
ASN HD22 H  N N 56  
ASN HXT  H  N N 57  
ASP N    N  N N 58  
ASP CA   C  N S 59  
ASP C    C  N N 60  
ASP O    O  N N 61  
ASP CB   C  N N 62  
ASP CG   C  N N 63  
ASP OD1  O  N N 64  
ASP OD2  O  N N 65  
ASP OXT  O  N N 66  
ASP H    H  N N 67  
ASP H2   H  N N 68  
ASP HA   H  N N 69  
ASP HB2  H  N N 70  
ASP HB3  H  N N 71  
ASP HD2  H  N N 72  
ASP HXT  H  N N 73  
CYS N    N  N N 74  
CYS CA   C  N R 75  
CYS C    C  N N 76  
CYS O    O  N N 77  
CYS CB   C  N N 78  
CYS SG   S  N N 79  
CYS OXT  O  N N 80  
CYS H    H  N N 81  
CYS H2   H  N N 82  
CYS HA   H  N N 83  
CYS HB2  H  N N 84  
CYS HB3  H  N N 85  
CYS HG   H  N N 86  
CYS HXT  H  N N 87  
GLN N    N  N N 88  
GLN CA   C  N S 89  
GLN C    C  N N 90  
GLN O    O  N N 91  
GLN CB   C  N N 92  
GLN CG   C  N N 93  
GLN CD   C  N N 94  
GLN OE1  O  N N 95  
GLN NE2  N  N N 96  
GLN OXT  O  N N 97  
GLN H    H  N N 98  
GLN H2   H  N N 99  
GLN HA   H  N N 100 
GLN HB2  H  N N 101 
GLN HB3  H  N N 102 
GLN HG2  H  N N 103 
GLN HG3  H  N N 104 
GLN HE21 H  N N 105 
GLN HE22 H  N N 106 
GLN HXT  H  N N 107 
GLU N    N  N N 108 
GLU CA   C  N S 109 
GLU C    C  N N 110 
GLU O    O  N N 111 
GLU CB   C  N N 112 
GLU CG   C  N N 113 
GLU CD   C  N N 114 
GLU OE1  O  N N 115 
GLU OE2  O  N N 116 
GLU OXT  O  N N 117 
GLU H    H  N N 118 
GLU H2   H  N N 119 
GLU HA   H  N N 120 
GLU HB2  H  N N 121 
GLU HB3  H  N N 122 
GLU HG2  H  N N 123 
GLU HG3  H  N N 124 
GLU HE2  H  N N 125 
GLU HXT  H  N N 126 
GLY N    N  N N 127 
GLY CA   C  N N 128 
GLY C    C  N N 129 
GLY O    O  N N 130 
GLY OXT  O  N N 131 
GLY H    H  N N 132 
GLY H2   H  N N 133 
GLY HA2  H  N N 134 
GLY HA3  H  N N 135 
GLY HXT  H  N N 136 
HIS N    N  N N 137 
HIS CA   C  N S 138 
HIS C    C  N N 139 
HIS O    O  N N 140 
HIS CB   C  N N 141 
HIS CG   C  Y N 142 
HIS ND1  N  Y N 143 
HIS CD2  C  Y N 144 
HIS CE1  C  Y N 145 
HIS NE2  N  Y N 146 
HIS OXT  O  N N 147 
HIS H    H  N N 148 
HIS H2   H  N N 149 
HIS HA   H  N N 150 
HIS HB2  H  N N 151 
HIS HB3  H  N N 152 
HIS HD1  H  N N 153 
HIS HD2  H  N N 154 
HIS HE1  H  N N 155 
HIS HE2  H  N N 156 
HIS HXT  H  N N 157 
HOH O    O  N N 158 
HOH H1   H  N N 159 
HOH H2   H  N N 160 
ILE N    N  N N 161 
ILE CA   C  N S 162 
ILE C    C  N N 163 
ILE O    O  N N 164 
ILE CB   C  N S 165 
ILE CG1  C  N N 166 
ILE CG2  C  N N 167 
ILE CD1  C  N N 168 
ILE OXT  O  N N 169 
ILE H    H  N N 170 
ILE H2   H  N N 171 
ILE HA   H  N N 172 
ILE HB   H  N N 173 
ILE HG12 H  N N 174 
ILE HG13 H  N N 175 
ILE HG21 H  N N 176 
ILE HG22 H  N N 177 
ILE HG23 H  N N 178 
ILE HD11 H  N N 179 
ILE HD12 H  N N 180 
ILE HD13 H  N N 181 
ILE HXT  H  N N 182 
LEU N    N  N N 183 
LEU CA   C  N S 184 
LEU C    C  N N 185 
LEU O    O  N N 186 
LEU CB   C  N N 187 
LEU CG   C  N N 188 
LEU CD1  C  N N 189 
LEU CD2  C  N N 190 
LEU OXT  O  N N 191 
LEU H    H  N N 192 
LEU H2   H  N N 193 
LEU HA   H  N N 194 
LEU HB2  H  N N 195 
LEU HB3  H  N N 196 
LEU HG   H  N N 197 
LEU HD11 H  N N 198 
LEU HD12 H  N N 199 
LEU HD13 H  N N 200 
LEU HD21 H  N N 201 
LEU HD22 H  N N 202 
LEU HD23 H  N N 203 
LEU HXT  H  N N 204 
LYS N    N  N N 205 
LYS CA   C  N S 206 
LYS C    C  N N 207 
LYS O    O  N N 208 
LYS CB   C  N N 209 
LYS CG   C  N N 210 
LYS CD   C  N N 211 
LYS CE   C  N N 212 
LYS NZ   N  N N 213 
LYS OXT  O  N N 214 
LYS H    H  N N 215 
LYS H2   H  N N 216 
LYS HA   H  N N 217 
LYS HB2  H  N N 218 
LYS HB3  H  N N 219 
LYS HG2  H  N N 220 
LYS HG3  H  N N 221 
LYS HD2  H  N N 222 
LYS HD3  H  N N 223 
LYS HE2  H  N N 224 
LYS HE3  H  N N 225 
LYS HZ1  H  N N 226 
LYS HZ2  H  N N 227 
LYS HZ3  H  N N 228 
LYS HXT  H  N N 229 
MSE N    N  N N 230 
MSE CA   C  N S 231 
MSE C    C  N N 232 
MSE O    O  N N 233 
MSE OXT  O  N N 234 
MSE CB   C  N N 235 
MSE CG   C  N N 236 
MSE SE   SE N N 237 
MSE CE   C  N N 238 
MSE H    H  N N 239 
MSE H2   H  N N 240 
MSE HA   H  N N 241 
MSE HXT  H  N N 242 
MSE HB2  H  N N 243 
MSE HB3  H  N N 244 
MSE HG2  H  N N 245 
MSE HG3  H  N N 246 
MSE HE1  H  N N 247 
MSE HE2  H  N N 248 
MSE HE3  H  N N 249 
PHE N    N  N N 250 
PHE CA   C  N S 251 
PHE C    C  N N 252 
PHE O    O  N N 253 
PHE CB   C  N N 254 
PHE CG   C  Y N 255 
PHE CD1  C  Y N 256 
PHE CD2  C  Y N 257 
PHE CE1  C  Y N 258 
PHE CE2  C  Y N 259 
PHE CZ   C  Y N 260 
PHE OXT  O  N N 261 
PHE H    H  N N 262 
PHE H2   H  N N 263 
PHE HA   H  N N 264 
PHE HB2  H  N N 265 
PHE HB3  H  N N 266 
PHE HD1  H  N N 267 
PHE HD2  H  N N 268 
PHE HE1  H  N N 269 
PHE HE2  H  N N 270 
PHE HZ   H  N N 271 
PHE HXT  H  N N 272 
PRO N    N  N N 273 
PRO CA   C  N S 274 
PRO C    C  N N 275 
PRO O    O  N N 276 
PRO CB   C  N N 277 
PRO CG   C  N N 278 
PRO CD   C  N N 279 
PRO OXT  O  N N 280 
PRO H    H  N N 281 
PRO HA   H  N N 282 
PRO HB2  H  N N 283 
PRO HB3  H  N N 284 
PRO HG2  H  N N 285 
PRO HG3  H  N N 286 
PRO HD2  H  N N 287 
PRO HD3  H  N N 288 
PRO HXT  H  N N 289 
SER N    N  N N 290 
SER CA   C  N S 291 
SER C    C  N N 292 
SER O    O  N N 293 
SER CB   C  N N 294 
SER OG   O  N N 295 
SER OXT  O  N N 296 
SER H    H  N N 297 
SER H2   H  N N 298 
SER HA   H  N N 299 
SER HB2  H  N N 300 
SER HB3  H  N N 301 
SER HG   H  N N 302 
SER HXT  H  N N 303 
THR N    N  N N 304 
THR CA   C  N S 305 
THR C    C  N N 306 
THR O    O  N N 307 
THR CB   C  N R 308 
THR OG1  O  N N 309 
THR CG2  C  N N 310 
THR OXT  O  N N 311 
THR H    H  N N 312 
THR H2   H  N N 313 
THR HA   H  N N 314 
THR HB   H  N N 315 
THR HG1  H  N N 316 
THR HG21 H  N N 317 
THR HG22 H  N N 318 
THR HG23 H  N N 319 
THR HXT  H  N N 320 
TYR N    N  N N 321 
TYR CA   C  N S 322 
TYR C    C  N N 323 
TYR O    O  N N 324 
TYR CB   C  N N 325 
TYR CG   C  Y N 326 
TYR CD1  C  Y N 327 
TYR CD2  C  Y N 328 
TYR CE1  C  Y N 329 
TYR CE2  C  Y N 330 
TYR CZ   C  Y N 331 
TYR OH   O  N N 332 
TYR OXT  O  N N 333 
TYR H    H  N N 334 
TYR H2   H  N N 335 
TYR HA   H  N N 336 
TYR HB2  H  N N 337 
TYR HB3  H  N N 338 
TYR HD1  H  N N 339 
TYR HD2  H  N N 340 
TYR HE1  H  N N 341 
TYR HE2  H  N N 342 
TYR HH   H  N N 343 
TYR HXT  H  N N 344 
VAL N    N  N N 345 
VAL CA   C  N S 346 
VAL C    C  N N 347 
VAL O    O  N N 348 
VAL CB   C  N N 349 
VAL CG1  C  N N 350 
VAL CG2  C  N N 351 
VAL OXT  O  N N 352 
VAL H    H  N N 353 
VAL H2   H  N N 354 
VAL HA   H  N N 355 
VAL HB   H  N N 356 
VAL HG11 H  N N 357 
VAL HG12 H  N N 358 
VAL HG13 H  N N 359 
VAL HG21 H  N N 360 
VAL HG22 H  N N 361 
VAL HG23 H  N N 362 
VAL HXT  H  N N 363 
# 
loop_
_chem_comp_bond.comp_id 
_chem_comp_bond.atom_id_1 
_chem_comp_bond.atom_id_2 
_chem_comp_bond.value_order 
_chem_comp_bond.pdbx_aromatic_flag 
_chem_comp_bond.pdbx_stereo_config 
_chem_comp_bond.pdbx_ordinal 
ALA N   CA   sing N N 1   
ALA N   H    sing N N 2   
ALA N   H2   sing N N 3   
ALA CA  C    sing N N 4   
ALA CA  CB   sing N N 5   
ALA CA  HA   sing N N 6   
ALA C   O    doub N N 7   
ALA C   OXT  sing N N 8   
ALA CB  HB1  sing N N 9   
ALA CB  HB2  sing N N 10  
ALA CB  HB3  sing N N 11  
ALA OXT HXT  sing N N 12  
ARG N   CA   sing N N 13  
ARG N   H    sing N N 14  
ARG N   H2   sing N N 15  
ARG CA  C    sing N N 16  
ARG CA  CB   sing N N 17  
ARG CA  HA   sing N N 18  
ARG C   O    doub N N 19  
ARG C   OXT  sing N N 20  
ARG CB  CG   sing N N 21  
ARG CB  HB2  sing N N 22  
ARG CB  HB3  sing N N 23  
ARG CG  CD   sing N N 24  
ARG CG  HG2  sing N N 25  
ARG CG  HG3  sing N N 26  
ARG CD  NE   sing N N 27  
ARG CD  HD2  sing N N 28  
ARG CD  HD3  sing N N 29  
ARG NE  CZ   sing N N 30  
ARG NE  HE   sing N N 31  
ARG CZ  NH1  sing N N 32  
ARG CZ  NH2  doub N N 33  
ARG NH1 HH11 sing N N 34  
ARG NH1 HH12 sing N N 35  
ARG NH2 HH21 sing N N 36  
ARG NH2 HH22 sing N N 37  
ARG OXT HXT  sing N N 38  
ASN N   CA   sing N N 39  
ASN N   H    sing N N 40  
ASN N   H2   sing N N 41  
ASN CA  C    sing N N 42  
ASN CA  CB   sing N N 43  
ASN CA  HA   sing N N 44  
ASN C   O    doub N N 45  
ASN C   OXT  sing N N 46  
ASN CB  CG   sing N N 47  
ASN CB  HB2  sing N N 48  
ASN CB  HB3  sing N N 49  
ASN CG  OD1  doub N N 50  
ASN CG  ND2  sing N N 51  
ASN ND2 HD21 sing N N 52  
ASN ND2 HD22 sing N N 53  
ASN OXT HXT  sing N N 54  
ASP N   CA   sing N N 55  
ASP N   H    sing N N 56  
ASP N   H2   sing N N 57  
ASP CA  C    sing N N 58  
ASP CA  CB   sing N N 59  
ASP CA  HA   sing N N 60  
ASP C   O    doub N N 61  
ASP C   OXT  sing N N 62  
ASP CB  CG   sing N N 63  
ASP CB  HB2  sing N N 64  
ASP CB  HB3  sing N N 65  
ASP CG  OD1  doub N N 66  
ASP CG  OD2  sing N N 67  
ASP OD2 HD2  sing N N 68  
ASP OXT HXT  sing N N 69  
CYS N   CA   sing N N 70  
CYS N   H    sing N N 71  
CYS N   H2   sing N N 72  
CYS CA  C    sing N N 73  
CYS CA  CB   sing N N 74  
CYS CA  HA   sing N N 75  
CYS C   O    doub N N 76  
CYS C   OXT  sing N N 77  
CYS CB  SG   sing N N 78  
CYS CB  HB2  sing N N 79  
CYS CB  HB3  sing N N 80  
CYS SG  HG   sing N N 81  
CYS OXT HXT  sing N N 82  
GLN N   CA   sing N N 83  
GLN N   H    sing N N 84  
GLN N   H2   sing N N 85  
GLN CA  C    sing N N 86  
GLN CA  CB   sing N N 87  
GLN CA  HA   sing N N 88  
GLN C   O    doub N N 89  
GLN C   OXT  sing N N 90  
GLN CB  CG   sing N N 91  
GLN CB  HB2  sing N N 92  
GLN CB  HB3  sing N N 93  
GLN CG  CD   sing N N 94  
GLN CG  HG2  sing N N 95  
GLN CG  HG3  sing N N 96  
GLN CD  OE1  doub N N 97  
GLN CD  NE2  sing N N 98  
GLN NE2 HE21 sing N N 99  
GLN NE2 HE22 sing N N 100 
GLN OXT HXT  sing N N 101 
GLU N   CA   sing N N 102 
GLU N   H    sing N N 103 
GLU N   H2   sing N N 104 
GLU CA  C    sing N N 105 
GLU CA  CB   sing N N 106 
GLU CA  HA   sing N N 107 
GLU C   O    doub N N 108 
GLU C   OXT  sing N N 109 
GLU CB  CG   sing N N 110 
GLU CB  HB2  sing N N 111 
GLU CB  HB3  sing N N 112 
GLU CG  CD   sing N N 113 
GLU CG  HG2  sing N N 114 
GLU CG  HG3  sing N N 115 
GLU CD  OE1  doub N N 116 
GLU CD  OE2  sing N N 117 
GLU OE2 HE2  sing N N 118 
GLU OXT HXT  sing N N 119 
GLY N   CA   sing N N 120 
GLY N   H    sing N N 121 
GLY N   H2   sing N N 122 
GLY CA  C    sing N N 123 
GLY CA  HA2  sing N N 124 
GLY CA  HA3  sing N N 125 
GLY C   O    doub N N 126 
GLY C   OXT  sing N N 127 
GLY OXT HXT  sing N N 128 
HIS N   CA   sing N N 129 
HIS N   H    sing N N 130 
HIS N   H2   sing N N 131 
HIS CA  C    sing N N 132 
HIS CA  CB   sing N N 133 
HIS CA  HA   sing N N 134 
HIS C   O    doub N N 135 
HIS C   OXT  sing N N 136 
HIS CB  CG   sing N N 137 
HIS CB  HB2  sing N N 138 
HIS CB  HB3  sing N N 139 
HIS CG  ND1  sing Y N 140 
HIS CG  CD2  doub Y N 141 
HIS ND1 CE1  doub Y N 142 
HIS ND1 HD1  sing N N 143 
HIS CD2 NE2  sing Y N 144 
HIS CD2 HD2  sing N N 145 
HIS CE1 NE2  sing Y N 146 
HIS CE1 HE1  sing N N 147 
HIS NE2 HE2  sing N N 148 
HIS OXT HXT  sing N N 149 
HOH O   H1   sing N N 150 
HOH O   H2   sing N N 151 
ILE N   CA   sing N N 152 
ILE N   H    sing N N 153 
ILE N   H2   sing N N 154 
ILE CA  C    sing N N 155 
ILE CA  CB   sing N N 156 
ILE CA  HA   sing N N 157 
ILE C   O    doub N N 158 
ILE C   OXT  sing N N 159 
ILE CB  CG1  sing N N 160 
ILE CB  CG2  sing N N 161 
ILE CB  HB   sing N N 162 
ILE CG1 CD1  sing N N 163 
ILE CG1 HG12 sing N N 164 
ILE CG1 HG13 sing N N 165 
ILE CG2 HG21 sing N N 166 
ILE CG2 HG22 sing N N 167 
ILE CG2 HG23 sing N N 168 
ILE CD1 HD11 sing N N 169 
ILE CD1 HD12 sing N N 170 
ILE CD1 HD13 sing N N 171 
ILE OXT HXT  sing N N 172 
LEU N   CA   sing N N 173 
LEU N   H    sing N N 174 
LEU N   H2   sing N N 175 
LEU CA  C    sing N N 176 
LEU CA  CB   sing N N 177 
LEU CA  HA   sing N N 178 
LEU C   O    doub N N 179 
LEU C   OXT  sing N N 180 
LEU CB  CG   sing N N 181 
LEU CB  HB2  sing N N 182 
LEU CB  HB3  sing N N 183 
LEU CG  CD1  sing N N 184 
LEU CG  CD2  sing N N 185 
LEU CG  HG   sing N N 186 
LEU CD1 HD11 sing N N 187 
LEU CD1 HD12 sing N N 188 
LEU CD1 HD13 sing N N 189 
LEU CD2 HD21 sing N N 190 
LEU CD2 HD22 sing N N 191 
LEU CD2 HD23 sing N N 192 
LEU OXT HXT  sing N N 193 
LYS N   CA   sing N N 194 
LYS N   H    sing N N 195 
LYS N   H2   sing N N 196 
LYS CA  C    sing N N 197 
LYS CA  CB   sing N N 198 
LYS CA  HA   sing N N 199 
LYS C   O    doub N N 200 
LYS C   OXT  sing N N 201 
LYS CB  CG   sing N N 202 
LYS CB  HB2  sing N N 203 
LYS CB  HB3  sing N N 204 
LYS CG  CD   sing N N 205 
LYS CG  HG2  sing N N 206 
LYS CG  HG3  sing N N 207 
LYS CD  CE   sing N N 208 
LYS CD  HD2  sing N N 209 
LYS CD  HD3  sing N N 210 
LYS CE  NZ   sing N N 211 
LYS CE  HE2  sing N N 212 
LYS CE  HE3  sing N N 213 
LYS NZ  HZ1  sing N N 214 
LYS NZ  HZ2  sing N N 215 
LYS NZ  HZ3  sing N N 216 
LYS OXT HXT  sing N N 217 
MSE N   CA   sing N N 218 
MSE N   H    sing N N 219 
MSE N   H2   sing N N 220 
MSE CA  C    sing N N 221 
MSE CA  CB   sing N N 222 
MSE CA  HA   sing N N 223 
MSE C   O    doub N N 224 
MSE C   OXT  sing N N 225 
MSE OXT HXT  sing N N 226 
MSE CB  CG   sing N N 227 
MSE CB  HB2  sing N N 228 
MSE CB  HB3  sing N N 229 
MSE CG  SE   sing N N 230 
MSE CG  HG2  sing N N 231 
MSE CG  HG3  sing N N 232 
MSE SE  CE   sing N N 233 
MSE CE  HE1  sing N N 234 
MSE CE  HE2  sing N N 235 
MSE CE  HE3  sing N N 236 
PHE N   CA   sing N N 237 
PHE N   H    sing N N 238 
PHE N   H2   sing N N 239 
PHE CA  C    sing N N 240 
PHE CA  CB   sing N N 241 
PHE CA  HA   sing N N 242 
PHE C   O    doub N N 243 
PHE C   OXT  sing N N 244 
PHE CB  CG   sing N N 245 
PHE CB  HB2  sing N N 246 
PHE CB  HB3  sing N N 247 
PHE CG  CD1  doub Y N 248 
PHE CG  CD2  sing Y N 249 
PHE CD1 CE1  sing Y N 250 
PHE CD1 HD1  sing N N 251 
PHE CD2 CE2  doub Y N 252 
PHE CD2 HD2  sing N N 253 
PHE CE1 CZ   doub Y N 254 
PHE CE1 HE1  sing N N 255 
PHE CE2 CZ   sing Y N 256 
PHE CE2 HE2  sing N N 257 
PHE CZ  HZ   sing N N 258 
PHE OXT HXT  sing N N 259 
PRO N   CA   sing N N 260 
PRO N   CD   sing N N 261 
PRO N   H    sing N N 262 
PRO CA  C    sing N N 263 
PRO CA  CB   sing N N 264 
PRO CA  HA   sing N N 265 
PRO C   O    doub N N 266 
PRO C   OXT  sing N N 267 
PRO CB  CG   sing N N 268 
PRO CB  HB2  sing N N 269 
PRO CB  HB3  sing N N 270 
PRO CG  CD   sing N N 271 
PRO CG  HG2  sing N N 272 
PRO CG  HG3  sing N N 273 
PRO CD  HD2  sing N N 274 
PRO CD  HD3  sing N N 275 
PRO OXT HXT  sing N N 276 
SER N   CA   sing N N 277 
SER N   H    sing N N 278 
SER N   H2   sing N N 279 
SER CA  C    sing N N 280 
SER CA  CB   sing N N 281 
SER CA  HA   sing N N 282 
SER C   O    doub N N 283 
SER C   OXT  sing N N 284 
SER CB  OG   sing N N 285 
SER CB  HB2  sing N N 286 
SER CB  HB3  sing N N 287 
SER OG  HG   sing N N 288 
SER OXT HXT  sing N N 289 
THR N   CA   sing N N 290 
THR N   H    sing N N 291 
THR N   H2   sing N N 292 
THR CA  C    sing N N 293 
THR CA  CB   sing N N 294 
THR CA  HA   sing N N 295 
THR C   O    doub N N 296 
THR C   OXT  sing N N 297 
THR CB  OG1  sing N N 298 
THR CB  CG2  sing N N 299 
THR CB  HB   sing N N 300 
THR OG1 HG1  sing N N 301 
THR CG2 HG21 sing N N 302 
THR CG2 HG22 sing N N 303 
THR CG2 HG23 sing N N 304 
THR OXT HXT  sing N N 305 
TYR N   CA   sing N N 306 
TYR N   H    sing N N 307 
TYR N   H2   sing N N 308 
TYR CA  C    sing N N 309 
TYR CA  CB   sing N N 310 
TYR CA  HA   sing N N 311 
TYR C   O    doub N N 312 
TYR C   OXT  sing N N 313 
TYR CB  CG   sing N N 314 
TYR CB  HB2  sing N N 315 
TYR CB  HB3  sing N N 316 
TYR CG  CD1  doub Y N 317 
TYR CG  CD2  sing Y N 318 
TYR CD1 CE1  sing Y N 319 
TYR CD1 HD1  sing N N 320 
TYR CD2 CE2  doub Y N 321 
TYR CD2 HD2  sing N N 322 
TYR CE1 CZ   doub Y N 323 
TYR CE1 HE1  sing N N 324 
TYR CE2 CZ   sing Y N 325 
TYR CE2 HE2  sing N N 326 
TYR CZ  OH   sing N N 327 
TYR OH  HH   sing N N 328 
TYR OXT HXT  sing N N 329 
VAL N   CA   sing N N 330 
VAL N   H    sing N N 331 
VAL N   H2   sing N N 332 
VAL CA  C    sing N N 333 
VAL CA  CB   sing N N 334 
VAL CA  HA   sing N N 335 
VAL C   O    doub N N 336 
VAL C   OXT  sing N N 337 
VAL CB  CG1  sing N N 338 
VAL CB  CG2  sing N N 339 
VAL CB  HB   sing N N 340 
VAL CG1 HG11 sing N N 341 
VAL CG1 HG12 sing N N 342 
VAL CG1 HG13 sing N N 343 
VAL CG2 HG21 sing N N 344 
VAL CG2 HG22 sing N N 345 
VAL CG2 HG23 sing N N 346 
VAL OXT HXT  sing N N 347 
# 
_atom_sites.entry_id                    2ZUG 
_atom_sites.fract_transf_matrix[1][1]   -0.01015905 
_atom_sites.fract_transf_matrix[1][2]   0.00059288 
_atom_sites.fract_transf_matrix[1][3]   -0.00395537 
_atom_sites.fract_transf_matrix[2][1]   0.00368178 
_atom_sites.fract_transf_matrix[2][2]   0.00560407 
_atom_sites.fract_transf_matrix[2][3]   -0.00861636 
_atom_sites.fract_transf_matrix[3][1]   0.00145502 
_atom_sites.fract_transf_matrix[3][2]   -0.00870886 
_atom_sites.fract_transf_matrix[3][3]   -0.00504250 
_atom_sites.fract_transf_vector[1]      0.574652 
_atom_sites.fract_transf_vector[2]      0.237527 
_atom_sites.fract_transf_vector[3]      0.318412 
# 
loop_
_atom_type.symbol 
C  
N  
O  
S  
SE 
# 
loop_
_atom_site.group_PDB 
_atom_site.id 
_atom_site.type_symbol 
_atom_site.label_atom_id 
_atom_site.label_alt_id 
_atom_site.label_comp_id 
_atom_site.label_asym_id 
_atom_site.label_entity_id 
_atom_site.label_seq_id 
_atom_site.pdbx_PDB_ins_code 
_atom_site.Cartn_x 
_atom_site.Cartn_y 
_atom_site.Cartn_z 
_atom_site.occupancy 
_atom_site.B_iso_or_equiv 
_atom_site.pdbx_formal_charge 
_atom_site.auth_seq_id 
_atom_site.auth_comp_id 
_atom_site.auth_asym_id 
_atom_site.auth_atom_id 
_atom_site.pdbx_PDB_model_num 
ATOM   1    N  N   . ALA A 1 2  ? 21.005  2.776   15.956  1.00 93.13  ? 2   ALA A N   1 
ATOM   2    C  CA  . ALA A 1 2  ? 20.554  1.620   16.799  1.00 93.71  ? 2   ALA A CA  1 
ATOM   3    C  C   . ALA A 1 2  ? 19.827  0.617   15.916  1.00 93.59  ? 2   ALA A C   1 
ATOM   4    O  O   . ALA A 1 2  ? 19.627  0.858   14.725  1.00 93.97  ? 2   ALA A O   1 
ATOM   5    C  CB  . ALA A 1 2  ? 19.621  2.105   17.937  1.00 93.47  ? 2   ALA A CB  1 
ATOM   6    N  N   . THR A 1 3  ? 19.426  -0.510  16.486  1.00 93.37  ? 3   THR A N   1 
ATOM   7    C  CA  . THR A 1 3  ? 18.728  -1.500  15.685  1.00 93.81  ? 3   THR A CA  1 
ATOM   8    C  C   . THR A 1 3  ? 17.259  -1.170  15.470  1.00 92.93  ? 3   THR A C   1 
ATOM   9    O  O   . THR A 1 3  ? 16.535  -0.851  16.423  1.00 93.33  ? 3   THR A O   1 
ATOM   10   C  CB  . THR A 1 3  ? 18.857  -2.893  16.305  1.00 94.97  ? 3   THR A CB  1 
ATOM   11   O  OG1 . THR A 1 3  ? 20.169  -3.392  16.011  1.00 97.20  ? 3   THR A OG1 1 
ATOM   12   C  CG2 . THR A 1 3  ? 17.802  -3.860  15.737  1.00 94.81  ? 3   THR A CG2 1 
ATOM   13   N  N   . PHE A 1 4  ? 16.829  -1.242  14.208  1.00 91.35  ? 4   PHE A N   1 
ATOM   14   C  CA  . PHE A 1 4  ? 15.446  -0.953  13.865  1.00 89.36  ? 4   PHE A CA  1 
ATOM   15   C  C   . PHE A 1 4  ? 14.633  -2.199  13.593  1.00 88.75  ? 4   PHE A C   1 
ATOM   16   O  O   . PHE A 1 4  ? 15.095  -3.141  12.952  1.00 88.76  ? 4   PHE A O   1 
ATOM   17   C  CB  . PHE A 1 4  ? 15.364  -0.045  12.649  1.00 88.58  ? 4   PHE A CB  1 
ATOM   18   C  CG  . PHE A 1 4  ? 13.952  0.228   12.210  1.00 88.83  ? 4   PHE A CG  1 
ATOM   19   C  CD1 . PHE A 1 4  ? 12.952  0.470   13.147  1.00 89.04  ? 4   PHE A CD1 1 
ATOM   20   C  CD2 . PHE A 1 4  ? 13.618  0.272   10.862  1.00 88.88  ? 4   PHE A CD2 1 
ATOM   21   C  CE1 . PHE A 1 4  ? 11.644  0.752   12.746  1.00 88.58  ? 4   PHE A CE1 1 
ATOM   22   C  CE2 . PHE A 1 4  ? 12.302  0.556   10.453  1.00 88.46  ? 4   PHE A CE2 1 
ATOM   23   C  CZ  . PHE A 1 4  ? 11.323  0.796   11.394  1.00 87.96  ? 4   PHE A CZ  1 
ATOM   24   N  N   . GLN A 1 5  ? 13.402  -2.185  14.081  1.00 88.01  ? 5   GLN A N   1 
ATOM   25   C  CA  . GLN A 1 5  ? 12.494  -3.301  13.897  1.00 87.71  ? 5   GLN A CA  1 
ATOM   26   C  C   . GLN A 1 5  ? 11.039  -2.873  13.778  1.00 87.26  ? 5   GLN A C   1 
ATOM   27   O  O   . GLN A 1 5  ? 10.658  -1.795  14.231  1.00 87.87  ? 5   GLN A O   1 
ATOM   28   C  CB  . GLN A 1 5  ? 12.612  -4.256  15.059  1.00 87.40  ? 5   GLN A CB  1 
ATOM   29   C  CG  . GLN A 1 5  ? 13.475  -5.412  14.760  1.00 89.79  ? 5   GLN A CG  1 
ATOM   30   C  CD  . GLN A 1 5  ? 13.620  -6.344  15.955  1.00 91.73  ? 5   GLN A CD  1 
ATOM   31   O  OE1 . GLN A 1 5  ? 12.631  -6.933  16.426  1.00 91.66  ? 5   GLN A OE1 1 
ATOM   32   N  NE2 . GLN A 1 5  ? 14.862  -6.482  16.458  1.00 92.17  ? 5   GLN A NE2 1 
ATOM   33   N  N   . THR A 1 6  ? 10.235  -3.733  13.163  1.00 85.98  ? 6   THR A N   1 
ATOM   34   C  CA  . THR A 1 6  ? 8.815   -3.489  13.006  1.00 84.88  ? 6   THR A CA  1 
ATOM   35   C  C   . THR A 1 6  ? 8.176   -4.657  12.280  1.00 85.12  ? 6   THR A C   1 
ATOM   36   O  O   . THR A 1 6  ? 8.775   -5.226  11.354  1.00 85.43  ? 6   THR A O   1 
ATOM   37   C  CB  . THR A 1 6  ? 8.527   -2.224  12.207  1.00 84.34  ? 6   THR A CB  1 
ATOM   38   O  OG1 . THR A 1 6  ? 7.160   -2.250  11.767  1.00 84.71  ? 6   THR A OG1 1 
ATOM   39   C  CG2 . THR A 1 6  ? 9.436   -2.142  11.013  1.00 83.58  ? 6   THR A CG2 1 
ATOM   40   N  N   . ASP A 1 7  ? 6.960   -5.005  12.714  1.00 84.25  ? 7   ASP A N   1 
ATOM   41   C  CA  . ASP A 1 7  ? 6.182   -6.095  12.133  1.00 82.99  ? 7   ASP A CA  1 
ATOM   42   C  C   . ASP A 1 7  ? 5.226   -5.501  11.131  1.00 80.52  ? 7   ASP A C   1 
ATOM   43   O  O   . ASP A 1 7  ? 4.651   -6.211  10.314  1.00 79.49  ? 7   ASP A O   1 
ATOM   44   C  CB  . ASP A 1 7  ? 5.349   -6.797  13.203  1.00 86.35  ? 7   ASP A CB  1 
ATOM   45   C  CG  . ASP A 1 7  ? 6.166   -7.753  14.054  1.00 90.28  ? 7   ASP A CG  1 
ATOM   46   O  OD1 . ASP A 1 7  ? 7.209   -7.317  14.603  1.00 93.43  ? 7   ASP A OD1 1 
ATOM   47   O  OD2 . ASP A 1 7  ? 5.769   -8.942  14.178  1.00 91.59  ? 7   ASP A OD2 1 
ATOM   48   N  N   . ALA A 1 8  ? 5.074   -4.185  11.186  1.00 77.52  ? 8   ALA A N   1 
ATOM   49   C  CA  . ALA A 1 8  ? 4.129   -3.523  10.307  1.00 76.04  ? 8   ALA A CA  1 
ATOM   50   C  C   . ALA A 1 8  ? 4.676   -2.868  9.075   1.00 74.75  ? 8   ALA A C   1 
ATOM   51   O  O   . ALA A 1 8  ? 5.789   -2.331  9.096   1.00 75.45  ? 8   ALA A O   1 
ATOM   52   C  CB  . ALA A 1 8  ? 3.365   -2.504  11.080  1.00 76.00  ? 8   ALA A CB  1 
ATOM   53   N  N   . ASP A 1 9  ? 3.862   -2.889  8.015   1.00 72.01  ? 9   ASP A N   1 
ATOM   54   C  CA  . ASP A 1 9  ? 4.222   -2.260  6.754   1.00 69.96  ? 9   ASP A CA  1 
ATOM   55   C  C   . ASP A 1 9  ? 4.571   -0.808  7.067   1.00 67.94  ? 9   ASP A C   1 
ATOM   56   O  O   . ASP A 1 9  ? 4.299   -0.324  8.160   1.00 67.01  ? 9   ASP A O   1 
ATOM   57   C  CB  . ASP A 1 9  ? 3.067   -2.344  5.761   1.00 69.87  ? 9   ASP A CB  1 
ATOM   58   C  CG  . ASP A 1 9  ? 2.680   -3.775  5.444   1.00 71.08  ? 9   ASP A CG  1 
ATOM   59   O  OD1 . ASP A 1 9  ? 3.578   -4.612  5.235   1.00 72.08  ? 9   ASP A OD1 1 
ATOM   60   O  OD2 . ASP A 1 9  ? 1.473   -4.070  5.392   1.00 72.07  ? 9   ASP A OD2 1 
ATOM   61   N  N   . PHE A 1 10 ? 5.178   -0.100  6.131   1.00 65.88  ? 10  PHE A N   1 
ATOM   62   C  CA  . PHE A 1 10 ? 5.551   1.258   6.461   1.00 65.72  ? 10  PHE A CA  1 
ATOM   63   C  C   . PHE A 1 10 ? 5.966   2.000   5.214   1.00 65.16  ? 10  PHE A C   1 
ATOM   64   O  O   . PHE A 1 10 ? 5.931   1.443   4.126   1.00 64.24  ? 10  PHE A O   1 
ATOM   65   C  CB  . PHE A 1 10 ? 6.699   1.220   7.473   1.00 65.79  ? 10  PHE A CB  1 
ATOM   66   C  CG  . PHE A 1 10 ? 7.971   0.583   6.922   1.00 66.58  ? 10  PHE A CG  1 
ATOM   67   C  CD1 . PHE A 1 10 ? 8.790   1.281   6.037   1.00 65.87  ? 10  PHE A CD1 1 
ATOM   68   C  CD2 . PHE A 1 10 ? 8.320   -0.732  7.258   1.00 66.51  ? 10  PHE A CD2 1 
ATOM   69   C  CE1 . PHE A 1 10 ? 9.919   0.685   5.499   1.00 67.06  ? 10  PHE A CE1 1 
ATOM   70   C  CE2 . PHE A 1 10 ? 9.461   -1.343  6.717   1.00 66.23  ? 10  PHE A CE2 1 
ATOM   71   C  CZ  . PHE A 1 10 ? 10.256  -0.637  5.844   1.00 67.33  ? 10  PHE A CZ  1 
ATOM   72   N  N   . LEU A 1 11 ? 6.386   3.249   5.377   1.00 65.22  ? 11  LEU A N   1 
ATOM   73   C  CA  . LEU A 1 11 ? 6.779   4.032   4.222   1.00 66.38  ? 11  LEU A CA  1 
ATOM   74   C  C   . LEU A 1 11 ? 8.204   4.547   4.280   1.00 66.52  ? 11  LEU A C   1 
ATOM   75   O  O   . LEU A 1 11 ? 8.783   4.706   5.348   1.00 66.26  ? 11  LEU A O   1 
ATOM   76   C  CB  . LEU A 1 11 ? 5.852   5.238   4.061   1.00 67.41  ? 11  LEU A CB  1 
ATOM   77   C  CG  . LEU A 1 11 ? 4.338   5.056   4.155   1.00 67.89  ? 11  LEU A CG  1 
ATOM   78   C  CD1 . LEU A 1 11 ? 3.710   6.430   4.235   1.00 66.48  ? 11  LEU A CD1 1 
ATOM   79   C  CD2 . LEU A 1 11 ? 3.817   4.248   2.965   1.00 67.38  ? 11  LEU A CD2 1 
ATOM   80   N  N   . LEU A 1 12 ? 8.741   4.814   3.097   1.00 66.46  ? 12  LEU A N   1 
ATOM   81   C  CA  . LEU A 1 12 ? 10.070  5.365   2.925   1.00 67.12  ? 12  LEU A CA  1 
ATOM   82   C  C   . LEU A 1 12 ? 9.851   6.728   2.288   1.00 68.93  ? 12  LEU A C   1 
ATOM   83   O  O   . LEU A 1 12 ? 9.306   6.827   1.194   1.00 69.89  ? 12  LEU A O   1 
ATOM   84   C  CB  . LEU A 1 12 ? 10.908  4.535   1.951   1.00 65.48  ? 12  LEU A CB  1 
ATOM   85   C  CG  . LEU A 1 12 ? 11.439  3.176   2.373   1.00 63.41  ? 12  LEU A CG  1 
ATOM   86   C  CD1 . LEU A 1 12 ? 12.327  2.675   1.288   1.00 61.54  ? 12  LEU A CD1 1 
ATOM   87   C  CD2 . LEU A 1 12 ? 12.187  3.267   3.663   1.00 61.84  ? 12  LEU A CD2 1 
ATOM   88   N  N   . VAL A 1 13 ? 10.287  7.782   2.955   1.00 70.24  ? 13  VAL A N   1 
ATOM   89   C  CA  . VAL A 1 13 ? 10.105  9.106   2.405   1.00 70.34  ? 13  VAL A CA  1 
ATOM   90   C  C   . VAL A 1 13 ? 11.453  9.736   2.235   1.00 70.18  ? 13  VAL A C   1 
ATOM   91   O  O   . VAL A 1 13 ? 12.190  9.847   3.204   1.00 69.90  ? 13  VAL A O   1 
ATOM   92   C  CB  . VAL A 1 13 ? 9.289   9.977   3.351   1.00 71.34  ? 13  VAL A CB  1 
ATOM   93   C  CG1 . VAL A 1 13 ? 8.656   11.095  2.558   1.00 72.18  ? 13  VAL A CG1 1 
ATOM   94   C  CG2 . VAL A 1 13 ? 8.235   9.128   4.092   1.00 71.07  ? 13  VAL A CG2 1 
ATOM   95   N  N   . GLY A 1 14 ? 11.779  10.150  1.018   1.00 70.62  ? 14  GLY A N   1 
ATOM   96   C  CA  . GLY A 1 14 ? 13.072  10.765  0.816   1.00 72.41  ? 14  GLY A CA  1 
ATOM   97   C  C   . GLY A 1 14 ? 13.125  11.565  -0.456  1.00 74.17  ? 14  GLY A C   1 
ATOM   98   O  O   . GLY A 1 14 ? 12.275  11.389  -1.325  1.00 74.14  ? 14  GLY A O   1 
ATOM   99   N  N   . ASP A 1 15 ? 14.128  12.438  -0.570  1.00 76.33  ? 15  ASP A N   1 
ATOM   100  C  CA  . ASP A 1 15 ? 14.284  13.289  -1.748  1.00 78.40  ? 15  ASP A CA  1 
ATOM   101  C  C   . ASP A 1 15 ? 15.019  12.578  -2.859  1.00 78.68  ? 15  ASP A C   1 
ATOM   102  O  O   . ASP A 1 15 ? 15.067  13.054  -3.995  1.00 79.01  ? 15  ASP A O   1 
ATOM   103  C  CB  . ASP A 1 15 ? 15.014  14.587  -1.388  1.00 80.31  ? 15  ASP A CB  1 
ATOM   104  C  CG  . ASP A 1 15 ? 14.250  15.416  -0.351  1.00 82.62  ? 15  ASP A CG  1 
ATOM   105  O  OD1 . ASP A 1 15 ? 12.990  15.282  -0.286  1.00 83.56  ? 15  ASP A OD1 1 
ATOM   106  O  OD2 . ASP A 1 15 ? 14.910  16.203  0.387   1.00 82.90  ? 15  ASP A OD2 1 
ATOM   107  N  N   . ASP A 1 16 ? 15.620  11.444  -2.529  1.00 78.39  ? 16  ASP A N   1 
ATOM   108  C  CA  . ASP A 1 16 ? 16.296  10.685  -3.549  1.00 77.89  ? 16  ASP A CA  1 
ATOM   109  C  C   . ASP A 1 16 ? 15.852  9.265   -3.385  1.00 77.55  ? 16  ASP A C   1 
ATOM   110  O  O   . ASP A 1 16 ? 16.363  8.555   -2.521  1.00 78.73  ? 16  ASP A O   1 
ATOM   111  C  CB  . ASP A 1 16 ? 17.792  10.745  -3.398  1.00 78.03  ? 16  ASP A CB  1 
ATOM   112  C  CG  . ASP A 1 16 ? 18.481  10.027  -4.517  1.00 79.08  ? 16  ASP A CG  1 
ATOM   113  O  OD1 . ASP A 1 16 ? 17.751  9.327   -5.283  1.00 76.67  ? 16  ASP A OD1 1 
ATOM   114  O  OD2 . ASP A 1 16 ? 19.732  10.165  -4.623  1.00 80.23  ? 16  ASP A OD2 1 
ATOM   115  N  N   . THR A 1 17 ? 14.900  8.860   -4.221  1.00 76.53  ? 17  THR A N   1 
ATOM   116  C  CA  . THR A 1 17 ? 14.350  7.519   -4.174  1.00 75.13  ? 17  THR A CA  1 
ATOM   117  C  C   . THR A 1 17 ? 14.865  6.636   -5.294  1.00 75.09  ? 17  THR A C   1 
ATOM   118  O  O   . THR A 1 17 ? 14.392  5.511   -5.458  1.00 74.57  ? 17  THR A O   1 
ATOM   119  C  CB  . THR A 1 17 ? 12.817  7.550   -4.243  1.00 75.02  ? 17  THR A CB  1 
ATOM   120  O  OG1 . THR A 1 17 ? 12.384  8.151   -5.471  1.00 73.79  ? 17  THR A OG1 1 
ATOM   121  C  CG2 . THR A 1 17 ? 12.271  8.329   -3.068  1.00 75.28  ? 17  THR A CG2 1 
ATOM   122  N  N   . SER A 1 18 ? 15.860  7.115   -6.036  1.00 74.98  ? 18  SER A N   1 
ATOM   123  C  CA  . SER A 1 18 ? 16.378  6.338   -7.157  1.00 74.99  ? 18  SER A CA  1 
ATOM   124  C  C   . SER A 1 18 ? 16.910  4.945   -6.860  1.00 75.92  ? 18  SER A C   1 
ATOM   125  O  O   . SER A 1 18 ? 17.057  4.156   -7.792  1.00 76.31  ? 18  SER A O   1 
ATOM   126  C  CB  . SER A 1 18 ? 17.447  7.120   -7.912  1.00 73.52  ? 18  SER A CB  1 
ATOM   127  O  OG  . SER A 1 18 ? 18.495  7.501   -7.058  1.00 73.02  ? 18  SER A OG  1 
ATOM   128  N  N   . ARG A 1 19 ? 17.203  4.624   -5.598  1.00 76.59  ? 19  ARG A N   1 
ATOM   129  C  CA  . ARG A 1 19 ? 17.713  3.284   -5.285  1.00 77.67  ? 19  ARG A CA  1 
ATOM   130  C  C   . ARG A 1 19 ? 16.841  2.477   -4.333  1.00 76.28  ? 19  ARG A C   1 
ATOM   131  O  O   . ARG A 1 19 ? 17.137  1.325   -4.038  1.00 76.19  ? 19  ARG A O   1 
ATOM   132  C  CB  . ARG A 1 19 ? 19.125  3.357   -4.695  1.00 81.41  ? 19  ARG A CB  1 
ATOM   133  C  CG  . ARG A 1 19 ? 20.238  3.505   -5.704  1.00 85.29  ? 19  ARG A CG  1 
ATOM   134  C  CD  . ARG A 1 19 ? 21.587  3.087   -5.117  1.00 90.34  ? 19  ARG A CD  1 
ATOM   135  N  NE  . ARG A 1 19 ? 22.658  3.277   -6.102  1.00 96.48  ? 19  ARG A NE  1 
ATOM   136  C  CZ  . ARG A 1 19 ? 22.739  2.650   -7.289  1.00 99.27  ? 19  ARG A CZ  1 
ATOM   137  N  NH1 . ARG A 1 19 ? 21.810  1.760   -7.655  1.00 100.20 ? 19  ARG A NH1 1 
ATOM   138  N  NH2 . ARG A 1 19 ? 23.728  2.949   -8.144  1.00 100.22 ? 19  ARG A NH2 1 
ATOM   139  N  N   . TYR A 1 20 ? 15.766  3.084   -3.863  1.00 75.07  ? 20  TYR A N   1 
ATOM   140  C  CA  . TYR A 1 20 ? 14.866  2.444   -2.922  1.00 74.21  ? 20  TYR A CA  1 
ATOM   141  C  C   . TYR A 1 20 ? 14.443  1.025   -3.241  1.00 73.71  ? 20  TYR A C   1 
ATOM   142  O  O   . TYR A 1 20 ? 14.603  0.126   -2.423  1.00 72.65  ? 20  TYR A O   1 
ATOM   143  C  CB  . TYR A 1 20 ? 13.620  3.294   -2.766  1.00 74.48  ? 20  TYR A CB  1 
ATOM   144  C  CG  . TYR A 1 20 ? 13.827  4.518   -1.936  1.00 76.55  ? 20  TYR A CG  1 
ATOM   145  C  CD1 . TYR A 1 20 ? 15.048  5.185   -1.921  1.00 77.01  ? 20  TYR A CD1 1 
ATOM   146  C  CD2 . TYR A 1 20 ? 12.787  5.036   -1.179  1.00 79.12  ? 20  TYR A CD2 1 
ATOM   147  C  CE1 . TYR A 1 20 ? 15.227  6.338   -1.179  1.00 78.44  ? 20  TYR A CE1 1 
ATOM   148  C  CE2 . TYR A 1 20 ? 12.951  6.202   -0.425  1.00 80.99  ? 20  TYR A CE2 1 
ATOM   149  C  CZ  . TYR A 1 20 ? 14.175  6.847   -0.432  1.00 80.42  ? 20  TYR A CZ  1 
ATOM   150  O  OH  . TYR A 1 20 ? 14.319  8.006   0.305   1.00 82.06  ? 20  TYR A OH  1 
ATOM   151  N  N   . GLU A 1 21 ? 13.890  0.837   -4.435  1.00 73.79  ? 21  GLU A N   1 
ATOM   152  C  CA  . GLU A 1 21 ? 13.379  -0.460  -4.855  1.00 73.67  ? 21  GLU A CA  1 
ATOM   153  C  C   . GLU A 1 21 ? 14.431  -1.555  -4.850  1.00 72.67  ? 21  GLU A C   1 
ATOM   154  O  O   . GLU A 1 21 ? 14.221  -2.650  -4.320  1.00 72.60  ? 21  GLU A O   1 
ATOM   155  C  CB  . GLU A 1 21 ? 12.763  -0.344  -6.247  1.00 75.12  ? 21  GLU A CB  1 
ATOM   156  C  CG  . GLU A 1 21 ? 11.682  -1.397  -6.483  1.00 79.33  ? 21  GLU A CG  1 
ATOM   157  C  CD  . GLU A 1 21 ? 10.988  -1.281  -7.830  1.00 81.03  ? 21  GLU A CD  1 
ATOM   158  O  OE1 . GLU A 1 21 ? 10.731  -0.129  -8.284  1.00 82.64  ? 21  GLU A OE1 1 
ATOM   159  O  OE2 . GLU A 1 21 ? 10.695  -2.353  -8.416  1.00 80.51  ? 21  GLU A OE2 1 
ATOM   160  N  N   . GLU A 1 22 ? 15.554  -1.225  -5.470  1.00 72.31  ? 22  GLU A N   1 
ATOM   161  C  CA  . GLU A 1 22 ? 16.737  -2.068  -5.609  1.00 70.67  ? 22  GLU A CA  1 
ATOM   162  C  C   . GLU A 1 22 ? 17.306  -2.450  -4.239  1.00 68.14  ? 22  GLU A C   1 
ATOM   163  O  O   . GLU A 1 22 ? 17.603  -3.611  -3.990  1.00 69.12  ? 22  GLU A O   1 
ATOM   164  C  CB  . GLU A 1 22 ? 17.724  -1.274  -6.457  1.00 73.42  ? 22  GLU A CB  1 
ATOM   165  C  CG  . GLU A 1 22 ? 19.173  -1.640  -6.399  1.00 76.71  ? 22  GLU A CG  1 
ATOM   166  C  CD  . GLU A 1 22 ? 20.016  -0.586  -7.141  1.00 79.33  ? 22  GLU A CD  1 
ATOM   167  O  OE1 . GLU A 1 22 ? 19.492  0.554   -7.375  1.00 79.19  ? 22  GLU A OE1 1 
ATOM   168  O  OE2 . GLU A 1 22 ? 21.190  -0.900  -7.472  1.00 80.36  ? 22  GLU A OE2 1 
ATOM   169  N  N   . VAL A 1 23 ? 17.433  -1.480  -3.344  1.00 64.11  ? 23  VAL A N   1 
ATOM   170  C  CA  . VAL A 1 23 ? 17.914  -1.748  -2.004  1.00 60.97  ? 23  VAL A CA  1 
ATOM   171  C  C   . VAL A 1 23 ? 16.950  -2.634  -1.237  1.00 60.66  ? 23  VAL A C   1 
ATOM   172  O  O   . VAL A 1 23 ? 17.380  -3.562  -0.574  1.00 61.42  ? 23  VAL A O   1 
ATOM   173  C  CB  . VAL A 1 23 ? 18.145  -0.422  -1.234  1.00 60.76  ? 23  VAL A CB  1 
ATOM   174  C  CG1 . VAL A 1 23 ? 18.304  -0.648  0.267   1.00 57.76  ? 23  VAL A CG1 1 
ATOM   175  C  CG2 . VAL A 1 23 ? 19.383  0.243   -1.777  1.00 61.23  ? 23  VAL A CG2 1 
HETATM 176  N  N   . MSE A 1 24 ? 15.648  -2.370  -1.316  1.00 60.71  ? 24  MSE A N   1 
HETATM 177  C  CA  . MSE A 1 24 ? 14.679  -3.197  -0.590  1.00 60.58  ? 24  MSE A CA  1 
HETATM 178  C  C   . MSE A 1 24 ? 14.580  -4.648  -1.060  1.00 58.64  ? 24  MSE A C   1 
HETATM 179  O  O   . MSE A 1 24 ? 14.155  -5.515  -0.304  1.00 56.28  ? 24  MSE A O   1 
HETATM 180  C  CB  . MSE A 1 24 ? 13.300  -2.559  -0.612  1.00 63.72  ? 24  MSE A CB  1 
HETATM 181  C  CG  . MSE A 1 24 ? 13.239  -1.248  0.116   1.00 68.04  ? 24  MSE A CG  1 
HETATM 182  SE SE  . MSE A 1 24 ? 13.892  -1.317  1.950   1.00 76.84  ? 24  MSE A SE  1 
HETATM 183  C  CE  . MSE A 1 24 ? 12.290  -1.849  2.916   1.00 68.16  ? 24  MSE A CE  1 
ATOM   184  N  N   . LYS A 1 25 ? 14.961  -4.916  -2.300  1.00 57.42  ? 25  LYS A N   1 
ATOM   185  C  CA  . LYS A 1 25 ? 14.950  -6.286  -2.764  1.00 58.74  ? 25  LYS A CA  1 
ATOM   186  C  C   . LYS A 1 25 ? 15.917  -7.151  -1.938  1.00 59.08  ? 25  LYS A C   1 
ATOM   187  O  O   . LYS A 1 25 ? 15.713  -8.355  -1.828  1.00 61.02  ? 25  LYS A O   1 
ATOM   188  C  CB  . LYS A 1 25 ? 15.385  -6.390  -4.219  1.00 59.53  ? 25  LYS A CB  1 
ATOM   189  C  CG  . LYS A 1 25 ? 14.321  -6.149  -5.241  1.00 64.31  ? 25  LYS A CG  1 
ATOM   190  C  CD  . LYS A 1 25 ? 15.004  -5.978  -6.605  1.00 68.81  ? 25  LYS A CD  1 
ATOM   191  C  CE  . LYS A 1 25 ? 14.181  -5.126  -7.598  1.00 69.04  ? 25  LYS A CE  1 
ATOM   192  N  NZ  . LYS A 1 25 ? 15.113  -4.479  -8.588  1.00 69.82  ? 25  LYS A NZ  1 
ATOM   193  N  N   . THR A 1 26 ? 16.973  -6.578  -1.362  1.00 57.55  ? 26  THR A N   1 
ATOM   194  C  CA  . THR A 1 26 ? 17.898  -7.424  -0.625  1.00 56.62  ? 26  THR A CA  1 
ATOM   195  C  C   . THR A 1 26 ? 17.409  -7.890  0.710   1.00 56.91  ? 26  THR A C   1 
ATOM   196  O  O   . THR A 1 26 ? 18.071  -8.709  1.345   1.00 56.29  ? 26  THR A O   1 
ATOM   197  C  CB  . THR A 1 26 ? 19.252  -6.792  -0.389  1.00 57.28  ? 26  THR A CB  1 
ATOM   198  O  OG1 . THR A 1 26 ? 19.076  -5.567  0.335   1.00 59.51  ? 26  THR A OG1 1 
ATOM   199  C  CG2 . THR A 1 26 ? 19.998  -6.596  -1.708  1.00 53.25  ? 26  THR A CG2 1 
ATOM   200  N  N   . PHE A 1 27 ? 16.262  -7.383  1.152   1.00 57.08  ? 27  PHE A N   1 
ATOM   201  C  CA  . PHE A 1 27 ? 15.704  -7.840  2.427   1.00 57.61  ? 27  PHE A CA  1 
ATOM   202  C  C   . PHE A 1 27 ? 14.579  -8.867  2.208   1.00 59.12  ? 27  PHE A C   1 
ATOM   203  O  O   . PHE A 1 27 ? 13.513  -8.551  1.664   1.00 60.04  ? 27  PHE A O   1 
ATOM   204  C  CB  . PHE A 1 27 ? 15.223  -6.661  3.249   1.00 55.76  ? 27  PHE A CB  1 
ATOM   205  C  CG  . PHE A 1 27 ? 16.298  -5.664  3.552   1.00 54.18  ? 27  PHE A CG  1 
ATOM   206  C  CD1 . PHE A 1 27 ? 16.609  -4.654  2.639   1.00 54.43  ? 27  PHE A CD1 1 
ATOM   207  C  CD2 . PHE A 1 27 ? 17.003  -5.726  4.756   1.00 53.49  ? 27  PHE A CD2 1 
ATOM   208  C  CE1 . PHE A 1 27 ? 17.608  -3.713  2.922   1.00 52.85  ? 27  PHE A CE1 1 
ATOM   209  C  CE2 . PHE A 1 27 ? 18.003  -4.796  5.051   1.00 52.91  ? 27  PHE A CE2 1 
ATOM   210  C  CZ  . PHE A 1 27 ? 18.305  -3.786  4.130   1.00 52.46  ? 27  PHE A CZ  1 
ATOM   211  N  N   . ASP A 1 28 ? 14.862  -10.110 2.610   1.00 60.32  ? 28  ASP A N   1 
ATOM   212  C  CA  . ASP A 1 28 ? 13.955  -11.251 2.453   1.00 60.19  ? 28  ASP A CA  1 
ATOM   213  C  C   . ASP A 1 28 ? 12.678  -11.115 3.285   1.00 60.59  ? 28  ASP A C   1 
ATOM   214  O  O   . ASP A 1 28 ? 11.762  -11.935 3.177   1.00 60.38  ? 28  ASP A O   1 
ATOM   215  C  CB  . ASP A 1 28 ? 14.680  -12.561 2.817   1.00 59.33  ? 28  ASP A CB  1 
ATOM   216  C  CG  . ASP A 1 28 ? 15.111  -12.627 4.302   1.00 60.64  ? 28  ASP A CG  1 
ATOM   217  O  OD1 . ASP A 1 28 ? 14.673  -11.786 5.143   1.00 60.00  ? 28  ASP A OD1 1 
ATOM   218  O  OD2 . ASP A 1 28 ? 15.900  -13.545 4.634   1.00 61.06  ? 28  ASP A OD2 1 
ATOM   219  N  N   . THR A 1 29 ? 12.624  -10.096 4.131   1.00 59.40  ? 29  THR A N   1 
ATOM   220  C  CA  . THR A 1 29 ? 11.438  -9.899  4.917   1.00 59.94  ? 29  THR A CA  1 
ATOM   221  C  C   . THR A 1 29 ? 10.458  -9.012  4.135   1.00 61.55  ? 29  THR A C   1 
ATOM   222  O  O   . THR A 1 29 ? 9.250   -9.044  4.365   1.00 61.73  ? 29  THR A O   1 
ATOM   223  C  CB  . THR A 1 29 ? 11.757  -9.226  6.220   1.00 60.58  ? 29  THR A CB  1 
ATOM   224  O  OG1 . THR A 1 29 ? 12.658  -8.132  5.977   1.00 62.08  ? 29  THR A OG1 1 
ATOM   225  C  CG2 . THR A 1 29 ? 12.342  -10.218 7.195   1.00 59.17  ? 29  THR A CG2 1 
ATOM   226  N  N   . VAL A 1 30 ? 10.979  -8.214  3.211   1.00 61.01  ? 30  VAL A N   1 
ATOM   227  C  CA  . VAL A 1 30 ? 10.135  -7.352  2.404   1.00 59.07  ? 30  VAL A CA  1 
ATOM   228  C  C   . VAL A 1 30 ? 9.477   -8.151  1.302   1.00 60.32  ? 30  VAL A C   1 
ATOM   229  O  O   . VAL A 1 30 ? 10.136  -8.898  0.592   1.00 60.18  ? 30  VAL A O   1 
ATOM   230  C  CB  . VAL A 1 30 ? 10.951  -6.257  1.771   1.00 57.27  ? 30  VAL A CB  1 
ATOM   231  C  CG1 . VAL A 1 30 ? 10.121  -5.503  0.745   1.00 55.58  ? 30  VAL A CG1 1 
ATOM   232  C  CG2 . VAL A 1 30 ? 11.445  -5.357  2.833   1.00 54.95  ? 30  VAL A CG2 1 
ATOM   233  N  N   . GLU A 1 31 ? 8.176   -7.965  1.136   1.00 61.63  ? 31  GLU A N   1 
ATOM   234  C  CA  . GLU A 1 31 ? 7.450   -8.693  0.118   1.00 62.66  ? 31  GLU A CA  1 
ATOM   235  C  C   . GLU A 1 31 ? 7.318   -7.895  -1.156  1.00 61.60  ? 31  GLU A C   1 
ATOM   236  O  O   . GLU A 1 31 ? 7.517   -8.411  -2.254  1.00 60.42  ? 31  GLU A O   1 
ATOM   237  C  CB  . GLU A 1 31 ? 6.090   -9.044  0.644   1.00 66.36  ? 31  GLU A CB  1 
ATOM   238  C  CG  . GLU A 1 31 ? 5.415   -10.097 -0.156  1.00 73.26  ? 31  GLU A CG  1 
ATOM   239  C  CD  . GLU A 1 31 ? 3.969   -10.267 0.283   1.00 78.65  ? 31  GLU A CD  1 
ATOM   240  O  OE1 . GLU A 1 31 ? 3.712   -10.363 1.527   1.00 79.97  ? 31  GLU A OE1 1 
ATOM   241  O  OE2 . GLU A 1 31 ? 3.090   -10.294 -0.627  1.00 81.76  ? 31  GLU A OE2 1 
ATOM   242  N  N   . ALA A 1 32 ? 6.973   -6.629  -1.020  1.00 61.78  ? 32  ALA A N   1 
ATOM   243  C  CA  . ALA A 1 32 ? 6.861   -5.783  -2.199  1.00 62.57  ? 32  ALA A CA  1 
ATOM   244  C  C   . ALA A 1 32 ? 7.086   -4.341  -1.818  1.00 62.94  ? 32  ALA A C   1 
ATOM   245  O  O   . ALA A 1 32 ? 7.084   -3.973  -0.636  1.00 62.63  ? 32  ALA A O   1 
ATOM   246  C  CB  . ALA A 1 32 ? 5.498   -5.943  -2.860  1.00 62.37  ? 32  ALA A CB  1 
ATOM   247  N  N   . VAL A 1 33 ? 7.252   -3.519  -2.836  1.00 63.73  ? 33  VAL A N   1 
ATOM   248  C  CA  . VAL A 1 33 ? 7.499   -2.110  -2.621  1.00 65.36  ? 33  VAL A CA  1 
ATOM   249  C  C   . VAL A 1 33 ? 6.733   -1.340  -3.697  1.00 66.74  ? 33  VAL A C   1 
ATOM   250  O  O   . VAL A 1 33 ? 6.596   -1.838  -4.815  1.00 68.26  ? 33  VAL A O   1 
ATOM   251  C  CB  . VAL A 1 33 ? 9.022   -1.896  -2.664  1.00 64.37  ? 33  VAL A CB  1 
ATOM   252  C  CG1 . VAL A 1 33 ? 9.385   -0.711  -3.482  1.00 64.26  ? 33  VAL A CG1 1 
ATOM   253  C  CG2 . VAL A 1 33 ? 9.530   -1.759  -1.241  1.00 64.05  ? 33  VAL A CG2 1 
ATOM   254  N  N   . ARG A 1 34 ? 6.209   -0.152  -3.388  1.00 67.75  ? 34  ARG A N   1 
ATOM   255  C  CA  . ARG A 1 34 ? 5.434   0.581   -4.409  1.00 68.38  ? 34  ARG A CA  1 
ATOM   256  C  C   . ARG A 1 34 ? 5.537   2.076   -4.257  1.00 68.82  ? 34  ARG A C   1 
ATOM   257  O  O   . ARG A 1 34 ? 5.289   2.584   -3.171  1.00 69.74  ? 34  ARG A O   1 
ATOM   258  C  CB  . ARG A 1 34 ? 3.946   0.204   -4.316  1.00 67.97  ? 34  ARG A CB  1 
ATOM   259  C  CG  . ARG A 1 34 ? 3.219   0.159   -5.637  1.00 68.06  ? 34  ARG A CG  1 
ATOM   260  C  CD  . ARG A 1 34 ? 1.743   -0.184  -5.435  1.00 72.27  ? 34  ARG A CD  1 
ATOM   261  N  NE  . ARG A 1 34 ? 1.045   -0.397  -6.708  1.00 73.19  ? 34  ARG A NE  1 
ATOM   262  C  CZ  . ARG A 1 34 ? 1.385   -1.335  -7.589  1.00 73.75  ? 34  ARG A CZ  1 
ATOM   263  N  NH1 . ARG A 1 34 ? 2.413   -2.143  -7.331  1.00 75.76  ? 34  ARG A NH1 1 
ATOM   264  N  NH2 . ARG A 1 34 ? 0.709   -1.472  -8.722  1.00 72.53  ? 34  ARG A NH2 1 
ATOM   265  N  N   . LYS A 1 35 ? 5.879   2.787   -5.330  1.00 68.95  ? 35  LYS A N   1 
ATOM   266  C  CA  . LYS A 1 35 ? 5.960   4.245   -5.244  1.00 70.32  ? 35  LYS A CA  1 
ATOM   267  C  C   . LYS A 1 35 ? 4.544   4.813   -5.193  1.00 69.76  ? 35  LYS A C   1 
ATOM   268  O  O   . LYS A 1 35 ? 3.670   4.323   -5.879  1.00 69.61  ? 35  LYS A O   1 
ATOM   269  C  CB  . LYS A 1 35 ? 6.701   4.818   -6.454  1.00 72.65  ? 35  LYS A CB  1 
ATOM   270  C  CG  . LYS A 1 35 ? 6.569   3.957   -7.712  1.00 76.95  ? 35  LYS A CG  1 
ATOM   271  C  CD  . LYS A 1 35 ? 7.084   4.701   -8.973  1.00 80.00  ? 35  LYS A CD  1 
ATOM   272  C  CE  . LYS A 1 35 ? 6.841   3.869   -10.263 1.00 80.83  ? 35  LYS A CE  1 
ATOM   273  N  NZ  . LYS A 1 35 ? 7.372   4.544   -11.498 1.00 82.25  ? 35  LYS A NZ  1 
ATOM   274  N  N   . SER A 1 36 ? 4.319   5.847   -4.388  1.00 69.55  ? 36  SER A N   1 
ATOM   275  C  CA  . SER A 1 36 ? 2.998   6.473   -4.263  1.00 69.19  ? 36  SER A CA  1 
ATOM   276  C  C   . SER A 1 36 ? 2.583   7.214   -5.535  1.00 70.12  ? 36  SER A C   1 
ATOM   277  O  O   . SER A 1 36 ? 3.409   7.872   -6.175  1.00 71.63  ? 36  SER A O   1 
ATOM   278  C  CB  . SER A 1 36 ? 3.007   7.466   -3.097  1.00 67.63  ? 36  SER A CB  1 
ATOM   279  O  OG  . SER A 1 36 ? 1.701   7.835   -2.688  1.00 66.04  ? 36  SER A OG  1 
ATOM   280  N  N   . ASP A 1 37 ? 1.313   7.100   -5.919  1.00 70.78  ? 37  ASP A N   1 
ATOM   281  C  CA  . ASP A 1 37 ? 0.806   7.826   -7.101  1.00 70.23  ? 37  ASP A CA  1 
ATOM   282  C  C   . ASP A 1 37 ? 0.650   9.274   -6.671  1.00 68.65  ? 37  ASP A C   1 
ATOM   283  O  O   . ASP A 1 37 ? 0.667   10.166  -7.491  1.00 69.61  ? 37  ASP A O   1 
ATOM   284  C  CB  . ASP A 1 37 ? -0.582  7.326   -7.539  1.00 72.43  ? 37  ASP A CB  1 
ATOM   285  C  CG  . ASP A 1 37 ? -0.536  5.970   -8.241  1.00 75.26  ? 37  ASP A CG  1 
ATOM   286  O  OD1 . ASP A 1 37 ? 0.386   5.764   -9.075  1.00 77.85  ? 37  ASP A OD1 1 
ATOM   287  O  OD2 . ASP A 1 37 ? -1.431  5.125   -7.983  1.00 73.93  ? 37  ASP A OD2 1 
ATOM   288  N  N   . LEU A 1 38 ? 0.496   9.483   -5.371  1.00 66.81  ? 38  LEU A N   1 
ATOM   289  C  CA  . LEU A 1 38 ? 0.318   10.800  -4.794  1.00 66.98  ? 38  LEU A CA  1 
ATOM   290  C  C   . LEU A 1 38 ? 1.559   11.650  -4.583  1.00 69.26  ? 38  LEU A C   1 
ATOM   291  O  O   . LEU A 1 38 ? 1.478   12.873  -4.648  1.00 69.91  ? 38  LEU A O   1 
ATOM   292  C  CB  . LEU A 1 38 ? -0.338  10.692  -3.427  1.00 64.92  ? 38  LEU A CB  1 
ATOM   293  C  CG  . LEU A 1 38 ? -1.705  10.078  -3.329  1.00 62.49  ? 38  LEU A CG  1 
ATOM   294  C  CD1 . LEU A 1 38 ? -2.186  10.171  -1.906  1.00 59.77  ? 38  LEU A CD1 1 
ATOM   295  C  CD2 . LEU A 1 38 ? -2.602  10.808  -4.281  1.00 61.08  ? 38  LEU A CD2 1 
ATOM   296  N  N   . ASP A 1 39 ? 2.699   11.024  -4.298  1.00 71.57  ? 39  ASP A N   1 
ATOM   297  C  CA  . ASP A 1 39 ? 3.909   11.786  -4.006  1.00 72.22  ? 39  ASP A CA  1 
ATOM   298  C  C   . ASP A 1 39 ? 5.176   10.981  -4.288  1.00 72.71  ? 39  ASP A C   1 
ATOM   299  O  O   . ASP A 1 39 ? 5.435   9.955   -3.652  1.00 72.31  ? 39  ASP A O   1 
ATOM   300  C  CB  . ASP A 1 39 ? 3.837   12.216  -2.528  1.00 72.14  ? 39  ASP A CB  1 
ATOM   301  C  CG  . ASP A 1 39 ? 4.916   13.203  -2.135  1.00 72.34  ? 39  ASP A CG  1 
ATOM   302  O  OD1 . ASP A 1 39 ? 4.847   13.709  -0.982  1.00 72.57  ? 39  ASP A OD1 1 
ATOM   303  O  OD2 . ASP A 1 39 ? 5.825   13.462  -2.955  1.00 71.21  ? 39  ASP A OD2 1 
ATOM   304  N  N   . ASP A 1 40 ? 5.958   11.472  -5.243  1.00 74.05  ? 40  ASP A N   1 
ATOM   305  C  CA  . ASP A 1 40 ? 7.216   10.852  -5.666  1.00 75.64  ? 40  ASP A CA  1 
ATOM   306  C  C   . ASP A 1 40 ? 8.240   10.541  -4.570  1.00 75.45  ? 40  ASP A C   1 
ATOM   307  O  O   . ASP A 1 40 ? 9.086   9.651   -4.712  1.00 74.71  ? 40  ASP A O   1 
ATOM   308  C  CB  . ASP A 1 40 ? 7.871   11.721  -6.737  1.00 76.77  ? 40  ASP A CB  1 
ATOM   309  C  CG  . ASP A 1 40 ? 7.342   11.394  -8.121  1.00 80.34  ? 40  ASP A CG  1 
ATOM   310  O  OD1 . ASP A 1 40 ? 6.424   10.531  -8.163  1.00 81.36  ? 40  ASP A OD1 1 
ATOM   311  O  OD2 . ASP A 1 40 ? 7.822   11.972  -9.151  1.00 82.14  ? 40  ASP A OD2 1 
ATOM   312  N  N   . ARG A 1 41 ? 8.157   11.272  -3.472  1.00 75.03  ? 41  ARG A N   1 
ATOM   313  C  CA  . ARG A 1 41 ? 9.077   11.057  -2.384  1.00 74.71  ? 41  ARG A CA  1 
ATOM   314  C  C   . ARG A 1 41 ? 8.624   9.935   -1.478  1.00 72.86  ? 41  ARG A C   1 
ATOM   315  O  O   . ARG A 1 41 ? 9.265   9.685   -0.437  1.00 72.62  ? 41  ARG A O   1 
ATOM   316  C  CB  . ARG A 1 41 ? 9.235   12.348  -1.593  1.00 77.56  ? 41  ARG A CB  1 
ATOM   317  C  CG  . ARG A 1 41 ? 9.789   13.496  -2.442  1.00 80.83  ? 41  ARG A CG  1 
ATOM   318  C  CD  . ARG A 1 41 ? 9.709   14.786  -1.675  1.00 84.03  ? 41  ARG A CD  1 
ATOM   319  N  NE  . ARG A 1 41 ? 8.316   15.066  -1.327  1.00 86.86  ? 41  ARG A NE  1 
ATOM   320  C  CZ  . ARG A 1 41 ? 7.920   16.039  -0.507  1.00 88.23  ? 41  ARG A CZ  1 
ATOM   321  N  NH1 . ARG A 1 41 ? 8.809   16.848  0.070   1.00 89.34  ? 41  ARG A NH1 1 
ATOM   322  N  NH2 . ARG A 1 41 ? 6.626   16.201  -0.266  1.00 88.77  ? 41  ARG A NH2 1 
ATOM   323  N  N   . VAL A 1 42 ? 7.534   9.260   -1.874  1.00 70.05  ? 42  VAL A N   1 
ATOM   324  C  CA  . VAL A 1 42 ? 6.995   8.148   -1.081  1.00 67.52  ? 42  VAL A CA  1 
ATOM   325  C  C   . VAL A 1 42 ? 6.978   6.759   -1.719  1.00 66.09  ? 42  VAL A C   1 
ATOM   326  O  O   . VAL A 1 42 ? 6.703   6.593   -2.899  1.00 65.94  ? 42  VAL A O   1 
ATOM   327  C  CB  . VAL A 1 42 ? 5.561   8.439   -0.581  1.00 66.31  ? 42  VAL A CB  1 
ATOM   328  C  CG1 . VAL A 1 42 ? 5.034   7.273   0.271   1.00 64.48  ? 42  VAL A CG1 1 
ATOM   329  C  CG2 . VAL A 1 42 ? 5.561   9.685   0.253   1.00 66.13  ? 42  VAL A CG2 1 
ATOM   330  N  N   . TYR A 1 43 ? 7.299   5.769   -0.894  1.00 64.61  ? 43  TYR A N   1 
ATOM   331  C  CA  . TYR A 1 43 ? 7.287   4.366   -1.259  1.00 62.33  ? 43  TYR A CA  1 
ATOM   332  C  C   . TYR A 1 43 ? 6.696   3.577   -0.108  1.00 63.68  ? 43  TYR A C   1 
ATOM   333  O  O   . TYR A 1 43 ? 7.048   3.767   1.071   1.00 61.73  ? 43  TYR A O   1 
ATOM   334  C  CB  . TYR A 1 43 ? 8.673   3.842   -1.516  1.00 59.25  ? 43  TYR A CB  1 
ATOM   335  C  CG  . TYR A 1 43 ? 9.100   3.961   -2.925  1.00 56.82  ? 43  TYR A CG  1 
ATOM   336  C  CD1 . TYR A 1 43 ? 9.445   5.193   -3.469  1.00 57.26  ? 43  TYR A CD1 1 
ATOM   337  C  CD2 . TYR A 1 43 ? 9.203   2.835   -3.718  1.00 55.85  ? 43  TYR A CD2 1 
ATOM   338  C  CE1 . TYR A 1 43 ? 9.898   5.295   -4.790  1.00 56.63  ? 43  TYR A CE1 1 
ATOM   339  C  CE2 . TYR A 1 43 ? 9.648   2.916   -5.032  1.00 55.99  ? 43  TYR A CE2 1 
ATOM   340  C  CZ  . TYR A 1 43 ? 9.995   4.145   -5.555  1.00 56.77  ? 43  TYR A CZ  1 
ATOM   341  O  OH  . TYR A 1 43 ? 10.447  4.199   -6.844  1.00 59.02  ? 43  TYR A OH  1 
HETATM 342  N  N   . MSE A 1 44 ? 5.774   2.695   -0.459  1.00 66.49  ? 44  MSE A N   1 
HETATM 343  C  CA  . MSE A 1 44 ? 5.158   1.857   0.530   1.00 68.69  ? 44  MSE A CA  1 
HETATM 344  C  C   . MSE A 1 44 ? 5.976   0.581   0.514   1.00 67.96  ? 44  MSE A C   1 
HETATM 345  O  O   . MSE A 1 44 ? 6.369   0.069   -0.563  1.00 67.52  ? 44  MSE A O   1 
HETATM 346  C  CB  . MSE A 1 44 ? 3.738   1.537   0.133   1.00 75.14  ? 44  MSE A CB  1 
HETATM 347  C  CG  . MSE A 1 44 ? 2.890   2.757   -0.209  1.00 84.74  ? 44  MSE A CG  1 
HETATM 348  SE SE  . MSE A 1 44 ? 1.440   2.329   -1.506  1.00 97.87  ? 44  MSE A SE  1 
HETATM 349  C  CE  . MSE A 1 44 ? 0.338   1.086   -0.374  1.00 91.02  ? 44  MSE A CE  1 
ATOM   350  N  N   . VAL A 1 45 ? 6.253   0.088   1.715   1.00 65.42  ? 45  VAL A N   1 
ATOM   351  C  CA  . VAL A 1 45 ? 6.988   -1.142  1.893   1.00 63.42  ? 45  VAL A CA  1 
ATOM   352  C  C   . VAL A 1 45 ? 6.045   -2.084  2.616   1.00 63.15  ? 45  VAL A C   1 
ATOM   353  O  O   . VAL A 1 45 ? 5.667   -1.848  3.770   1.00 62.03  ? 45  VAL A O   1 
ATOM   354  C  CB  . VAL A 1 45 ? 8.252   -0.911  2.749   1.00 62.67  ? 45  VAL A CB  1 
ATOM   355  C  CG1 . VAL A 1 45 ? 8.986   -2.231  2.982   1.00 59.97  ? 45  VAL A CG1 1 
ATOM   356  C  CG2 . VAL A 1 45 ? 9.138   0.093   2.064   1.00 60.59  ? 45  VAL A CG2 1 
ATOM   357  N  N   . CYS A 1 46 ? 5.651   -3.143  1.919   1.00 63.73  ? 46  CYS A N   1 
ATOM   358  C  CA  . CYS A 1 46 ? 4.744   -4.133  2.496   1.00 64.74  ? 46  CYS A CA  1 
ATOM   359  C  C   . CYS A 1 46 ? 5.615   -5.394  2.810   1.00 64.33  ? 46  CYS A C   1 
ATOM   360  O  O   . CYS A 1 46 ? 6.356   -5.884  1.954   1.00 63.25  ? 46  CYS A O   1 
ATOM   361  C  CB  . CYS A 1 46 ? 3.546   -4.418  1.504   1.00 64.77  ? 46  CYS A CB  1 
ATOM   362  S  SG  . CYS A 1 46 ? 2.975   -3.024  0.290   1.00 64.97  ? 46  CYS A SG  1 
ATOM   363  N  N   . LEU A 1 47 ? 5.537   -5.879  4.050   1.00 64.52  ? 47  LEU A N   1 
ATOM   364  C  CA  . LEU A 1 47 ? 6.299   -7.046  4.529   1.00 66.56  ? 47  LEU A CA  1 
ATOM   365  C  C   . LEU A 1 47 ? 5.700   -8.443  4.294   1.00 68.57  ? 47  LEU A C   1 
ATOM   366  O  O   . LEU A 1 47 ? 4.491   -8.600  4.236   1.00 70.79  ? 47  LEU A O   1 
ATOM   367  C  CB  . LEU A 1 47 ? 6.519   -6.919  6.031   1.00 64.00  ? 47  LEU A CB  1 
ATOM   368  C  CG  . LEU A 1 47 ? 7.013   -5.549  6.465   1.00 64.57  ? 47  LEU A CG  1 
ATOM   369  C  CD1 . LEU A 1 47 ? 7.128   -5.459  7.981   1.00 63.72  ? 47  LEU A CD1 1 
ATOM   370  C  CD2 . LEU A 1 47 ? 8.355   -5.312  5.814   1.00 64.98  ? 47  LEU A CD2 1 
ATOM   371  N  N   . LYS A 1 48 ? 6.547   -9.466  4.176   1.00 69.90  ? 48  LYS A N   1 
ATOM   372  C  CA  . LYS A 1 48 ? 6.060   -10.835 4.024   1.00 70.48  ? 48  LYS A CA  1 
ATOM   373  C  C   . LYS A 1 48 ? 5.346   -11.201 5.338   1.00 72.31  ? 48  LYS A C   1 
ATOM   374  O  O   . LYS A 1 48 ? 5.730   -10.744 6.424   1.00 71.55  ? 48  LYS A O   1 
ATOM   375  C  CB  . LYS A 1 48 ? 7.224   -11.814 3.791   1.00 68.76  ? 48  LYS A CB  1 
ATOM   376  C  CG  . LYS A 1 48 ? 7.759   -11.859 2.359   1.00 69.19  ? 48  LYS A CG  1 
ATOM   377  C  CD  . LYS A 1 48 ? 9.019   -12.747 2.215   1.00 69.48  ? 48  LYS A CD  1 
ATOM   378  C  CE  . LYS A 1 48 ? 9.593   -12.696 0.779   1.00 71.00  ? 48  LYS A CE  1 
ATOM   379  N  NZ  . LYS A 1 48 ? 11.049  -13.121 0.558   1.00 72.19  ? 48  LYS A NZ  1 
ATOM   380  N  N   . GLN A 1 49 ? 4.307   -12.024 5.237   1.00 75.37  ? 49  GLN A N   1 
ATOM   381  C  CA  . GLN A 1 49 ? 3.542   -12.449 6.407   1.00 78.66  ? 49  GLN A CA  1 
ATOM   382  C  C   . GLN A 1 49 ? 4.400   -13.082 7.500   1.00 78.98  ? 49  GLN A C   1 
ATOM   383  O  O   . GLN A 1 49 ? 5.274   -13.906 7.233   1.00 79.70  ? 49  GLN A O   1 
ATOM   384  C  CB  . GLN A 1 49 ? 2.476   -13.443 5.990   1.00 82.01  ? 49  GLN A CB  1 
ATOM   385  C  CG  . GLN A 1 49 ? 1.577   -13.908 7.148   1.00 88.13  ? 49  GLN A CG  1 
ATOM   386  C  CD  . GLN A 1 49 ? 0.830   -15.214 6.815   1.00 90.75  ? 49  GLN A CD  1 
ATOM   387  O  OE1 . GLN A 1 49 ? 1.442   -16.295 6.731   1.00 91.52  ? 49  GLN A OE1 1 
ATOM   388  N  NE2 . GLN A 1 49 ? -0.491  -15.114 6.610   1.00 92.12  ? 49  GLN A NE2 1 
ATOM   389  N  N   . GLY A 1 50 ? 4.141   -12.708 8.745   1.00 79.27  ? 50  GLY A N   1 
ATOM   390  C  CA  . GLY A 1 50 ? 4.924   -13.264 9.836   1.00 77.58  ? 50  GLY A CA  1 
ATOM   391  C  C   . GLY A 1 50 ? 6.265   -12.573 10.012  1.00 77.12  ? 50  GLY A C   1 
ATOM   392  O  O   . GLY A 1 50 ? 6.730   -12.371 11.143  1.00 77.60  ? 50  GLY A O   1 
ATOM   393  N  N   . SER A 1 51 ? 6.878   -12.179 8.898   1.00 75.18  ? 51  SER A N   1 
ATOM   394  C  CA  . SER A 1 51 ? 8.177   -11.534 8.937   1.00 72.94  ? 51  SER A CA  1 
ATOM   395  C  C   . SER A 1 51 ? 8.263   -10.282 9.790   1.00 72.16  ? 51  SER A C   1 
ATOM   396  O  O   . SER A 1 51 ? 7.280   -9.588  10.036  1.00 73.04  ? 51  SER A O   1 
ATOM   397  C  CB  . SER A 1 51 ? 8.609   -11.197 7.526   1.00 72.17  ? 51  SER A CB  1 
ATOM   398  O  OG  . SER A 1 51 ? 8.446   -12.327 6.700   1.00 72.82  ? 51  SER A OG  1 
ATOM   399  N  N   . THR A 1 52 ? 9.465   -9.987  10.238  1.00 71.29  ? 52  THR A N   1 
ATOM   400  C  CA  . THR A 1 52 ? 9.679   -8.805  11.027  1.00 69.68  ? 52  THR A CA  1 
ATOM   401  C  C   . THR A 1 52 ? 10.841  -8.101  10.400  1.00 68.93  ? 52  THR A C   1 
ATOM   402  O  O   . THR A 1 52 ? 11.935  -8.632  10.349  1.00 71.18  ? 52  THR A O   1 
ATOM   403  C  CB  . THR A 1 52 ? 10.010  -9.183  12.444  1.00 69.67  ? 52  THR A CB  1 
ATOM   404  O  OG1 . THR A 1 52 ? 8.928   -9.978  12.946  1.00 70.74  ? 52  THR A OG1 1 
ATOM   405  C  CG2 . THR A 1 52 ? 10.213  -7.933  13.317  1.00 68.63  ? 52  THR A CG2 1 
ATOM   406  N  N   . PHE A 1 53 ? 10.609  -6.910  9.889   1.00 67.95  ? 53  PHE A N   1 
ATOM   407  C  CA  . PHE A 1 53 ? 11.687  -6.179  9.279   1.00 66.34  ? 53  PHE A CA  1 
ATOM   408  C  C   . PHE A 1 53 ? 12.646  -5.733  10.363  1.00 66.50  ? 53  PHE A C   1 
ATOM   409  O  O   . PHE A 1 53 ? 12.244  -5.049  11.301  1.00 66.18  ? 53  PHE A O   1 
ATOM   410  C  CB  . PHE A 1 53 ? 11.152  -4.962  8.558   1.00 64.83  ? 53  PHE A CB  1 
ATOM   411  C  CG  . PHE A 1 53 ? 12.192  -4.231  7.781   1.00 63.52  ? 53  PHE A CG  1 
ATOM   412  C  CD1 . PHE A 1 53 ? 12.639  -4.726  6.562   1.00 61.68  ? 53  PHE A CD1 1 
ATOM   413  C  CD2 . PHE A 1 53 ? 12.740  -3.055  8.269   1.00 63.79  ? 53  PHE A CD2 1 
ATOM   414  C  CE1 . PHE A 1 53 ? 13.615  -4.058  5.836   1.00 60.65  ? 53  PHE A CE1 1 
ATOM   415  C  CE2 . PHE A 1 53 ? 13.728  -2.378  7.541   1.00 63.42  ? 53  PHE A CE2 1 
ATOM   416  C  CZ  . PHE A 1 53 ? 14.162  -2.886  6.321   1.00 61.46  ? 53  PHE A CZ  1 
ATOM   417  N  N   . VAL A 1 54 ? 13.908  -6.143  10.237  1.00 67.28  ? 54  VAL A N   1 
ATOM   418  C  CA  . VAL A 1 54 ? 14.958  -5.771  11.193  1.00 67.23  ? 54  VAL A CA  1 
ATOM   419  C  C   . VAL A 1 54 ? 16.111  -5.210  10.371  1.00 66.46  ? 54  VAL A C   1 
ATOM   420  O  O   . VAL A 1 54 ? 16.457  -5.721  9.299   1.00 65.92  ? 54  VAL A O   1 
ATOM   421  C  CB  . VAL A 1 54 ? 15.432  -6.984  12.003  1.00 67.35  ? 54  VAL A CB  1 
ATOM   422  C  CG1 . VAL A 1 54 ? 14.211  -7.803  12.460  1.00 66.48  ? 54  VAL A CG1 1 
ATOM   423  C  CG2 . VAL A 1 54 ? 16.308  -7.850  11.163  1.00 69.31  ? 54  VAL A CG2 1 
ATOM   424  N  N   . LEU A 1 55 ? 16.677  -4.127  10.859  1.00 66.45  ? 55  LEU A N   1 
ATOM   425  C  CA  . LEU A 1 55 ? 17.757  -3.473  10.175  1.00 67.04  ? 55  LEU A CA  1 
ATOM   426  C  C   . LEU A 1 55 ? 18.726  -3.148  11.279  1.00 68.99  ? 55  LEU A C   1 
ATOM   427  O  O   . LEU A 1 55 ? 18.535  -2.175  12.012  1.00 70.19  ? 55  LEU A O   1 
ATOM   428  C  CB  . LEU A 1 55 ? 17.212  -2.220  9.511   1.00 65.07  ? 55  LEU A CB  1 
ATOM   429  C  CG  . LEU A 1 55 ? 18.139  -1.417  8.619   1.00 64.84  ? 55  LEU A CG  1 
ATOM   430  C  CD1 . LEU A 1 55 ? 18.946  -2.302  7.692   1.00 64.16  ? 55  LEU A CD1 1 
ATOM   431  C  CD2 . LEU A 1 55 ? 17.293  -0.470  7.834   1.00 64.80  ? 55  LEU A CD2 1 
ATOM   432  N  N   . ASN A 1 56 ? 19.754  -3.981  11.398  1.00 70.65  ? 56  ASN A N   1 
ATOM   433  C  CA  . ASN A 1 56 ? 20.765  -3.843  12.440  1.00 72.96  ? 56  ASN A CA  1 
ATOM   434  C  C   . ASN A 1 56 ? 21.455  -2.485  12.541  1.00 72.99  ? 56  ASN A C   1 
ATOM   435  O  O   . ASN A 1 56 ? 21.526  -1.881  13.632  1.00 72.43  ? 56  ASN A O   1 
ATOM   436  C  CB  . ASN A 1 56 ? 21.810  -4.941  12.264  1.00 75.47  ? 56  ASN A CB  1 
ATOM   437  C  CG  . ASN A 1 56 ? 21.833  -5.911  13.433  1.00 77.79  ? 56  ASN A CG  1 
ATOM   438  O  OD1 . ASN A 1 56 ? 22.430  -5.611  14.462  1.00 80.42  ? 56  ASN A OD1 1 
ATOM   439  N  ND2 . ASN A 1 56 ? 21.170  -7.070  13.289  1.00 77.93  ? 56  ASN A ND2 1 
ATOM   440  N  N   . GLY A 1 57 ? 21.959  -2.016  11.403  1.00 72.41  ? 57  GLY A N   1 
ATOM   441  C  CA  . GLY A 1 57 ? 22.649  -0.739  11.370  1.00 73.19  ? 57  GLY A CA  1 
ATOM   442  C  C   . GLY A 1 57 ? 21.737  0.463   11.492  1.00 73.44  ? 57  GLY A C   1 
ATOM   443  O  O   . GLY A 1 57 ? 22.202  1.607   11.387  1.00 73.34  ? 57  GLY A O   1 
ATOM   444  N  N   . GLY A 1 58 ? 20.447  0.191   11.707  1.00 73.44  ? 58  GLY A N   1 
ATOM   445  C  CA  . GLY A 1 58 ? 19.447  1.239   11.832  1.00 74.24  ? 58  GLY A CA  1 
ATOM   446  C  C   . GLY A 1 58 ? 19.178  2.057   10.568  1.00 74.73  ? 58  GLY A C   1 
ATOM   447  O  O   . GLY A 1 58 ? 19.570  1.695   9.453   1.00 73.52  ? 58  GLY A O   1 
ATOM   448  N  N   . ILE A 1 59 ? 18.522  3.193   10.757  1.00 74.84  ? 59  ILE A N   1 
ATOM   449  C  CA  . ILE A 1 59 ? 18.159  4.069   9.659   1.00 76.02  ? 59  ILE A CA  1 
ATOM   450  C  C   . ILE A 1 59 ? 19.359  4.634   8.919   1.00 76.48  ? 59  ILE A C   1 
ATOM   451  O  O   . ILE A 1 59 ? 19.323  4.825   7.700   1.00 76.28  ? 59  ILE A O   1 
ATOM   452  C  CB  . ILE A 1 59 ? 17.269  5.258   10.148  1.00 76.37  ? 59  ILE A CB  1 
ATOM   453  C  CG1 . ILE A 1 59 ? 16.157  4.754   11.081  1.00 78.79  ? 59  ILE A CG1 1 
ATOM   454  C  CG2 . ILE A 1 59 ? 16.566  5.913   8.959   1.00 73.85  ? 59  ILE A CG2 1 
ATOM   455  C  CD1 . ILE A 1 59 ? 16.631  4.051   12.407  1.00 81.34  ? 59  ILE A CD1 1 
ATOM   456  N  N   . GLU A 1 60 ? 20.434  4.913   9.638   1.00 77.89  ? 60  GLU A N   1 
ATOM   457  C  CA  . GLU A 1 60 ? 21.612  5.488   8.978   1.00 79.73  ? 60  GLU A CA  1 
ATOM   458  C  C   . GLU A 1 60 ? 22.150  4.472   7.992   1.00 78.36  ? 60  GLU A C   1 
ATOM   459  O  O   . GLU A 1 60 ? 22.666  4.825   6.920   1.00 77.01  ? 60  GLU A O   1 
ATOM   460  C  CB  . GLU A 1 60 ? 22.695  5.863   9.988   1.00 82.48  ? 60  GLU A CB  1 
ATOM   461  C  CG  . GLU A 1 60 ? 22.185  6.617   11.223  1.00 88.21  ? 60  GLU A CG  1 
ATOM   462  C  CD  . GLU A 1 60 ? 21.406  5.704   12.219  1.00 92.31  ? 60  GLU A CD  1 
ATOM   463  O  OE1 . GLU A 1 60 ? 21.125  6.166   13.359  1.00 94.50  ? 60  GLU A OE1 1 
ATOM   464  O  OE2 . GLU A 1 60 ? 21.067  4.535   11.864  1.00 93.09  ? 60  GLU A OE2 1 
ATOM   465  N  N   . GLU A 1 61 ? 22.010  3.203   8.369   1.00 77.33  ? 61  GLU A N   1 
ATOM   466  C  CA  . GLU A 1 61 ? 22.423  2.104   7.513   1.00 76.44  ? 61  GLU A CA  1 
ATOM   467  C  C   . GLU A 1 61 ? 21.627  2.109   6.203   1.00 75.81  ? 61  GLU A C   1 
ATOM   468  O  O   . GLU A 1 61 ? 22.174  1.883   5.118   1.00 75.36  ? 61  GLU A O   1 
ATOM   469  C  CB  . GLU A 1 61 ? 22.196  0.785   8.211   1.00 76.50  ? 61  GLU A CB  1 
ATOM   470  C  CG  . GLU A 1 61 ? 22.123  -0.311  7.214   1.00 80.14  ? 61  GLU A CG  1 
ATOM   471  C  CD  . GLU A 1 61 ? 22.657  -1.616  7.729   1.00 83.18  ? 61  GLU A CD  1 
ATOM   472  O  OE1 . GLU A 1 61 ? 22.119  -2.149  8.740   1.00 85.30  ? 61  GLU A OE1 1 
ATOM   473  O  OE2 . GLU A 1 61 ? 23.623  -2.106  7.100   1.00 84.28  ? 61  GLU A OE2 1 
ATOM   474  N  N   . LEU A 1 62 ? 20.326  2.360   6.318   1.00 74.67  ? 62  LEU A N   1 
ATOM   475  C  CA  . LEU A 1 62 ? 19.457  2.408   5.161   1.00 73.84  ? 62  LEU A CA  1 
ATOM   476  C  C   . LEU A 1 62 ? 19.791  3.642   4.351   1.00 73.85  ? 62  LEU A C   1 
ATOM   477  O  O   . LEU A 1 62 ? 19.846  3.582   3.124   1.00 74.02  ? 62  LEU A O   1 
ATOM   478  C  CB  . LEU A 1 62 ? 18.000  2.454   5.605   1.00 74.34  ? 62  LEU A CB  1 
ATOM   479  C  CG  . LEU A 1 62 ? 16.891  2.067   4.634   1.00 72.71  ? 62  LEU A CG  1 
ATOM   480  C  CD1 . LEU A 1 62 ? 17.312  0.918   3.782   1.00 73.48  ? 62  LEU A CD1 1 
ATOM   481  C  CD2 . LEU A 1 62 ? 15.705  1.659   5.431   1.00 71.65  ? 62  LEU A CD2 1 
ATOM   482  N  N   . ARG A 1 63 ? 20.032  4.763   5.031   1.00 73.51  ? 63  ARG A N   1 
ATOM   483  C  CA  . ARG A 1 63 ? 20.356  5.998   4.314   1.00 72.62  ? 63  ARG A CA  1 
ATOM   484  C  C   . ARG A 1 63 ? 21.605  5.776   3.488   1.00 71.08  ? 63  ARG A C   1 
ATOM   485  O  O   . ARG A 1 63 ? 21.735  6.223   2.341   1.00 68.82  ? 63  ARG A O   1 
ATOM   486  C  CB  . ARG A 1 63 ? 20.620  7.121   5.292   1.00 73.94  ? 63  ARG A CB  1 
ATOM   487  C  CG  . ARG A 1 63 ? 19.439  7.556   6.084   1.00 76.39  ? 63  ARG A CG  1 
ATOM   488  C  CD  . ARG A 1 63 ? 19.624  9.024   6.435   1.00 79.60  ? 63  ARG A CD  1 
ATOM   489  N  NE  . ARG A 1 63 ? 18.521  9.596   7.202   1.00 81.73  ? 63  ARG A NE  1 
ATOM   490  C  CZ  . ARG A 1 63 ? 18.039  9.074   8.327   1.00 83.34  ? 63  ARG A CZ  1 
ATOM   491  N  NH1 . ARG A 1 63 ? 18.567  7.956   8.822   1.00 83.66  ? 63  ARG A NH1 1 
ATOM   492  N  NH2 . ARG A 1 63 ? 17.026  9.668   8.955   1.00 84.10  ? 63  ARG A NH2 1 
ATOM   493  N  N   . LEU A 1 64 ? 22.531  5.063   4.109   1.00 70.09  ? 64  LEU A N   1 
ATOM   494  C  CA  . LEU A 1 64 ? 23.793  4.761   3.482   1.00 69.20  ? 64  LEU A CA  1 
ATOM   495  C  C   . LEU A 1 64 ? 23.641  3.870   2.263   1.00 68.22  ? 64  LEU A C   1 
ATOM   496  O  O   . LEU A 1 64 ? 24.276  4.110   1.245   1.00 67.23  ? 64  LEU A O   1 
ATOM   497  C  CB  . LEU A 1 64 ? 24.705  4.111   4.505   1.00 70.06  ? 64  LEU A CB  1 
ATOM   498  C  CG  . LEU A 1 64 ? 26.098  3.799   3.986   1.00 69.83  ? 64  LEU A CG  1 
ATOM   499  C  CD1 . LEU A 1 64 ? 26.656  4.987   3.190   1.00 68.28  ? 64  LEU A CD1 1 
ATOM   500  C  CD2 . LEU A 1 64 ? 26.954  3.426   5.183   1.00 69.63  ? 64  LEU A CD2 1 
ATOM   501  N  N   . LEU A 1 65 ? 22.810  2.839   2.387   1.00 67.57  ? 65  LEU A N   1 
ATOM   502  C  CA  . LEU A 1 65 ? 22.543  1.904   1.300   1.00 67.63  ? 65  LEU A CA  1 
ATOM   503  C  C   . LEU A 1 65 ? 21.836  2.611   0.156   1.00 67.58  ? 65  LEU A C   1 
ATOM   504  O  O   . LEU A 1 65 ? 22.090  2.360   -1.020  1.00 65.65  ? 65  LEU A O   1 
ATOM   505  C  CB  . LEU A 1 65 ? 21.634  0.803   1.811   1.00 68.27  ? 65  LEU A CB  1 
ATOM   506  C  CG  . LEU A 1 65 ? 22.275  -0.483  2.293   1.00 68.75  ? 65  LEU A CG  1 
ATOM   507  C  CD1 . LEU A 1 65 ? 21.214  -1.323  2.969   1.00 67.63  ? 65  LEU A CD1 1 
ATOM   508  C  CD2 . LEU A 1 65 ? 22.902  -1.219  1.109   1.00 68.51  ? 65  LEU A CD2 1 
ATOM   509  N  N   . THR A 1 66 ? 20.920  3.486   0.556   1.00 69.20  ? 66  THR A N   1 
ATOM   510  C  CA  . THR A 1 66 ? 20.088  4.286   -0.331  1.00 71.01  ? 66  THR A CA  1 
ATOM   511  C  C   . THR A 1 66 ? 20.854  5.286   -1.170  1.00 72.71  ? 66  THR A C   1 
ATOM   512  O  O   . THR A 1 66 ? 20.612  5.429   -2.376  1.00 72.49  ? 66  THR A O   1 
ATOM   513  C  CB  . THR A 1 66 ? 19.156  5.167   0.438   1.00 70.44  ? 66  THR A CB  1 
ATOM   514  O  OG1 . THR A 1 66 ? 18.512  4.432   1.465   1.00 70.15  ? 66  THR A OG1 1 
ATOM   515  C  CG2 . THR A 1 66 ? 18.155  5.751   -0.504  1.00 73.41  ? 66  THR A CG2 1 
ATOM   516  N  N   . GLY A 1 67 ? 21.735  6.018   -0.484  1.00 74.13  ? 67  GLY A N   1 
ATOM   517  C  CA  . GLY A 1 67 ? 22.513  7.058   -1.120  1.00 75.22  ? 67  GLY A CA  1 
ATOM   518  C  C   . GLY A 1 67 ? 21.705  8.327   -0.968  1.00 76.74  ? 67  GLY A C   1 
ATOM   519  O  O   . GLY A 1 67 ? 21.805  9.250   -1.779  1.00 77.35  ? 67  GLY A O   1 
ATOM   520  N  N   . ASP A 1 68 ? 20.902  8.360   0.092   1.00 78.29  ? 68  ASP A N   1 
ATOM   521  C  CA  . ASP A 1 68 ? 20.010  9.479   0.396   1.00 79.74  ? 68  ASP A CA  1 
ATOM   522  C  C   . ASP A 1 68 ? 19.963  9.716   1.902   1.00 79.98  ? 68  ASP A C   1 
ATOM   523  O  O   . ASP A 1 68 ? 19.422  8.895   2.659   1.00 80.02  ? 68  ASP A O   1 
ATOM   524  C  CB  . ASP A 1 68 ? 18.598  9.151   -0.110  1.00 81.60  ? 68  ASP A CB  1 
ATOM   525  C  CG  . ASP A 1 68 ? 17.580  10.197  0.279   1.00 82.36  ? 68  ASP A CG  1 
ATOM   526  O  OD1 . ASP A 1 68 ? 16.372  9.885   0.220   1.00 81.28  ? 68  ASP A OD1 1 
ATOM   527  O  OD2 . ASP A 1 68 ? 17.998  11.326  0.631   1.00 83.92  ? 68  ASP A OD2 1 
ATOM   528  N  N   . SER A 1 69 ? 20.520  10.837  2.342   1.00 80.46  ? 69  SER A N   1 
ATOM   529  C  CA  . SER A 1 69 ? 20.548  11.145  3.779   1.00 80.57  ? 69  SER A CA  1 
ATOM   530  C  C   . SER A 1 69 ? 19.219  11.682  4.271   1.00 80.18  ? 69  SER A C   1 
ATOM   531  O  O   . SER A 1 69 ? 18.961  11.718  5.482   1.00 79.64  ? 69  SER A O   1 
ATOM   532  C  CB  . SER A 1 69 ? 21.639  12.169  4.070   1.00 80.25  ? 69  SER A CB  1 
ATOM   533  O  OG  . SER A 1 69 ? 21.679  13.120  3.020   1.00 81.40  ? 69  SER A OG  1 
ATOM   534  N  N   . THR A 1 70 ? 18.386  12.097  3.316   1.00 79.68  ? 70  THR A N   1 
ATOM   535  C  CA  . THR A 1 70 ? 17.076  12.662  3.610   1.00 79.09  ? 70  THR A CA  1 
ATOM   536  C  C   . THR A 1 70 ? 16.103  11.564  4.015   1.00 79.52  ? 70  THR A C   1 
ATOM   537  O  O   . THR A 1 70 ? 15.193  11.796  4.803   1.00 79.51  ? 70  THR A O   1 
ATOM   538  C  CB  . THR A 1 70 ? 16.488  13.375  2.391   1.00 78.26  ? 70  THR A CB  1 
ATOM   539  O  OG1 . THR A 1 70 ? 15.640  12.461  1.688   1.00 77.78  ? 70  THR A OG1 1 
ATOM   540  C  CG2 . THR A 1 70 ? 17.591  13.852  1.452   1.00 76.64  ? 70  THR A CG2 1 
ATOM   541  N  N   . LEU A 1 71 ? 16.301  10.370  3.465   1.00 79.69  ? 71  LEU A N   1 
ATOM   542  C  CA  . LEU A 1 71 ? 15.443  9.232   3.756   1.00 79.88  ? 71  LEU A CA  1 
ATOM   543  C  C   . LEU A 1 71 ? 14.908  9.186   5.188   1.00 81.11  ? 71  LEU A C   1 
ATOM   544  O  O   . LEU A 1 71 ? 15.608  9.504   6.143   1.00 81.06  ? 71  LEU A O   1 
ATOM   545  C  CB  . LEU A 1 71 ? 16.179  7.933   3.434   1.00 79.25  ? 71  LEU A CB  1 
ATOM   546  C  CG  . LEU A 1 71 ? 15.448  6.623   3.733   1.00 77.86  ? 71  LEU A CG  1 
ATOM   547  C  CD1 . LEU A 1 71 ? 16.026  5.521   2.870   1.00 76.88  ? 71  LEU A CD1 1 
ATOM   548  C  CD2 . LEU A 1 71 ? 15.574  6.284   5.210   1.00 77.90  ? 71  LEU A CD2 1 
ATOM   549  N  N   . GLU A 1 72 ? 13.656  8.764   5.326   1.00 82.65  ? 72  GLU A N   1 
ATOM   550  C  CA  . GLU A 1 72 ? 13.027  8.680   6.629   1.00 83.61  ? 72  GLU A CA  1 
ATOM   551  C  C   . GLU A 1 72 ? 12.020  7.541   6.595   1.00 82.67  ? 72  GLU A C   1 
ATOM   552  O  O   . GLU A 1 72 ? 11.394  7.292   5.575   1.00 82.58  ? 72  GLU A O   1 
ATOM   553  C  CB  . GLU A 1 72 ? 12.328  9.994   6.913   1.00 86.29  ? 72  GLU A CB  1 
ATOM   554  C  CG  . GLU A 1 72 ? 12.390  10.448  8.345   1.00 90.91  ? 72  GLU A CG  1 
ATOM   555  C  CD  . GLU A 1 72 ? 11.759  11.834  8.525   1.00 94.17  ? 72  GLU A CD  1 
ATOM   556  O  OE1 . GLU A 1 72 ? 10.502  11.956  8.445   1.00 94.40  ? 72  GLU A OE1 1 
ATOM   557  O  OE2 . GLU A 1 72 ? 12.531  12.806  8.737   1.00 96.48  ? 72  GLU A OE2 1 
ATOM   558  N  N   . ILE A 1 73 ? 11.874  6.831   7.699   1.00 82.03  ? 73  ILE A N   1 
ATOM   559  C  CA  . ILE A 1 73 ? 10.928  5.731   7.728   1.00 82.70  ? 73  ILE A CA  1 
ATOM   560  C  C   . ILE A 1 73 ? 9.746   6.165   8.565   1.00 84.24  ? 73  ILE A C   1 
ATOM   561  O  O   . ILE A 1 73 ? 9.902   6.454   9.752   1.00 85.14  ? 73  ILE A O   1 
ATOM   562  C  CB  . ILE A 1 73 ? 11.541  4.459   8.351   1.00 81.47  ? 73  ILE A CB  1 
ATOM   563  C  CG1 . ILE A 1 73 ? 12.685  3.957   7.476   1.00 80.30  ? 73  ILE A CG1 1 
ATOM   564  C  CG2 . ILE A 1 73 ? 10.476  3.378   8.503   1.00 80.70  ? 73  ILE A CG2 1 
ATOM   565  C  CD1 . ILE A 1 73 ? 13.531  2.901   8.142   1.00 80.28  ? 73  ILE A CD1 1 
ATOM   566  N  N   . GLN A 1 74 ? 8.565   6.213   7.949   1.00 85.17  ? 74  GLN A N   1 
ATOM   567  C  CA  . GLN A 1 74 ? 7.357   6.638   8.650   1.00 84.63  ? 74  GLN A CA  1 
ATOM   568  C  C   . GLN A 1 74 ? 6.271   5.583   8.530   1.00 83.75  ? 74  GLN A C   1 
ATOM   569  O  O   . GLN A 1 74 ? 6.314   4.731   7.622   1.00 83.88  ? 74  GLN A O   1 
ATOM   570  C  CB  . GLN A 1 74 ? 6.853   7.945   8.054   1.00 85.30  ? 74  GLN A CB  1 
ATOM   571  C  CG  . GLN A 1 74 ? 7.880   9.034   8.045   1.00 88.46  ? 74  GLN A CG  1 
ATOM   572  C  CD  . GLN A 1 74 ? 7.397   10.239  7.271   1.00 91.78  ? 74  GLN A CD  1 
ATOM   573  O  OE1 . GLN A 1 74 ? 6.259   10.688  7.462   1.00 93.50  ? 74  GLN A OE1 1 
ATOM   574  N  NE2 . GLN A 1 74 ? 8.252   10.782  6.396   1.00 92.01  ? 74  GLN A NE2 1 
ATOM   575  N  N   . PRO A 1 75 ? 5.297   5.607   9.461   1.00 82.25  ? 75  PRO A N   1 
ATOM   576  C  CA  . PRO A 1 75 ? 4.188   4.647   9.445   1.00 81.44  ? 75  PRO A CA  1 
ATOM   577  C  C   . PRO A 1 75 ? 3.241   4.944   8.298   1.00 81.20  ? 75  PRO A C   1 
ATOM   578  O  O   . PRO A 1 75 ? 3.278   6.029   7.703   1.00 80.67  ? 75  PRO A O   1 
ATOM   579  C  CB  . PRO A 1 75 ? 3.527   4.845   10.810  1.00 81.02  ? 75  PRO A CB  1 
ATOM   580  C  CG  . PRO A 1 75 ? 3.905   6.228   11.191  1.00 79.97  ? 75  PRO A CG  1 
ATOM   581  C  CD  . PRO A 1 75 ? 5.328   6.338   10.738  1.00 81.41  ? 75  PRO A CD  1 
HETATM 582  N  N   . MSE A 1 76 ? 2.408   3.974   7.953   1.00 81.13  ? 76  MSE A N   1 
HETATM 583  C  CA  . MSE A 1 76 ? 1.469   4.226   6.883   1.00 81.22  ? 76  MSE A CA  1 
HETATM 584  C  C   . MSE A 1 76 ? 0.312   4.959   7.509   1.00 79.66  ? 76  MSE A C   1 
HETATM 585  O  O   . MSE A 1 76 ? 0.057   4.842   8.705   1.00 79.55  ? 76  MSE A O   1 
HETATM 586  C  CB  . MSE A 1 76 ? 1.013   2.932   6.230   1.00 82.98  ? 76  MSE A CB  1 
HETATM 587  C  CG  . MSE A 1 76 ? 2.049   2.410   5.282   1.00 85.80  ? 76  MSE A CG  1 
HETATM 588  SE SE  . MSE A 1 76 ? 1.398   1.018   4.093   1.00 91.41  ? 76  MSE A SE  1 
HETATM 589  C  CE  . MSE A 1 76 ? 0.410   -0.062  5.446   1.00 90.50  ? 76  MSE A CE  1 
ATOM   590  N  N   . ILE A 1 77 ? -0.381  5.739   6.704   1.00 78.02  ? 77  ILE A N   1 
ATOM   591  C  CA  . ILE A 1 77 ? -1.485  6.494   7.235   1.00 75.47  ? 77  ILE A CA  1 
ATOM   592  C  C   . ILE A 1 77 ? -2.756  6.049   6.557   1.00 72.94  ? 77  ILE A C   1 
ATOM   593  O  O   . ILE A 1 77 ? -2.748  5.746   5.367   1.00 71.83  ? 77  ILE A O   1 
ATOM   594  C  CB  . ILE A 1 77 ? -1.307  8.021   6.970   1.00 75.65  ? 77  ILE A CB  1 
ATOM   595  C  CG1 . ILE A 1 77 ? 0.163   8.374   6.821   1.00 74.76  ? 77  ILE A CG1 1 
ATOM   596  C  CG2 . ILE A 1 77 ? -1.831  8.820   8.143   1.00 76.74  ? 77  ILE A CG2 1 
ATOM   597  C  CD1 . ILE A 1 77 ? 0.368   9.779   6.351   1.00 74.55  ? 77  ILE A CD1 1 
ATOM   598  N  N   . VAL A 1 78 ? -3.833  5.996   7.331   1.00 71.01  ? 78  VAL A N   1 
ATOM   599  C  CA  . VAL A 1 78 ? -5.142  5.675   6.795   1.00 69.61  ? 78  VAL A CA  1 
ATOM   600  C  C   . VAL A 1 78 ? -6.019  6.887   7.115   1.00 69.40  ? 78  VAL A C   1 
ATOM   601  O  O   . VAL A 1 78 ? -5.871  7.506   8.163   1.00 68.95  ? 78  VAL A O   1 
ATOM   602  C  CB  . VAL A 1 78 ? -5.719  4.401   7.407   1.00 68.41  ? 78  VAL A CB  1 
ATOM   603  C  CG1 . VAL A 1 78 ? -5.056  3.233   6.778   1.00 67.48  ? 78  VAL A CG1 1 
ATOM   604  C  CG2 . VAL A 1 78 ? -5.516  4.377   8.899   1.00 68.65  ? 78  VAL A CG2 1 
ATOM   605  N  N   . PRO A 1 79 ? -6.915  7.269   6.192   1.00 69.79  ? 79  PRO A N   1 
ATOM   606  C  CA  . PRO A 1 79 ? -7.766  8.429   6.459   1.00 70.14  ? 79  PRO A CA  1 
ATOM   607  C  C   . PRO A 1 79 ? -8.797  8.187   7.543   1.00 70.02  ? 79  PRO A C   1 
ATOM   608  O  O   . PRO A 1 79 ? -9.589  9.072   7.844   1.00 70.07  ? 79  PRO A O   1 
ATOM   609  C  CB  . PRO A 1 79 ? -8.421  8.681   5.115   1.00 69.72  ? 79  PRO A CB  1 
ATOM   610  C  CG  . PRO A 1 79 ? -8.639  7.284   4.624   1.00 69.68  ? 79  PRO A CG  1 
ATOM   611  C  CD  . PRO A 1 79 ? -7.294  6.634   4.917   1.00 68.90  ? 79  PRO A CD  1 
ATOM   612  N  N   . THR A 1 80 ? -8.786  7.008   8.145   1.00 70.38  ? 80  THR A N   1 
ATOM   613  C  CA  . THR A 1 80 ? -9.779  6.714   9.163   1.00 72.73  ? 80  THR A CA  1 
ATOM   614  C  C   . THR A 1 80 ? -9.272  6.763   10.605  1.00 73.66  ? 80  THR A C   1 
ATOM   615  O  O   . THR A 1 80 ? -10.002 6.447   11.537  1.00 73.85  ? 80  THR A O   1 
ATOM   616  C  CB  . THR A 1 80 ? -10.375 5.361   8.883   1.00 72.90  ? 80  THR A CB  1 
ATOM   617  O  OG1 . THR A 1 80 ? -9.322  4.405   8.909   1.00 75.00  ? 80  THR A OG1 1 
ATOM   618  C  CG2 . THR A 1 80 ? -11.001 5.323   7.490   1.00 72.21  ? 80  THR A CG2 1 
ATOM   619  N  N   . THR A 1 81 ? -8.023  7.182   10.776  1.00 75.76  ? 81  THR A N   1 
ATOM   620  C  CA  . THR A 1 81 ? -7.384  7.281   12.088  1.00 77.55  ? 81  THR A CA  1 
ATOM   621  C  C   . THR A 1 81 ? -6.451  8.510   12.104  1.00 78.18  ? 81  THR A C   1 
ATOM   622  O  O   . THR A 1 81 ? -5.693  8.703   13.097  1.00 79.47  ? 81  THR A O   1 
ATOM   623  C  CB  . THR A 1 81 ? -6.534  5.996   12.394  1.00 78.86  ? 81  THR A CB  1 
ATOM   624  O  OG1 . THR A 1 81 ? -7.354  4.819   12.262  1.00 77.68  ? 81  THR A OG1 1 
ATOM   625  C  CG2 . THR A 1 81 ? -5.950  6.059   13.825  1.00 79.64  ? 81  THR A CG2 1 
ATOM   626  N  N   . ALA B 1 2  ? -23.525 5.363   -11.841 1.00 50.90  ? 2   ALA B N   1 
ATOM   627  C  CA  . ALA B 1 2  ? -22.688 5.865   -12.963 1.00 51.09  ? 2   ALA B CA  1 
ATOM   628  C  C   . ALA B 1 2  ? -21.401 5.064   -13.044 1.00 51.15  ? 2   ALA B C   1 
ATOM   629  O  O   . ALA B 1 2  ? -21.005 4.436   -12.081 1.00 51.87  ? 2   ALA B O   1 
ATOM   630  C  CB  . ALA B 1 2  ? -22.380 7.328   -12.746 1.00 50.44  ? 2   ALA B CB  1 
ATOM   631  N  N   . THR B 1 3  ? -20.730 5.090   -14.183 1.00 51.73  ? 3   THR B N   1 
ATOM   632  C  CA  . THR B 1 3  ? -19.504 4.317   -14.304 1.00 52.07  ? 3   THR B CA  1 
ATOM   633  C  C   . THR B 1 3  ? -18.429 4.838   -13.368 1.00 50.93  ? 3   THR B C   1 
ATOM   634  O  O   . THR B 1 3  ? -18.372 6.018   -13.095 1.00 50.16  ? 3   THR B O   1 
ATOM   635  C  CB  . THR B 1 3  ? -18.972 4.342   -15.738 1.00 52.28  ? 3   THR B CB  1 
ATOM   636  O  OG1 . THR B 1 3  ? -19.936 3.742   -16.598 1.00 53.18  ? 3   THR B OG1 1 
ATOM   637  C  CG2 . THR B 1 3  ? -17.682 3.558   -15.842 1.00 51.68  ? 3   THR B CG2 1 
ATOM   638  N  N   . PHE B 1 4  ? -17.606 3.931   -12.861 1.00 50.78  ? 4   PHE B N   1 
ATOM   639  C  CA  . PHE B 1 4  ? -16.527 4.278   -11.967 1.00 51.67  ? 4   PHE B CA  1 
ATOM   640  C  C   . PHE B 1 4  ? -15.258 3.890   -12.693 1.00 54.77  ? 4   PHE B C   1 
ATOM   641  O  O   . PHE B 1 4  ? -15.185 2.816   -13.296 1.00 55.48  ? 4   PHE B O   1 
ATOM   642  C  CB  . PHE B 1 4  ? -16.608 3.500   -10.661 1.00 48.03  ? 4   PHE B CB  1 
ATOM   643  C  CG  . PHE B 1 4  ? -15.519 3.850   -9.700  1.00 47.64  ? 4   PHE B CG  1 
ATOM   644  C  CD1 . PHE B 1 4  ? -15.694 4.855   -8.770  1.00 45.68  ? 4   PHE B CD1 1 
ATOM   645  C  CD2 . PHE B 1 4  ? -14.273 3.207   -9.759  1.00 47.04  ? 4   PHE B CD2 1 
ATOM   646  C  CE1 . PHE B 1 4  ? -14.647 5.224   -7.916  1.00 45.17  ? 4   PHE B CE1 1 
ATOM   647  C  CE2 . PHE B 1 4  ? -13.230 3.574   -8.906  1.00 45.19  ? 4   PHE B CE2 1 
ATOM   648  C  CZ  . PHE B 1 4  ? -13.417 4.581   -7.989  1.00 44.52  ? 4   PHE B CZ  1 
ATOM   649  N  N   . GLN B 1 5  ? -14.261 4.772   -12.628 1.00 56.91  ? 5   GLN B N   1 
ATOM   650  C  CA  . GLN B 1 5  ? -12.967 4.566   -13.288 1.00 57.17  ? 5   GLN B CA  1 
ATOM   651  C  C   . GLN B 1 5  ? -11.859 5.240   -12.475 1.00 56.95  ? 5   GLN B C   1 
ATOM   652  O  O   . GLN B 1 5  ? -12.114 6.209   -11.766 1.00 58.82  ? 5   GLN B O   1 
ATOM   653  C  CB  . GLN B 1 5  ? -12.970 5.222   -14.659 1.00 56.98  ? 5   GLN B CB  1 
ATOM   654  C  CG  . GLN B 1 5  ? -13.765 4.577   -15.762 1.00 58.52  ? 5   GLN B CG  1 
ATOM   655  C  CD  . GLN B 1 5  ? -13.558 5.362   -17.079 1.00 60.26  ? 5   GLN B CD  1 
ATOM   656  O  OE1 . GLN B 1 5  ? -12.420 5.690   -17.423 1.00 62.46  ? 5   GLN B OE1 1 
ATOM   657  N  NE2 . GLN B 1 5  ? -14.641 5.673   -17.797 1.00 57.48  ? 5   GLN B NE2 1 
ATOM   658  N  N   . THR B 1 6  ? -10.637 4.742   -12.591 1.00 56.19  ? 6   THR B N   1 
ATOM   659  C  CA  . THR B 1 6  ? -9.495  5.324   -11.905 1.00 56.21  ? 6   THR B CA  1 
ATOM   660  C  C   . THR B 1 6  ? -8.256  4.603   -12.391 1.00 57.02  ? 6   THR B C   1 
ATOM   661  O  O   . THR B 1 6  ? -8.306  3.431   -12.765 1.00 55.65  ? 6   THR B O   1 
ATOM   662  C  CB  . THR B 1 6  ? -9.587  5.172   -10.354 1.00 56.21  ? 6   THR B CB  1 
ATOM   663  O  OG1 . THR B 1 6  ? -8.477  5.838   -9.708  1.00 55.50  ? 6   THR B OG1 1 
ATOM   664  C  CG2 . THR B 1 6  ? -9.580  3.702   -9.971  1.00 54.84  ? 6   THR B CG2 1 
ATOM   665  N  N   . ASP B 1 7  ? -7.141  5.322   -12.389 1.00 58.50  ? 7   ASP B N   1 
ATOM   666  C  CA  . ASP B 1 7  ? -5.864  4.758   -12.800 1.00 58.14  ? 7   ASP B CA  1 
ATOM   667  C  C   . ASP B 1 7  ? -4.997  4.673   -11.587 1.00 55.53  ? 7   ASP B C   1 
ATOM   668  O  O   . ASP B 1 7  ? -3.937  4.096   -11.643 1.00 55.83  ? 7   ASP B O   1 
ATOM   669  C  CB  . ASP B 1 7  ? -5.168  5.654   -13.833 1.00 60.85  ? 7   ASP B CB  1 
ATOM   670  C  CG  . ASP B 1 7  ? -5.514  5.267   -15.268 1.00 65.93  ? 7   ASP B CG  1 
ATOM   671  O  OD1 . ASP B 1 7  ? -6.732  5.164   -15.581 1.00 69.27  ? 7   ASP B OD1 1 
ATOM   672  O  OD2 . ASP B 1 7  ? -4.576  5.066   -16.088 1.00 68.93  ? 7   ASP B OD2 1 
ATOM   673  N  N   . ALA B 1 8  ? -5.453  5.235   -10.480 1.00 53.19  ? 8   ALA B N   1 
ATOM   674  C  CA  . ALA B 1 8  ? -4.638  5.265   -9.284  1.00 51.70  ? 8   ALA B CA  1 
ATOM   675  C  C   . ALA B 1 8  ? -5.086  4.356   -8.190  1.00 51.62  ? 8   ALA B C   1 
ATOM   676  O  O   . ALA B 1 8  ? -6.279  4.206   -7.978  1.00 53.00  ? 8   ALA B O   1 
ATOM   677  C  CB  . ALA B 1 8  ? -4.569  6.673   -8.755  1.00 52.13  ? 8   ALA B CB  1 
ATOM   678  N  N   . ASP B 1 9  ? -4.114  3.794   -7.471  1.00 51.05  ? 9   ASP B N   1 
ATOM   679  C  CA  . ASP B 1 9  ? -4.379  2.900   -6.361  1.00 51.89  ? 9   ASP B CA  1 
ATOM   680  C  C   . ASP B 1 9  ? -5.395  3.559   -5.435  1.00 50.48  ? 9   ASP B C   1 
ATOM   681  O  O   . ASP B 1 9  ? -5.573  4.755   -5.454  1.00 50.71  ? 9   ASP B O   1 
ATOM   682  C  CB  . ASP B 1 9  ? -3.112  2.596   -5.571  1.00 54.98  ? 9   ASP B CB  1 
ATOM   683  C  CG  . ASP B 1 9  ? -1.960  2.097   -6.441  1.00 60.78  ? 9   ASP B CG  1 
ATOM   684  O  OD1 . ASP B 1 9  ? -2.181  1.303   -7.401  1.00 63.06  ? 9   ASP B OD1 1 
ATOM   685  O  OD2 . ASP B 1 9  ? -0.801  2.502   -6.127  1.00 63.99  ? 9   ASP B OD2 1 
ATOM   686  N  N   . PHE B 1 10 ? -6.052  2.794   -4.591  1.00 48.37  ? 10  PHE B N   1 
ATOM   687  C  CA  . PHE B 1 10 ? -7.048  3.427   -3.774  1.00 47.92  ? 10  PHE B CA  1 
ATOM   688  C  C   . PHE B 1 10 ? -7.438  2.488   -2.663  1.00 47.53  ? 10  PHE B C   1 
ATOM   689  O  O   . PHE B 1 10 ? -7.024  1.341   -2.661  1.00 47.49  ? 10  PHE B O   1 
ATOM   690  C  CB  . PHE B 1 10 ? -8.261  3.741   -4.648  1.00 45.82  ? 10  PHE B CB  1 
ATOM   691  C  CG  . PHE B 1 10 ? -8.891  2.515   -5.268  1.00 45.31  ? 10  PHE B CG  1 
ATOM   692  C  CD1 . PHE B 1 10 ? -9.730  1.681   -4.515  1.00 45.27  ? 10  PHE B CD1 1 
ATOM   693  C  CD2 . PHE B 1 10 ? -8.644  2.185   -6.609  1.00 42.65  ? 10  PHE B CD2 1 
ATOM   694  C  CE1 . PHE B 1 10 ? -10.313 0.522   -5.101  1.00 45.89  ? 10  PHE B CE1 1 
ATOM   695  C  CE2 . PHE B 1 10 ? -9.216  1.043   -7.200  1.00 43.07  ? 10  PHE B CE2 1 
ATOM   696  C  CZ  . PHE B 1 10 ? -10.053 0.206   -6.449  1.00 44.15  ? 10  PHE B CZ  1 
ATOM   697  N  N   . LEU B 1 11 ? -8.239  2.981   -1.731  1.00 45.85  ? 11  LEU B N   1 
ATOM   698  C  CA  . LEU B 1 11 ? -8.683  2.164   -0.625  1.00 46.09  ? 11  LEU B CA  1 
ATOM   699  C  C   . LEU B 1 11 ? -10.149 1.710   -0.689  1.00 45.70  ? 11  LEU B C   1 
ATOM   700  O  O   . LEU B 1 11 ? -10.974 2.291   -1.356  1.00 43.14  ? 11  LEU B O   1 
ATOM   701  C  CB  . LEU B 1 11 ? -8.496  2.923   0.673   1.00 45.96  ? 11  LEU B CB  1 
ATOM   702  C  CG  . LEU B 1 11 ? -7.181  3.636   0.916   1.00 46.98  ? 11  LEU B CG  1 
ATOM   703  C  CD1 . LEU B 1 11 ? -7.216  4.264   2.301   1.00 44.98  ? 11  LEU B CD1 1 
ATOM   704  C  CD2 . LEU B 1 11 ? -6.043  2.643   0.814   1.00 46.79  ? 11  LEU B CD2 1 
ATOM   705  N  N   . LEU B 1 12 ? -10.427 0.629   0.024   1.00 46.89  ? 12  LEU B N   1 
ATOM   706  C  CA  . LEU B 1 12 ? -11.763 0.080   0.167   1.00 47.34  ? 12  LEU B CA  1 
ATOM   707  C  C   . LEU B 1 12 ? -11.981 0.220   1.650   1.00 46.63  ? 12  LEU B C   1 
ATOM   708  O  O   . LEU B 1 12 ? -11.091 -0.072  2.435   1.00 44.95  ? 12  LEU B O   1 
ATOM   709  C  CB  . LEU B 1 12 ? -11.816 -1.400  -0.213  1.00 48.14  ? 12  LEU B CB  1 
ATOM   710  C  CG  . LEU B 1 12 ? -11.803 -1.727  -1.701  1.00 51.38  ? 12  LEU B CG  1 
ATOM   711  C  CD1 . LEU B 1 12 ? -12.218 -3.179  -1.878  1.00 52.29  ? 12  LEU B CD1 1 
ATOM   712  C  CD2 . LEU B 1 12 ? -12.781 -0.829  -2.452  1.00 50.36  ? 12  LEU B CD2 1 
ATOM   713  N  N   . VAL B 1 13 ? -13.155 0.672   2.047   1.00 47.28  ? 13  VAL B N   1 
ATOM   714  C  CA  . VAL B 1 13 ? -13.419 0.817   3.461   1.00 48.11  ? 13  VAL B CA  1 
ATOM   715  C  C   . VAL B 1 13 ? -14.812 0.308   3.810   1.00 49.66  ? 13  VAL B C   1 
ATOM   716  O  O   . VAL B 1 13 ? -15.813 0.870   3.372   1.00 51.97  ? 13  VAL B O   1 
ATOM   717  C  CB  . VAL B 1 13 ? -13.280 2.271   3.848   1.00 47.81  ? 13  VAL B CB  1 
ATOM   718  C  CG1 . VAL B 1 13 ? -13.441 2.427   5.334   1.00 47.03  ? 13  VAL B CG1 1 
ATOM   719  C  CG2 . VAL B 1 13 ? -11.945 2.779   3.392   1.00 44.80  ? 13  VAL B CG2 1 
ATOM   720  N  N   . GLY B 1 14 ? -14.897 -0.752  4.592   1.00 49.08  ? 14  GLY B N   1 
ATOM   721  C  CA  . GLY B 1 14 ? -16.212 -1.245  4.922   1.00 52.27  ? 14  GLY B CA  1 
ATOM   722  C  C   . GLY B 1 14 ? -16.331 -1.959  6.251   1.00 54.95  ? 14  GLY B C   1 
ATOM   723  O  O   . GLY B 1 14 ? -15.321 -2.273  6.887   1.00 56.05  ? 14  GLY B O   1 
ATOM   724  N  N   . ASP B 1 15 ? -17.568 -2.225  6.673   1.00 56.18  ? 15  ASP B N   1 
ATOM   725  C  CA  . ASP B 1 15 ? -17.803 -2.928  7.924   1.00 57.31  ? 15  ASP B CA  1 
ATOM   726  C  C   . ASP B 1 15 ? -17.711 -4.444  7.747   1.00 57.93  ? 15  ASP B C   1 
ATOM   727  O  O   . ASP B 1 15 ? -17.465 -5.167  8.711   1.00 58.98  ? 15  ASP B O   1 
ATOM   728  C  CB  . ASP B 1 15 ? -19.161 -2.548  8.507   1.00 58.70  ? 15  ASP B CB  1 
ATOM   729  C  CG  . ASP B 1 15 ? -19.171 -1.139  9.085   1.00 62.10  ? 15  ASP B CG  1 
ATOM   730  O  OD1 . ASP B 1 15 ? -18.101 -0.482  9.086   1.00 62.78  ? 15  ASP B OD1 1 
ATOM   731  O  OD2 . ASP B 1 15 ? -20.251 -0.685  9.545   1.00 63.66  ? 15  ASP B OD2 1 
ATOM   732  N  N   . ASP B 1 16 ? -17.896 -4.929  6.524   1.00 57.27  ? 16  ASP B N   1 
ATOM   733  C  CA  . ASP B 1 16 ? -17.817 -6.353  6.260   1.00 57.90  ? 16  ASP B CA  1 
ATOM   734  C  C   . ASP B 1 16 ? -16.813 -6.587  5.167   1.00 58.95  ? 16  ASP B C   1 
ATOM   735  O  O   . ASP B 1 16 ? -17.126 -6.706  3.987   1.00 60.27  ? 16  ASP B O   1 
ATOM   736  C  CB  . ASP B 1 16 ? -19.171 -6.912  5.866   1.00 58.92  ? 16  ASP B CB  1 
ATOM   737  C  CG  . ASP B 1 16 ? -19.103 -8.387  5.503   1.00 59.54  ? 16  ASP B CG  1 
ATOM   738  O  OD1 . ASP B 1 16 ? -18.043 -8.992  5.799   1.00 60.50  ? 16  ASP B OD1 1 
ATOM   739  O  OD2 . ASP B 1 16 ? -20.094 -8.932  4.934   1.00 58.47  ? 16  ASP B OD2 1 
ATOM   740  N  N   . THR B 1 17 ? -15.582 -6.693  5.614   1.00 60.72  ? 17  THR B N   1 
ATOM   741  C  CA  . THR B 1 17 ? -14.421 -6.851  4.775   1.00 61.96  ? 17  THR B CA  1 
ATOM   742  C  C   . THR B 1 17 ? -14.226 -8.266  4.223   1.00 62.28  ? 17  THR B C   1 
ATOM   743  O  O   . THR B 1 17 ? -13.394 -8.504  3.336   1.00 62.45  ? 17  THR B O   1 
ATOM   744  C  CB  . THR B 1 17 ? -13.188 -6.366  5.626   1.00 63.35  ? 17  THR B CB  1 
ATOM   745  O  OG1 . THR B 1 17 ? -12.111 -6.045  4.762   1.00 65.58  ? 17  THR B OG1 1 
ATOM   746  C  CG2 . THR B 1 17 ? -12.727 -7.426  6.659   1.00 62.56  ? 17  THR B CG2 1 
ATOM   747  N  N   . SER B 1 18 ? -15.037 -9.188  4.724   1.00 62.40  ? 18  SER B N   1 
ATOM   748  C  CA  . SER B 1 18 ? -14.948 -10.602 4.391   1.00 62.67  ? 18  SER B CA  1 
ATOM   749  C  C   . SER B 1 18 ? -14.843 -11.119 2.960   1.00 63.41  ? 18  SER B C   1 
ATOM   750  O  O   . SER B 1 18 ? -14.383 -12.232 2.758   1.00 63.88  ? 18  SER B O   1 
ATOM   751  C  CB  . SER B 1 18 ? -16.090 -11.308 5.054   1.00 62.62  ? 18  SER B CB  1 
ATOM   752  O  OG  . SER B 1 18 ? -17.271 -10.797 4.498   1.00 65.07  ? 18  SER B OG  1 
ATOM   753  N  N   . ARG B 1 19 ? -15.255 -10.376 1.946   1.00 64.14  ? 19  ARG B N   1 
ATOM   754  C  CA  . ARG B 1 19 ? -15.116 -10.968 0.610   1.00 64.69  ? 19  ARG B CA  1 
ATOM   755  C  C   . ARG B 1 19 ? -14.348 -10.076 -0.338  1.00 62.27  ? 19  ARG B C   1 
ATOM   756  O  O   . ARG B 1 19 ? -14.244 -10.344 -1.539  1.00 60.35  ? 19  ARG B O   1 
ATOM   757  C  CB  . ARG B 1 19 ? -16.498 -11.307 0.054   1.00 68.86  ? 19  ARG B CB  1 
ATOM   758  C  CG  . ARG B 1 19 ? -17.361 -11.974 1.112   1.00 75.01  ? 19  ARG B CG  1 
ATOM   759  C  CD  . ARG B 1 19 ? -18.740 -12.240 0.613   1.00 81.24  ? 19  ARG B CD  1 
ATOM   760  N  NE  . ARG B 1 19 ? -18.775 -13.445 -0.198  1.00 89.21  ? 19  ARG B NE  1 
ATOM   761  C  CZ  . ARG B 1 19 ? -19.669 -13.683 -1.162  1.00 93.03  ? 19  ARG B CZ  1 
ATOM   762  N  NH1 . ARG B 1 19 ? -20.624 -12.771 -1.455  1.00 92.84  ? 19  ARG B NH1 1 
ATOM   763  N  NH2 . ARG B 1 19 ? -19.612 -14.850 -1.822  1.00 94.25  ? 19  ARG B NH2 1 
ATOM   764  N  N   . TYR B 1 20 ? -13.767 -9.044  0.253   1.00 60.17  ? 20  TYR B N   1 
ATOM   765  C  CA  . TYR B 1 20 ? -13.010 -8.045  -0.463  1.00 60.06  ? 20  TYR B CA  1 
ATOM   766  C  C   . TYR B 1 20 ? -11.890 -8.587  -1.301  1.00 60.79  ? 20  TYR B C   1 
ATOM   767  O  O   . TYR B 1 20 ? -11.800 -8.282  -2.508  1.00 60.42  ? 20  TYR B O   1 
ATOM   768  C  CB  . TYR B 1 20 ? -12.440 -7.008  0.521   1.00 57.81  ? 20  TYR B CB  1 
ATOM   769  C  CG  . TYR B 1 20 ? -13.435 -5.968  1.035   1.00 55.03  ? 20  TYR B CG  1 
ATOM   770  C  CD1 . TYR B 1 20 ? -14.829 -6.225  1.062   1.00 52.15  ? 20  TYR B CD1 1 
ATOM   771  C  CD2 . TYR B 1 20 ? -12.981 -4.758  1.567   1.00 52.80  ? 20  TYR B CD2 1 
ATOM   772  C  CE1 . TYR B 1 20 ? -15.721 -5.313  1.612   1.00 48.75  ? 20  TYR B CE1 1 
ATOM   773  C  CE2 . TYR B 1 20 ? -13.875 -3.847  2.120   1.00 50.84  ? 20  TYR B CE2 1 
ATOM   774  C  CZ  . TYR B 1 20 ? -15.236 -4.132  2.142   1.00 49.68  ? 20  TYR B CZ  1 
ATOM   775  O  OH  . TYR B 1 20 ? -16.084 -3.238  2.750   1.00 49.65  ? 20  TYR B OH  1 
ATOM   776  N  N   . GLU B 1 21 ? -11.029 -9.377  -0.665  1.00 62.80  ? 21  GLU B N   1 
ATOM   777  C  CA  . GLU B 1 21 ? -9.873  -9.933  -1.358  1.00 64.87  ? 21  GLU B CA  1 
ATOM   778  C  C   . GLU B 1 21 ? -10.290 -10.856 -2.492  1.00 64.73  ? 21  GLU B C   1 
ATOM   779  O  O   . GLU B 1 21 ? -9.750  -10.806 -3.611  1.00 62.74  ? 21  GLU B O   1 
ATOM   780  C  CB  . GLU B 1 21 ? -9.008  -10.674 -0.366  1.00 68.66  ? 21  GLU B CB  1 
ATOM   781  C  CG  . GLU B 1 21 ? -7.520  -10.467 -0.639  1.00 75.80  ? 21  GLU B CG  1 
ATOM   782  C  CD  . GLU B 1 21 ? -6.613  -11.059 0.442   1.00 78.64  ? 21  GLU B CD  1 
ATOM   783  O  OE1 . GLU B 1 21 ? -7.019  -11.046 1.641   1.00 79.90  ? 21  GLU B OE1 1 
ATOM   784  O  OE2 . GLU B 1 21 ? -5.491  -11.513 0.084   1.00 80.47  ? 21  GLU B OE2 1 
ATOM   785  N  N   . GLU B 1 22 ? -11.281 -11.683 -2.173  1.00 65.05  ? 22  GLU B N   1 
ATOM   786  C  CA  . GLU B 1 22 ? -11.864 -12.639 -3.085  1.00 64.83  ? 22  GLU B CA  1 
ATOM   787  C  C   . GLU B 1 22 ? -12.395 -11.890 -4.289  1.00 64.27  ? 22  GLU B C   1 
ATOM   788  O  O   . GLU B 1 22 ? -11.969 -12.144 -5.418  1.00 64.03  ? 22  GLU B O   1 
ATOM   789  C  CB  . GLU B 1 22 ? -12.988 -13.350 -2.356  1.00 67.60  ? 22  GLU B CB  1 
ATOM   790  C  CG  . GLU B 1 22 ? -13.683 -14.452 -3.114  1.00 71.42  ? 22  GLU B CG  1 
ATOM   791  C  CD  . GLU B 1 22 ? -15.021 -14.810 -2.471  1.00 74.40  ? 22  GLU B CD  1 
ATOM   792  O  OE1 . GLU B 1 22 ? -15.077 -14.990 -1.224  1.00 74.35  ? 22  GLU B OE1 1 
ATOM   793  O  OE2 . GLU B 1 22 ? -16.024 -14.903 -3.217  1.00 77.26  ? 22  GLU B OE2 1 
ATOM   794  N  N   . VAL B 1 23 ? -13.307 -10.948 -4.038  1.00 63.21  ? 23  VAL B N   1 
ATOM   795  C  CA  . VAL B 1 23 ? -13.919 -10.154 -5.104  1.00 62.70  ? 23  VAL B CA  1 
ATOM   796  C  C   . VAL B 1 23 ? -12.890 -9.425  -5.940  1.00 63.81  ? 23  VAL B C   1 
ATOM   797  O  O   . VAL B 1 23 ? -13.017 -9.352  -7.161  1.00 63.22  ? 23  VAL B O   1 
ATOM   798  C  CB  . VAL B 1 23 ? -14.921 -9.108  -4.551  1.00 62.16  ? 23  VAL B CB  1 
ATOM   799  C  CG1 . VAL B 1 23 ? -15.419 -8.213  -5.669  1.00 59.14  ? 23  VAL B CG1 1 
ATOM   800  C  CG2 . VAL B 1 23 ? -16.099 -9.814  -3.875  1.00 61.09  ? 23  VAL B CG2 1 
HETATM 801  N  N   . MSE B 1 24 ? -11.867 -8.886  -5.297  1.00 65.15  ? 24  MSE B N   1 
HETATM 802  C  CA  . MSE B 1 24 ? -10.854 -8.162  -6.049  1.00 68.11  ? 24  MSE B CA  1 
HETATM 803  C  C   . MSE B 1 24 ? -10.032 -8.971  -7.040  1.00 67.64  ? 24  MSE B C   1 
HETATM 804  O  O   . MSE B 1 24 ? -9.652  -8.445  -8.102  1.00 66.87  ? 24  MSE B O   1 
HETATM 805  C  CB  . MSE B 1 24 ? -9.914  -7.418  -5.106  1.00 70.73  ? 24  MSE B CB  1 
HETATM 806  C  CG  . MSE B 1 24 ? -10.544 -6.188  -4.489  1.00 76.74  ? 24  MSE B CG  1 
HETATM 807  SE SE  . MSE B 1 24 ? -11.531 -4.969  -5.742  1.00 85.14  ? 24  MSE B SE  1 
HETATM 808  C  CE  . MSE B 1 24 ? -13.186 -4.938  -4.760  1.00 79.58  ? 24  MSE B CE  1 
ATOM   809  N  N   . LYS B 1 25 ? -9.753  -10.237 -6.700  1.00 67.87  ? 25  LYS B N   1 
ATOM   810  C  CA  . LYS B 1 25 ? -8.949  -11.102 -7.568  1.00 67.15  ? 25  LYS B CA  1 
ATOM   811  C  C   . LYS B 1 25 ? -9.594  -11.216 -8.917  1.00 65.73  ? 25  LYS B C   1 
ATOM   812  O  O   . LYS B 1 25 ? -8.913  -11.409 -9.914  1.00 66.52  ? 25  LYS B O   1 
ATOM   813  C  CB  . LYS B 1 25 ? -8.772  -12.498 -6.984  1.00 68.71  ? 25  LYS B CB  1 
ATOM   814  C  CG  . LYS B 1 25 ? -7.295  -12.891 -6.871  1.00 73.59  ? 25  LYS B CG  1 
ATOM   815  C  CD  . LYS B 1 25 ? -6.421  -12.356 -8.087  1.00 77.38  ? 25  LYS B CD  1 
ATOM   816  C  CE  . LYS B 1 25 ? -4.858  -12.448 -7.863  1.00 77.90  ? 25  LYS B CE  1 
ATOM   817  N  NZ  . LYS B 1 25 ? -4.283  -11.477 -6.832  1.00 76.31  ? 25  LYS B NZ  1 
ATOM   818  N  N   . THR B 1 26 ? -10.918 -11.088 -8.919  1.00 63.42  ? 26  THR B N   1 
ATOM   819  C  CA  . THR B 1 26 ? -11.750 -11.124 -10.098 1.00 61.02  ? 26  THR B CA  1 
ATOM   820  C  C   . THR B 1 26 ? -11.401 -10.059 -11.129 1.00 61.20  ? 26  THR B C   1 
ATOM   821  O  O   . THR B 1 26 ? -11.785 -10.179 -12.285 1.00 62.14  ? 26  THR B O   1 
ATOM   822  C  CB  . THR B 1 26 ? -13.166 -10.918 -9.665  1.00 61.55  ? 26  THR B CB  1 
ATOM   823  O  OG1 . THR B 1 26 ? -13.601 -12.095 -8.995  1.00 61.56  ? 26  THR B OG1 1 
ATOM   824  C  CG2 . THR B 1 26 ? -14.072 -10.579 -10.825 1.00 62.92  ? 26  THR B CG2 1 
ATOM   825  N  N   . PHE B 1 27 ? -10.695 -8.999  -10.740 1.00 60.73  ? 27  PHE B N   1 
ATOM   826  C  CA  . PHE B 1 27 ? -10.365 -7.969  -11.717 1.00 59.77  ? 27  PHE B CA  1 
ATOM   827  C  C   . PHE B 1 27 ? -8.920  -8.050  -12.166 1.00 60.93  ? 27  PHE B C   1 
ATOM   828  O  O   . PHE B 1 27 ? -7.985  -7.881  -11.384 1.00 59.56  ? 27  PHE B O   1 
ATOM   829  C  CB  . PHE B 1 27 ? -10.678 -6.585  -11.163 1.00 58.53  ? 27  PHE B CB  1 
ATOM   830  C  CG  . PHE B 1 27 ? -12.120 -6.400  -10.765 1.00 57.18  ? 27  PHE B CG  1 
ATOM   831  C  CD1 . PHE B 1 27 ? -12.599 -6.933  -9.566  1.00 56.18  ? 27  PHE B CD1 1 
ATOM   832  C  CD2 . PHE B 1 27 ? -13.007 -5.723  -11.607 1.00 55.63  ? 27  PHE B CD2 1 
ATOM   833  C  CE1 . PHE B 1 27 ? -13.927 -6.799  -9.218  1.00 55.34  ? 27  PHE B CE1 1 
ATOM   834  C  CE2 . PHE B 1 27 ? -14.343 -5.584  -11.267 1.00 54.45  ? 27  PHE B CE2 1 
ATOM   835  C  CZ  . PHE B 1 27 ? -14.803 -6.127  -10.068 1.00 55.63  ? 27  PHE B CZ  1 
ATOM   836  N  N   . ASP B 1 28 ? -8.749  -8.321  -13.449 1.00 63.05  ? 28  ASP B N   1 
ATOM   837  C  CA  . ASP B 1 28 ? -7.423  -8.459  -14.015 1.00 66.56  ? 28  ASP B CA  1 
ATOM   838  C  C   . ASP B 1 28 ? -6.677  -7.140  -14.089 1.00 66.76  ? 28  ASP B C   1 
ATOM   839  O  O   . ASP B 1 28 ? -5.529  -7.106  -14.530 1.00 68.12  ? 28  ASP B O   1 
ATOM   840  C  CB  . ASP B 1 28 ? -7.504  -9.058  -15.409 1.00 70.70  ? 28  ASP B CB  1 
ATOM   841  C  CG  . ASP B 1 28 ? -8.200  -8.138  -16.378 1.00 75.50  ? 28  ASP B CG  1 
ATOM   842  O  OD1 . ASP B 1 28 ? -9.387  -7.812  -16.124 1.00 79.53  ? 28  ASP B OD1 1 
ATOM   843  O  OD2 . ASP B 1 28 ? -7.570  -7.724  -17.381 1.00 79.06  ? 28  ASP B OD2 1 
ATOM   844  N  N   . THR B 1 29 ? -7.319  -6.045  -13.701 1.00 65.90  ? 29  THR B N   1 
ATOM   845  C  CA  . THR B 1 29 ? -6.638  -4.746  -13.703 1.00 64.89  ? 29  THR B CA  1 
ATOM   846  C  C   . THR B 1 29 ? -6.025  -4.549  -12.320 1.00 63.49  ? 29  THR B C   1 
ATOM   847  O  O   . THR B 1 29 ? -5.151  -3.711  -12.132 1.00 63.59  ? 29  THR B O   1 
ATOM   848  C  CB  . THR B 1 29 ? -7.615  -3.625  -13.935 1.00 65.92  ? 29  THR B CB  1 
ATOM   849  O  OG1 . THR B 1 29 ? -8.792  -3.884  -13.158 1.00 66.55  ? 29  THR B OG1 1 
ATOM   850  C  CG2 . THR B 1 29 ? -7.989  -3.536  -15.400 1.00 67.25  ? 29  THR B CG2 1 
ATOM   851  N  N   . VAL B 1 30 ? -6.510  -5.333  -11.358 1.00 61.29  ? 30  VAL B N   1 
ATOM   852  C  CA  . VAL B 1 30 ? -6.039  -5.279  -9.986  1.00 59.56  ? 30  VAL B CA  1 
ATOM   853  C  C   . VAL B 1 30 ? -4.830  -6.189  -9.837  1.00 60.89  ? 30  VAL B C   1 
ATOM   854  O  O   . VAL B 1 30 ? -4.877  -7.369  -10.173 1.00 59.97  ? 30  VAL B O   1 
ATOM   855  C  CB  . VAL B 1 30 ? -7.146  -5.725  -8.995  1.00 57.51  ? 30  VAL B CB  1 
ATOM   856  C  CG1 . VAL B 1 30 ? -6.574  -5.929  -7.616  1.00 55.46  ? 30  VAL B CG1 1 
ATOM   857  C  CG2 . VAL B 1 30 ? -8.238  -4.687  -8.949  1.00 55.21  ? 30  VAL B CG2 1 
ATOM   858  N  N   . GLU B 1 31 ? -3.743  -5.615  -9.335  1.00 62.64  ? 31  GLU B N   1 
ATOM   859  C  CA  . GLU B 1 31 ? -2.504  -6.340  -9.129  1.00 62.50  ? 31  GLU B CA  1 
ATOM   860  C  C   . GLU B 1 31 ? -2.467  -7.032  -7.771  1.00 61.03  ? 31  GLU B C   1 
ATOM   861  O  O   . GLU B 1 31 ? -2.228  -8.232  -7.688  1.00 61.88  ? 31  GLU B O   1 
ATOM   862  C  CB  . GLU B 1 31 ? -1.333  -5.383  -9.266  1.00 63.84  ? 31  GLU B CB  1 
ATOM   863  C  CG  . GLU B 1 31 ? -0.009  -6.064  -9.278  1.00 68.38  ? 31  GLU B CG  1 
ATOM   864  C  CD  . GLU B 1 31 ? 1.110   -5.105  -9.638  1.00 72.69  ? 31  GLU B CD  1 
ATOM   865  O  OE1 . GLU B 1 31 ? 0.878   -4.221  -10.502 1.00 74.65  ? 31  GLU B OE1 1 
ATOM   866  O  OE2 . GLU B 1 31 ? 2.225   -5.235  -9.069  1.00 74.44  ? 31  GLU B OE2 1 
ATOM   867  N  N   . ALA B 1 32 ? -2.709  -6.298  -6.700  1.00 59.96  ? 32  ALA B N   1 
ATOM   868  C  CA  . ALA B 1 32 ? -2.682  -6.925  -5.385  1.00 59.55  ? 32  ALA B CA  1 
ATOM   869  C  C   . ALA B 1 32 ? -3.573  -6.191  -4.407  1.00 59.34  ? 32  ALA B C   1 
ATOM   870  O  O   . ALA B 1 32 ? -3.994  -5.074  -4.657  1.00 60.52  ? 32  ALA B O   1 
ATOM   871  C  CB  . ALA B 1 32 ? -1.272  -6.972  -4.866  1.00 59.87  ? 32  ALA B CB  1 
ATOM   872  N  N   . VAL B 1 33 ? -3.839  -6.818  -3.280  1.00 59.20  ? 33  VAL B N   1 
ATOM   873  C  CA  . VAL B 1 33 ? -4.715  -6.236  -2.286  1.00 61.06  ? 33  VAL B CA  1 
ATOM   874  C  C   . VAL B 1 33 ? -4.051  -6.365  -0.907  1.00 62.73  ? 33  VAL B C   1 
ATOM   875  O  O   . VAL B 1 33 ? -3.272  -7.278  -0.701  1.00 66.14  ? 33  VAL B O   1 
ATOM   876  C  CB  . VAL B 1 33 ? -6.048  -6.992  -2.346  1.00 60.18  ? 33  VAL B CB  1 
ATOM   877  C  CG1 . VAL B 1 33 ? -6.918  -6.638  -1.184  1.00 61.19  ? 33  VAL B CG1 1 
ATOM   878  C  CG2 . VAL B 1 33 ? -6.730  -6.673  -3.638  1.00 59.02  ? 33  VAL B CG2 1 
ATOM   879  N  N   . ARG B 1 34 ? -4.335  -5.489  0.047   1.00 62.92  ? 34  ARG B N   1 
ATOM   880  C  CA  . ARG B 1 34 ? -3.669  -5.615  1.342   1.00 62.81  ? 34  ARG B CA  1 
ATOM   881  C  C   . ARG B 1 34 ? -4.506  -5.040  2.454   1.00 62.17  ? 34  ARG B C   1 
ATOM   882  O  O   . ARG B 1 34 ? -4.872  -3.876  2.392   1.00 62.09  ? 34  ARG B O   1 
ATOM   883  C  CB  . ARG B 1 34 ? -2.354  -4.845  1.311   1.00 65.18  ? 34  ARG B CB  1 
ATOM   884  C  CG  . ARG B 1 34 ? -1.104  -5.642  1.549   1.00 67.06  ? 34  ARG B CG  1 
ATOM   885  C  CD  . ARG B 1 34 ? -0.957  -5.984  2.992   1.00 68.99  ? 34  ARG B CD  1 
ATOM   886  N  NE  . ARG B 1 34 ? 0.445   -6.184  3.382   1.00 71.65  ? 34  ARG B NE  1 
ATOM   887  C  CZ  . ARG B 1 34 ? 1.280   -7.077  2.855   1.00 71.18  ? 34  ARG B CZ  1 
ATOM   888  N  NH1 . ARG B 1 34 ? 0.894   -7.903  1.886   1.00 70.88  ? 34  ARG B NH1 1 
ATOM   889  N  NH2 . ARG B 1 34 ? 2.517   -7.136  3.310   1.00 71.53  ? 34  ARG B NH2 1 
ATOM   890  N  N   . LYS B 1 35 ? -4.785  -5.832  3.480   1.00 61.33  ? 35  LYS B N   1 
ATOM   891  C  CA  . LYS B 1 35 ? -5.563  -5.340  4.598   1.00 61.64  ? 35  LYS B CA  1 
ATOM   892  C  C   . LYS B 1 35 ? -4.631  -4.401  5.338   1.00 62.77  ? 35  LYS B C   1 
ATOM   893  O  O   . LYS B 1 35 ? -3.424  -4.594  5.329   1.00 62.41  ? 35  LYS B O   1 
ATOM   894  C  CB  . LYS B 1 35 ? -5.976  -6.486  5.493   1.00 61.62  ? 35  LYS B CB  1 
ATOM   895  C  CG  . LYS B 1 35 ? -7.019  -6.156  6.543   1.00 63.46  ? 35  LYS B CG  1 
ATOM   896  C  CD  . LYS B 1 35 ? -7.039  -7.281  7.590   1.00 65.61  ? 35  LYS B CD  1 
ATOM   897  C  CE  . LYS B 1 35 ? -8.331  -7.345  8.416   1.00 68.72  ? 35  LYS B CE  1 
ATOM   898  N  NZ  . LYS B 1 35 ? -9.564  -7.766  7.652   1.00 70.65  ? 35  LYS B NZ  1 
ATOM   899  N  N   . SER B 1 36 ? -5.175  -3.369  5.965   1.00 64.55  ? 36  SER B N   1 
ATOM   900  C  CA  . SER B 1 36 ? -4.327  -2.426  6.669   1.00 66.64  ? 36  SER B CA  1 
ATOM   901  C  C   . SER B 1 36 ? -4.017  -2.974  8.037   1.00 68.71  ? 36  SER B C   1 
ATOM   902  O  O   . SER B 1 36 ? -4.877  -3.618  8.665   1.00 69.48  ? 36  SER B O   1 
ATOM   903  C  CB  . SER B 1 36 ? -5.007  -1.062  6.831   1.00 64.73  ? 36  SER B CB  1 
ATOM   904  O  OG  . SER B 1 36 ? -4.074  -0.091  7.305   1.00 63.85  ? 36  SER B OG  1 
ATOM   905  N  N   . ASP B 1 37 ? -2.791  -2.726  8.495   1.00 70.56  ? 37  ASP B N   1 
ATOM   906  C  CA  . ASP B 1 37 ? -2.394  -3.162  9.831   1.00 72.92  ? 37  ASP B CA  1 
ATOM   907  C  C   . ASP B 1 37 ? -3.042  -2.213  10.811  1.00 71.96  ? 37  ASP B C   1 
ATOM   908  O  O   . ASP B 1 37 ? -3.382  -2.607  11.926  1.00 73.38  ? 37  ASP B O   1 
ATOM   909  C  CB  . ASP B 1 37 ? -0.881  -3.080  10.039  1.00 76.60  ? 37  ASP B CB  1 
ATOM   910  C  CG  . ASP B 1 37 ? -0.113  -4.021  9.121   1.00 80.19  ? 37  ASP B CG  1 
ATOM   911  O  OD1 . ASP B 1 37 ? -0.687  -5.097  8.750   1.00 80.57  ? 37  ASP B OD1 1 
ATOM   912  O  OD2 . ASP B 1 37 ? 1.058   -3.671  8.794   1.00 80.55  ? 37  ASP B OD2 1 
ATOM   913  N  N   . LEU B 1 38 ? -3.220  -0.968  10.372  1.00 69.46  ? 38  LEU B N   1 
ATOM   914  C  CA  . LEU B 1 38 ? -3.801  0.086   11.194  1.00 67.24  ? 38  LEU B CA  1 
ATOM   915  C  C   . LEU B 1 38 ? -5.289  0.052   11.419  1.00 65.95  ? 38  LEU B C   1 
ATOM   916  O  O   . LEU B 1 38 ? -5.748  0.467   12.472  1.00 65.46  ? 38  LEU B O   1 
ATOM   917  C  CB  . LEU B 1 38 ? -3.452  1.449   10.607  1.00 67.56  ? 38  LEU B CB  1 
ATOM   918  C  CG  . LEU B 1 38 ? -1.954  1.723   10.488  1.00 68.57  ? 38  LEU B CG  1 
ATOM   919  C  CD1 . LEU B 1 38 ? -1.733  3.085   9.850   1.00 68.89  ? 38  LEU B CD1 1 
ATOM   920  C  CD2 . LEU B 1 38 ? -1.302  1.648   11.878  1.00 68.18  ? 38  LEU B CD2 1 
ATOM   921  N  N   . ASP B 1 39 ? -6.041  -0.432  10.433  1.00 65.56  ? 39  ASP B N   1 
ATOM   922  C  CA  . ASP B 1 39 ? -7.496  -0.460  10.521  1.00 64.05  ? 39  ASP B CA  1 
ATOM   923  C  C   . ASP B 1 39 ? -8.134  -1.636  9.762   1.00 63.76  ? 39  ASP B C   1 
ATOM   924  O  O   . ASP B 1 39 ? -8.061  -1.721  8.539   1.00 63.61  ? 39  ASP B O   1 
ATOM   925  C  CB  . ASP B 1 39 ? -8.020  0.875   9.984   1.00 64.36  ? 39  ASP B CB  1 
ATOM   926  C  CG  . ASP B 1 39 ? -9.499  1.077   10.234  1.00 65.34  ? 39  ASP B CG  1 
ATOM   927  O  OD1 . ASP B 1 39 ? -10.263 0.100   10.119  1.00 65.94  ? 39  ASP B OD1 1 
ATOM   928  O  OD2 . ASP B 1 39 ? -9.907  2.222   10.531  1.00 65.23  ? 39  ASP B OD2 1 
ATOM   929  N  N   . ASP B 1 40 ? -8.754  -2.535  10.511  1.00 64.03  ? 40  ASP B N   1 
ATOM   930  C  CA  . ASP B 1 40 ? -9.454  -3.716  9.995   1.00 64.82  ? 40  ASP B CA  1 
ATOM   931  C  C   . ASP B 1 40 ? -10.413 -3.524  8.843   1.00 63.36  ? 40  ASP B C   1 
ATOM   932  O  O   . ASP B 1 40 ? -10.683 -4.490  8.128   1.00 63.68  ? 40  ASP B O   1 
ATOM   933  C  CB  . ASP B 1 40 ? -10.283 -4.323  11.102  1.00 69.69  ? 40  ASP B CB  1 
ATOM   934  C  CG  . ASP B 1 40 ? -9.650  -5.526  11.685  1.00 75.16  ? 40  ASP B CG  1 
ATOM   935  O  OD1 . ASP B 1 40 ? -8.417  -5.686  11.476  1.00 77.69  ? 40  ASP B OD1 1 
ATOM   936  O  OD2 . ASP B 1 40 ? -10.380 -6.303  12.355  1.00 78.38  ? 40  ASP B OD2 1 
ATOM   937  N  N   . ARG B 1 41 ? -10.984 -2.317  8.731   1.00 60.65  ? 41  ARG B N   1 
ATOM   938  C  CA  . ARG B 1 41 ? -11.949 -1.971  7.679   1.00 58.51  ? 41  ARG B CA  1 
ATOM   939  C  C   . ARG B 1 41 ? -11.294 -1.496  6.415   1.00 57.70  ? 41  ARG B C   1 
ATOM   940  O  O   . ARG B 1 41 ? -11.978 -1.215  5.438   1.00 57.24  ? 41  ARG B O   1 
ATOM   941  C  CB  . ARG B 1 41 ? -12.863 -0.817  8.067   1.00 56.68  ? 41  ARG B CB  1 
ATOM   942  C  CG  . ARG B 1 41 ? -13.557 -0.904  9.346   1.00 54.87  ? 41  ARG B CG  1 
ATOM   943  C  CD  . ARG B 1 41 ? -12.992 0.218   10.139  1.00 54.85  ? 41  ARG B CD  1 
ATOM   944  N  NE  . ARG B 1 41 ? -14.000 1.138   10.602  1.00 52.09  ? 41  ARG B NE  1 
ATOM   945  C  CZ  . ARG B 1 41 ? -13.728 2.366   11.011  1.00 52.46  ? 41  ARG B CZ  1 
ATOM   946  N  NH1 . ARG B 1 41 ? -12.473 2.808   11.011  1.00 50.41  ? 41  ARG B NH1 1 
ATOM   947  N  NH2 . ARG B 1 41 ? -14.723 3.157   11.393  1.00 54.44  ? 41  ARG B NH2 1 
ATOM   948  N  N   . VAL B 1 42 ? -9.978  -1.387  6.421   1.00 56.93  ? 42  VAL B N   1 
ATOM   949  C  CA  . VAL B 1 42 ? -9.313  -0.856  5.256   1.00 56.55  ? 42  VAL B CA  1 
ATOM   950  C  C   . VAL B 1 42 ? -8.468  -1.802  4.443   1.00 57.54  ? 42  VAL B C   1 
ATOM   951  O  O   . VAL B 1 42 ? -7.639  -2.483  5.001   1.00 59.71  ? 42  VAL B O   1 
ATOM   952  C  CB  . VAL B 1 42 ? -8.442  0.321   5.674   1.00 54.34  ? 42  VAL B CB  1 
ATOM   953  C  CG1 . VAL B 1 42 ? -7.841  0.964   4.475   1.00 53.40  ? 42  VAL B CG1 1 
ATOM   954  C  CG2 . VAL B 1 42 ? -9.269  1.311   6.444   1.00 52.18  ? 42  VAL B CG2 1 
ATOM   955  N  N   . TYR B 1 43 ? -8.679  -1.845  3.131   1.00 57.85  ? 43  TYR B N   1 
ATOM   956  C  CA  . TYR B 1 43 ? -7.865  -2.663  2.248   1.00 58.06  ? 43  TYR B CA  1 
ATOM   957  C  C   . TYR B 1 43 ? -7.293  -1.778  1.180   1.00 60.45  ? 43  TYR B C   1 
ATOM   958  O  O   . TYR B 1 43 ? -7.981  -0.905  0.634   1.00 61.05  ? 43  TYR B O   1 
ATOM   959  C  CB  . TYR B 1 43 ? -8.666  -3.724  1.554   1.00 57.97  ? 43  TYR B CB  1 
ATOM   960  C  CG  . TYR B 1 43 ? -8.890  -4.941  2.388   1.00 60.94  ? 43  TYR B CG  1 
ATOM   961  C  CD1 . TYR B 1 43 ? -9.540  -4.846  3.613   1.00 62.25  ? 43  TYR B CD1 1 
ATOM   962  C  CD2 . TYR B 1 43 ? -8.433  -6.200  1.971   1.00 60.33  ? 43  TYR B CD2 1 
ATOM   963  C  CE1 . TYR B 1 43 ? -9.719  -5.965  4.408   1.00 63.23  ? 43  TYR B CE1 1 
ATOM   964  C  CE2 . TYR B 1 43 ? -8.618  -7.324  2.756   1.00 61.33  ? 43  TYR B CE2 1 
ATOM   965  C  CZ  . TYR B 1 43 ? -9.261  -7.194  3.976   1.00 62.85  ? 43  TYR B CZ  1 
ATOM   966  O  OH  . TYR B 1 43 ? -9.464  -8.274  4.790   1.00 65.47  ? 43  TYR B OH  1 
HETATM 967  N  N   . MSE B 1 44 ? -6.021  -1.996  0.871   1.00 62.49  ? 44  MSE B N   1 
HETATM 968  C  CA  . MSE B 1 44 ? -5.382  -1.224  -0.169  1.00 63.29  ? 44  MSE B CA  1 
HETATM 969  C  C   . MSE B 1 44 ? -5.530  -1.982  -1.463  1.00 59.69  ? 44  MSE B C   1 
HETATM 970  O  O   . MSE B 1 44 ? -5.460  -3.209  -1.502  1.00 58.95  ? 44  MSE B O   1 
HETATM 971  C  CB  . MSE B 1 44 ? -3.927  -1.038  0.158   1.00 71.77  ? 44  MSE B CB  1 
HETATM 972  C  CG  . MSE B 1 44 ? -3.759  -0.491  1.548   1.00 83.57  ? 44  MSE B CG  1 
HETATM 973  SE SE  . MSE B 1 44 ? -1.892  -0.412  2.073   1.00 100.49 ? 44  MSE B SE  1 
HETATM 974  C  CE  . MSE B 1 44 ? -1.979  -1.629  3.650   1.00 94.52  ? 44  MSE B CE  1 
ATOM   975  N  N   . VAL B 1 45 ? -5.756  -1.248  -2.528  1.00 55.13  ? 45  VAL B N   1 
ATOM   976  C  CA  . VAL B 1 45 ? -5.897  -1.869  -3.806  1.00 52.27  ? 45  VAL B CA  1 
ATOM   977  C  C   . VAL B 1 45 ? -4.895  -1.249  -4.738  1.00 51.81  ? 45  VAL B C   1 
ATOM   978  O  O   . VAL B 1 45 ? -4.991  -0.081  -5.076  1.00 50.58  ? 45  VAL B O   1 
ATOM   979  C  CB  . VAL B 1 45 ? -7.334  -1.709  -4.343  1.00 50.04  ? 45  VAL B CB  1 
ATOM   980  C  CG1 . VAL B 1 45 ? -7.418  -2.216  -5.761  1.00 49.52  ? 45  VAL B CG1 1 
ATOM   981  C  CG2 . VAL B 1 45 ? -8.283  -2.496  -3.469  1.00 48.13  ? 45  VAL B CG2 1 
ATOM   982  N  N   . CYS B 1 46 ? -3.909  -2.043  -5.129  1.00 53.38  ? 46  CYS B N   1 
ATOM   983  C  CA  . CYS B 1 46 ? -2.877  -1.574  -6.034  1.00 56.22  ? 46  CYS B CA  1 
ATOM   984  C  C   . CYS B 1 46 ? -3.239  -2.143  -7.423  1.00 56.72  ? 46  CYS B C   1 
ATOM   985  O  O   . CYS B 1 46 ? -3.587  -3.311  -7.546  1.00 56.73  ? 46  CYS B O   1 
ATOM   986  C  CB  . CYS B 1 46 ? -1.490  -2.055  -5.539  1.00 56.99  ? 46  CYS B CB  1 
ATOM   987  S  SG  . CYS B 1 46 ? -1.148  -1.855  -3.706  1.00 62.94  ? 46  CYS B SG  1 
ATOM   988  N  N   . LEU B 1 47 ? -3.181  -1.295  -8.451  1.00 56.79  ? 47  LEU B N   1 
ATOM   989  C  CA  . LEU B 1 47 ? -3.509  -1.661  -9.831  1.00 58.31  ? 47  LEU B CA  1 
ATOM   990  C  C   . LEU B 1 47 ? -2.321  -2.018  -10.720 1.00 60.97  ? 47  LEU B C   1 
ATOM   991  O  O   . LEU B 1 47 ? -1.265  -1.397  -10.636 1.00 61.85  ? 47  LEU B O   1 
ATOM   992  C  CB  . LEU B 1 47 ? -4.206  -0.487  -10.513 1.00 56.58  ? 47  LEU B CB  1 
ATOM   993  C  CG  . LEU B 1 47 ? -5.468  0.140   -9.930  1.00 54.77  ? 47  LEU B CG  1 
ATOM   994  C  CD1 . LEU B 1 47 ? -5.835  1.352   -10.757 1.00 53.93  ? 47  LEU B CD1 1 
ATOM   995  C  CD2 . LEU B 1 47 ? -6.595  -0.868  -9.913  1.00 52.45  ? 47  LEU B CD2 1 
ATOM   996  N  N   . LYS B 1 48 ? -2.494  -2.992  -11.607 1.00 64.08  ? 48  LYS B N   1 
ATOM   997  C  CA  . LYS B 1 48 ? -1.416  -3.357  -12.547 1.00 66.17  ? 48  LYS B CA  1 
ATOM   998  C  C   . LYS B 1 48 ? -0.990  -2.077  -13.299 1.00 66.81  ? 48  LYS B C   1 
ATOM   999  O  O   . LYS B 1 48 ? -1.842  -1.237  -13.588 1.00 66.71  ? 48  LYS B O   1 
ATOM   1000 C  CB  . LYS B 1 48 ? -1.915  -4.432  -13.537 1.00 65.13  ? 48  LYS B CB  1 
ATOM   1001 C  CG  . LYS B 1 48 ? -2.273  -5.745  -12.852 1.00 66.82  ? 48  LYS B CG  1 
ATOM   1002 C  CD  . LYS B 1 48 ? -2.785  -6.831  -13.832 1.00 69.87  ? 48  LYS B CD  1 
ATOM   1003 C  CE  . LYS B 1 48 ? -3.102  -8.155  -13.061 1.00 71.09  ? 48  LYS B CE  1 
ATOM   1004 N  NZ  . LYS B 1 48 ? -3.807  -9.242  -13.826 1.00 71.32  ? 48  LYS B NZ  1 
ATOM   1005 N  N   . GLN B 1 49 ? 0.300   -1.930  -13.618 1.00 68.74  ? 49  GLN B N   1 
ATOM   1006 C  CA  . GLN B 1 49 ? 0.794   -0.713  -14.312 1.00 71.26  ? 49  GLN B CA  1 
ATOM   1007 C  C   . GLN B 1 49 ? 0.103   -0.460  -15.650 1.00 69.88  ? 49  GLN B C   1 
ATOM   1008 O  O   . GLN B 1 49 ? -0.090  -1.376  -16.437 1.00 70.99  ? 49  GLN B O   1 
ATOM   1009 C  CB  . GLN B 1 49 ? 2.320   -0.764  -14.554 1.00 73.99  ? 49  GLN B CB  1 
ATOM   1010 C  CG  . GLN B 1 49 ? 3.200   -1.383  -13.415 1.00 80.75  ? 49  GLN B CG  1 
ATOM   1011 C  CD  . GLN B 1 49 ? 2.881   -0.918  -11.955 1.00 83.85  ? 49  GLN B CD  1 
ATOM   1012 O  OE1 . GLN B 1 49 ? 1.905   -1.376  -11.331 1.00 85.36  ? 49  GLN B OE1 1 
ATOM   1013 N  NE2 . GLN B 1 49 ? 3.724   -0.022  -11.413 1.00 85.08  ? 49  GLN B NE2 1 
ATOM   1014 N  N   . GLY B 1 50 ? -0.265  0.785   -15.920 1.00 69.06  ? 50  GLY B N   1 
ATOM   1015 C  CA  . GLY B 1 50 ? -0.937  1.069   -17.178 1.00 67.69  ? 50  GLY B CA  1 
ATOM   1016 C  C   . GLY B 1 50 ? -2.421  0.741   -17.184 1.00 67.50  ? 50  GLY B C   1 
ATOM   1017 O  O   . GLY B 1 50 ? -3.161  1.234   -18.015 1.00 68.16  ? 50  GLY B O   1 
ATOM   1018 N  N   . SER B 1 51 ? -2.874  -0.079  -16.244 1.00 67.26  ? 51  SER B N   1 
ATOM   1019 C  CA  . SER B 1 51 ? -4.286  -0.445  -16.168 1.00 65.79  ? 51  SER B CA  1 
ATOM   1020 C  C   . SER B 1 51 ? -5.279  0.601   -15.657 1.00 64.79  ? 51  SER B C   1 
ATOM   1021 O  O   . SER B 1 51 ? -4.933  1.510   -14.910 1.00 65.43  ? 51  SER B O   1 
ATOM   1022 C  CB  . SER B 1 51 ? -4.436  -1.689  -15.311 1.00 65.46  ? 51  SER B CB  1 
ATOM   1023 O  OG  . SER B 1 51 ? -4.071  -2.819  -16.065 1.00 67.49  ? 51  SER B OG  1 
ATOM   1024 N  N   . THR B 1 52 ? -6.527  0.462   -16.091 1.00 63.16  ? 52  THR B N   1 
ATOM   1025 C  CA  . THR B 1 52 ? -7.606  1.328   -15.629 1.00 60.44  ? 52  THR B CA  1 
ATOM   1026 C  C   . THR B 1 52 ? -8.675  0.413   -14.987 1.00 60.13  ? 52  THR B C   1 
ATOM   1027 O  O   . THR B 1 52 ? -9.228  -0.486  -15.646 1.00 60.80  ? 52  THR B O   1 
ATOM   1028 C  CB  . THR B 1 52 ? -8.258  2.142   -16.779 1.00 58.32  ? 52  THR B CB  1 
ATOM   1029 O  OG1 . THR B 1 52 ? -7.421  3.245   -17.113 1.00 59.10  ? 52  THR B OG1 1 
ATOM   1030 C  CG2 . THR B 1 52 ? -9.611  2.690   -16.364 1.00 56.88  ? 52  THR B CG2 1 
ATOM   1031 N  N   . PHE B 1 53 ? -8.929  0.621   -13.692 1.00 58.08  ? 53  PHE B N   1 
ATOM   1032 C  CA  . PHE B 1 53 ? -9.935  -0.144  -12.981 1.00 55.41  ? 53  PHE B CA  1 
ATOM   1033 C  C   . PHE B 1 53 ? -11.267 0.495   -13.377 1.00 56.60  ? 53  PHE B C   1 
ATOM   1034 O  O   . PHE B 1 53 ? -11.433 1.721   -13.282 1.00 57.36  ? 53  PHE B O   1 
ATOM   1035 C  CB  . PHE B 1 53 ? -9.741  -0.020  -11.482 1.00 50.57  ? 53  PHE B CB  1 
ATOM   1036 C  CG  . PHE B 1 53 ? -10.763 -0.763  -10.691 1.00 50.18  ? 53  PHE B CG  1 
ATOM   1037 C  CD1 . PHE B 1 53 ? -10.713 -2.143  -10.579 1.00 50.78  ? 53  PHE B CD1 1 
ATOM   1038 C  CD2 . PHE B 1 53 ? -11.765 -0.093  -10.023 1.00 51.99  ? 53  PHE B CD2 1 
ATOM   1039 C  CE1 . PHE B 1 53 ? -11.640 -2.851  -9.808  1.00 48.93  ? 53  PHE B CE1 1 
ATOM   1040 C  CE2 . PHE B 1 53 ? -12.705 -0.800  -9.241  1.00 51.32  ? 53  PHE B CE2 1 
ATOM   1041 C  CZ  . PHE B 1 53 ? -12.626 -2.178  -9.140  1.00 50.51  ? 53  PHE B CZ  1 
ATOM   1042 N  N   . VAL B 1 54 ? -12.207 -0.303  -13.866 1.00 55.54  ? 54  VAL B N   1 
ATOM   1043 C  CA  . VAL B 1 54 ? -13.479 0.291   -14.223 1.00 54.63  ? 54  VAL B CA  1 
ATOM   1044 C  C   . VAL B 1 54 ? -14.646 -0.546  -13.742 1.00 53.67  ? 54  VAL B C   1 
ATOM   1045 O  O   . VAL B 1 54 ? -14.615 -1.762  -13.797 1.00 54.72  ? 54  VAL B O   1 
ATOM   1046 C  CB  . VAL B 1 54 ? -13.582 0.601   -15.767 1.00 55.57  ? 54  VAL B CB  1 
ATOM   1047 C  CG1 . VAL B 1 54 ? -12.456 -0.041  -16.526 1.00 56.31  ? 54  VAL B CG1 1 
ATOM   1048 C  CG2 . VAL B 1 54 ? -14.918 0.143   -16.319 1.00 54.46  ? 54  VAL B CG2 1 
ATOM   1049 N  N   . LEU B 1 55 ? -15.667 0.117   -13.228 1.00 52.15  ? 55  LEU B N   1 
ATOM   1050 C  CA  . LEU B 1 55 ? -16.841 -0.571  -12.735 1.00 52.56  ? 55  LEU B CA  1 
ATOM   1051 C  C   . LEU B 1 55 ? -18.029 0.056   -13.411 1.00 53.82  ? 55  LEU B C   1 
ATOM   1052 O  O   . LEU B 1 55 ? -18.480 1.149   -13.039 1.00 53.54  ? 55  LEU B O   1 
ATOM   1053 C  CB  . LEU B 1 55 ? -17.030 -0.397  -11.226 1.00 50.84  ? 55  LEU B CB  1 
ATOM   1054 C  CG  . LEU B 1 55 ? -16.132 -1.051  -10.188 1.00 49.39  ? 55  LEU B CG  1 
ATOM   1055 C  CD1 . LEU B 1 55 ? -16.306 -0.336  -8.868  1.00 47.73  ? 55  LEU B CD1 1 
ATOM   1056 C  CD2 . LEU B 1 55 ? -16.483 -2.505  -10.064 1.00 49.71  ? 55  LEU B CD2 1 
ATOM   1057 N  N   . ASN B 1 56 ? -18.570 -0.657  -14.386 1.00 54.26  ? 56  ASN B N   1 
ATOM   1058 C  CA  . ASN B 1 56 ? -19.720 -0.153  -15.107 1.00 53.69  ? 56  ASN B CA  1 
ATOM   1059 C  C   . ASN B 1 56 ? -20.991 0.056   -14.291 1.00 52.41  ? 56  ASN B C   1 
ATOM   1060 O  O   . ASN B 1 56 ? -21.752 0.997   -14.560 1.00 52.55  ? 56  ASN B O   1 
ATOM   1061 C  CB  . ASN B 1 56 ? -19.956 -1.041  -16.312 1.00 55.38  ? 56  ASN B CB  1 
ATOM   1062 C  CG  . ASN B 1 56 ? -19.003 -0.707  -17.428 1.00 58.23  ? 56  ASN B CG  1 
ATOM   1063 O  OD1 . ASN B 1 56 ? -18.996 0.441   -17.890 1.00 58.66  ? 56  ASN B OD1 1 
ATOM   1064 N  ND2 . ASN B 1 56 ? -18.168 -1.683  -17.856 1.00 58.74  ? 56  ASN B ND2 1 
ATOM   1065 N  N   . GLY B 1 57 ? -21.216 -0.799  -13.299 1.00 49.72  ? 57  GLY B N   1 
ATOM   1066 C  CA  . GLY B 1 57 ? -22.381 -0.640  -12.452 1.00 49.53  ? 57  GLY B CA  1 
ATOM   1067 C  C   . GLY B 1 57 ? -22.061 0.329   -11.313 1.00 50.11  ? 57  GLY B C   1 
ATOM   1068 O  O   . GLY B 1 57 ? -22.831 0.477   -10.342 1.00 49.59  ? 57  GLY B O   1 
ATOM   1069 N  N   . GLY B 1 58 ? -20.913 1.000   -11.440 1.00 49.90  ? 58  GLY B N   1 
ATOM   1070 C  CA  . GLY B 1 58 ? -20.477 1.939   -10.424 1.00 48.69  ? 58  GLY B CA  1 
ATOM   1071 C  C   . GLY B 1 58 ? -20.072 1.246   -9.142  1.00 47.92  ? 58  GLY B C   1 
ATOM   1072 O  O   . GLY B 1 58 ? -19.983 0.015   -9.073  1.00 47.46  ? 58  GLY B O   1 
ATOM   1073 N  N   . ILE B 1 59 ? -19.832 2.051   -8.125  1.00 46.77  ? 59  ILE B N   1 
ATOM   1074 C  CA  . ILE B 1 59 ? -19.439 1.551   -6.819  1.00 47.57  ? 59  ILE B CA  1 
ATOM   1075 C  C   . ILE B 1 59 ? -20.525 0.624   -6.276  1.00 48.79  ? 59  ILE B C   1 
ATOM   1076 O  O   . ILE B 1 59 ? -20.249 -0.352  -5.589  1.00 48.35  ? 59  ILE B O   1 
ATOM   1077 C  CB  . ILE B 1 59 ? -19.182 2.762   -5.866  1.00 47.44  ? 59  ILE B CB  1 
ATOM   1078 C  CG1 . ILE B 1 59 ? -17.973 3.541   -6.368  1.00 48.63  ? 59  ILE B CG1 1 
ATOM   1079 C  CG2 . ILE B 1 59 ? -18.877 2.331   -4.488  1.00 43.38  ? 59  ILE B CG2 1 
ATOM   1080 C  CD1 . ILE B 1 59 ? -17.882 4.959   -5.862  1.00 51.56  ? 59  ILE B CD1 1 
ATOM   1081 N  N   . GLU B 1 60 ? -21.772 0.913   -6.598  1.00 50.57  ? 60  GLU B N   1 
ATOM   1082 C  CA  . GLU B 1 60 ? -22.836 0.067   -6.098  1.00 52.58  ? 60  GLU B CA  1 
ATOM   1083 C  C   . GLU B 1 60 ? -22.605 -1.384  -6.513  1.00 52.83  ? 60  GLU B C   1 
ATOM   1084 O  O   . GLU B 1 60 ? -22.907 -2.306  -5.777  1.00 53.57  ? 60  GLU B O   1 
ATOM   1085 C  CB  . GLU B 1 60 ? -24.188 0.560   -6.613  1.00 53.52  ? 60  GLU B CB  1 
ATOM   1086 C  CG  . GLU B 1 60 ? -25.335 -0.158  -5.986  1.00 54.37  ? 60  GLU B CG  1 
ATOM   1087 C  CD  . GLU B 1 60 ? -25.322 -0.070  -4.486  1.00 54.94  ? 60  GLU B CD  1 
ATOM   1088 O  OE1 . GLU B 1 60 ? -25.754 -1.058  -3.860  1.00 58.70  ? 60  GLU B OE1 1 
ATOM   1089 O  OE2 . GLU B 1 60 ? -24.902 0.968   -3.930  1.00 55.09  ? 60  GLU B OE2 1 
ATOM   1090 N  N   . GLU B 1 61 ? -22.051 -1.581  -7.693  1.00 53.65  ? 61  GLU B N   1 
ATOM   1091 C  CA  . GLU B 1 61 ? -21.806 -2.925  -8.183  1.00 55.08  ? 61  GLU B CA  1 
ATOM   1092 C  C   . GLU B 1 61 ? -20.751 -3.616  -7.322  1.00 55.92  ? 61  GLU B C   1 
ATOM   1093 O  O   . GLU B 1 61 ? -20.753 -4.848  -7.163  1.00 57.73  ? 61  GLU B O   1 
ATOM   1094 C  CB  . GLU B 1 61 ? -21.394 -2.871  -9.666  1.00 55.23  ? 61  GLU B CB  1 
ATOM   1095 C  CG  . GLU B 1 61 ? -20.111 -3.556  -9.986  1.00 55.74  ? 61  GLU B CG  1 
ATOM   1096 C  CD  . GLU B 1 61 ? -19.906 -3.797  -11.478 1.00 57.36  ? 61  GLU B CD  1 
ATOM   1097 O  OE1 . GLU B 1 61 ? -19.925 -2.820  -12.285 1.00 54.60  ? 61  GLU B OE1 1 
ATOM   1098 O  OE2 . GLU B 1 61 ? -19.706 -4.993  -11.822 1.00 56.49  ? 61  GLU B OE2 1 
ATOM   1099 N  N   . LEU B 1 62 ? -19.852 -2.830  -6.746  1.00 54.69  ? 62  LEU B N   1 
ATOM   1100 C  CA  . LEU B 1 62 ? -18.850 -3.418  -5.881  1.00 54.02  ? 62  LEU B CA  1 
ATOM   1101 C  C   . LEU B 1 62 ? -19.498 -3.772  -4.550  1.00 53.89  ? 62  LEU B C   1 
ATOM   1102 O  O   . LEU B 1 62 ? -19.118 -4.740  -3.931  1.00 55.19  ? 62  LEU B O   1 
ATOM   1103 C  CB  . LEU B 1 62 ? -17.699 -2.455  -5.645  1.00 53.30  ? 62  LEU B CB  1 
ATOM   1104 C  CG  . LEU B 1 62 ? -16.348 -3.087  -5.327  1.00 52.29  ? 62  LEU B CG  1 
ATOM   1105 C  CD1 . LEU B 1 62 ? -15.867 -3.908  -6.522  1.00 53.32  ? 62  LEU B CD1 1 
ATOM   1106 C  CD2 . LEU B 1 62 ? -15.355 -1.999  -5.057  1.00 50.60  ? 62  LEU B CD2 1 
ATOM   1107 N  N   . ARG B 1 63 ? -20.481 -2.988  -4.117  1.00 54.00  ? 63  ARG B N   1 
ATOM   1108 C  CA  . ARG B 1 63 ? -21.164 -3.255  -2.854  1.00 53.93  ? 63  ARG B CA  1 
ATOM   1109 C  C   . ARG B 1 63 ? -21.959 -4.536  -3.022  1.00 54.05  ? 63  ARG B C   1 
ATOM   1110 O  O   . ARG B 1 63 ? -22.141 -5.298  -2.074  1.00 54.77  ? 63  ARG B O   1 
ATOM   1111 C  CB  . ARG B 1 63 ? -22.126 -2.112  -2.483  1.00 52.57  ? 63  ARG B CB  1 
ATOM   1112 C  CG  . ARG B 1 63 ? -21.508 -0.738  -2.523  1.00 50.35  ? 63  ARG B CG  1 
ATOM   1113 C  CD  . ARG B 1 63 ? -22.212 0.204   -1.583  1.00 47.49  ? 63  ARG B CD  1 
ATOM   1114 N  NE  . ARG B 1 63 ? -21.427 1.425   -1.447  1.00 49.03  ? 63  ARG B NE  1 
ATOM   1115 C  CZ  . ARG B 1 63 ? -21.554 2.498   -2.223  1.00 50.11  ? 63  ARG B CZ  1 
ATOM   1116 N  NH1 . ARG B 1 63 ? -22.456 2.512   -3.186  1.00 48.58  ? 63  ARG B NH1 1 
ATOM   1117 N  NH2 . ARG B 1 63 ? -20.740 3.539   -2.074  1.00 49.98  ? 63  ARG B NH2 1 
ATOM   1118 N  N   . LEU B 1 64 ? -22.438 -4.774  -4.235  1.00 52.33  ? 64  LEU B N   1 
ATOM   1119 C  CA  . LEU B 1 64 ? -23.205 -5.979  -4.488  1.00 52.51  ? 64  LEU B CA  1 
ATOM   1120 C  C   . LEU B 1 64 ? -22.307 -7.184  -4.401  1.00 53.45  ? 64  LEU B C   1 
ATOM   1121 O  O   . LEU B 1 64 ? -22.548 -8.097  -3.612  1.00 53.12  ? 64  LEU B O   1 
ATOM   1122 C  CB  . LEU B 1 64 ? -23.852 -5.955  -5.871  1.00 49.56  ? 64  LEU B CB  1 
ATOM   1123 C  CG  . LEU B 1 64 ? -25.106 -5.081  -6.002  1.00 48.86  ? 64  LEU B CG  1 
ATOM   1124 C  CD1 . LEU B 1 64 ? -25.725 -5.256  -7.381  1.00 47.20  ? 64  LEU B CD1 1 
ATOM   1125 C  CD2 . LEU B 1 64 ? -26.102 -5.442  -4.904  1.00 47.20  ? 64  LEU B CD2 1 
ATOM   1126 N  N   . LEU B 1 65 ? -21.267 -7.175  -5.230  1.00 54.02  ? 65  LEU B N   1 
ATOM   1127 C  CA  . LEU B 1 65 ? -20.301 -8.263  -5.284  1.00 54.15  ? 65  LEU B CA  1 
ATOM   1128 C  C   . LEU B 1 65 ? -19.797 -8.618  -3.913  1.00 55.39  ? 65  LEU B C   1 
ATOM   1129 O  O   . LEU B 1 65 ? -19.651 -9.767  -3.530  1.00 57.92  ? 65  LEU B O   1 
ATOM   1130 C  CB  . LEU B 1 65 ? -19.116 -7.847  -6.109  1.00 51.59  ? 65  LEU B CB  1 
ATOM   1131 C  CG  . LEU B 1 65 ? -19.341 -7.826  -7.599  1.00 51.47  ? 65  LEU B CG  1 
ATOM   1132 C  CD1 . LEU B 1 65 ? -18.005 -7.571  -8.248  1.00 53.07  ? 65  LEU B CD1 1 
ATOM   1133 C  CD2 . LEU B 1 65 ? -19.877 -9.143  -8.067  1.00 49.88  ? 65  LEU B CD2 1 
ATOM   1134 N  N   . THR B 1 66 ? -19.529 -7.585  -3.168  1.00 55.54  ? 66  THR B N   1 
ATOM   1135 C  CA  . THR B 1 66 ? -18.988 -7.726  -1.859  1.00 54.62  ? 66  THR B CA  1 
ATOM   1136 C  C   . THR B 1 66 ? -19.963 -8.116  -0.796  1.00 54.35  ? 66  THR B C   1 
ATOM   1137 O  O   . THR B 1 66 ? -19.575 -8.682  0.207   1.00 54.42  ? 66  THR B O   1 
ATOM   1138 C  CB  . THR B 1 66 ? -18.323 -6.424  -1.540  1.00 54.04  ? 66  THR B CB  1 
ATOM   1139 O  OG1 . THR B 1 66 ? -16.927 -6.666  -1.563  1.00 57.36  ? 66  THR B OG1 1 
ATOM   1140 C  CG2 . THR B 1 66 ? -18.795 -5.814  -0.246  1.00 52.59  ? 66  THR B CG2 1 
ATOM   1141 N  N   . GLY B 1 67 ? -21.229 -7.807  -1.011  1.00 54.03  ? 67  GLY B N   1 
ATOM   1142 C  CA  . GLY B 1 67 ? -22.220 -8.108  -0.006  1.00 53.91  ? 67  GLY B CA  1 
ATOM   1143 C  C   . GLY B 1 67 ? -22.154 -7.116  1.147   1.00 54.32  ? 67  GLY B C   1 
ATOM   1144 O  O   . GLY B 1 67 ? -22.716 -7.366  2.209   1.00 55.65  ? 67  GLY B O   1 
ATOM   1145 N  N   . ASP B 1 68 ? -21.488 -5.977  0.963   1.00 54.77  ? 68  ASP B N   1 
ATOM   1146 C  CA  . ASP B 1 68 ? -21.369 -4.994  2.056   1.00 54.58  ? 68  ASP B CA  1 
ATOM   1147 C  C   . ASP B 1 68 ? -21.905 -3.607  1.681   1.00 53.41  ? 68  ASP B C   1 
ATOM   1148 O  O   . ASP B 1 68 ? -21.257 -2.849  0.969   1.00 55.25  ? 68  ASP B O   1 
ATOM   1149 C  CB  . ASP B 1 68 ? -19.896 -4.889  2.509   1.00 53.79  ? 68  ASP B CB  1 
ATOM   1150 C  CG  . ASP B 1 68 ? -19.717 -3.912  3.648   1.00 55.23  ? 68  ASP B CG  1 
ATOM   1151 O  OD1 . ASP B 1 68 ? -18.553 -3.522  3.920   1.00 54.03  ? 68  ASP B OD1 1 
ATOM   1152 O  OD2 . ASP B 1 68 ? -20.756 -3.538  4.268   1.00 54.23  ? 68  ASP B OD2 1 
ATOM   1153 N  N   . SER B 1 69 ? -23.075 -3.252  2.174   1.00 52.78  ? 69  SER B N   1 
ATOM   1154 C  CA  . SER B 1 69 ? -23.635 -1.969  1.803   1.00 52.32  ? 69  SER B CA  1 
ATOM   1155 C  C   . SER B 1 69 ? -22.868 -0.799  2.389   1.00 52.19  ? 69  SER B C   1 
ATOM   1156 O  O   . SER B 1 69 ? -23.093 0.352   2.009   1.00 52.97  ? 69  SER B O   1 
ATOM   1157 C  CB  . SER B 1 69 ? -25.092 -1.893  2.226   1.00 51.41  ? 69  SER B CB  1 
ATOM   1158 O  OG  . SER B 1 69 ? -25.200 -1.770  3.629   1.00 47.87  ? 69  SER B OG  1 
ATOM   1159 N  N   . THR B 1 70 ? -21.961 -1.087  3.308   1.00 50.94  ? 70  THR B N   1 
ATOM   1160 C  CA  . THR B 1 70 ? -21.181 -0.029  3.940   1.00 51.17  ? 70  THR B CA  1 
ATOM   1161 C  C   . THR B 1 70 ? -19.890 0.320   3.197   1.00 50.57  ? 70  THR B C   1 
ATOM   1162 O  O   . THR B 1 70 ? -19.213 1.287   3.556   1.00 50.30  ? 70  THR B O   1 
ATOM   1163 C  CB  . THR B 1 70 ? -20.816 -0.409  5.383   1.00 52.13  ? 70  THR B CB  1 
ATOM   1164 O  OG1 . THR B 1 70 ? -19.802 -1.426  5.385   1.00 52.59  ? 70  THR B OG1 1 
ATOM   1165 C  CG2 . THR B 1 70 ? -22.015 -0.933  6.091   1.00 48.96  ? 70  THR B CG2 1 
ATOM   1166 N  N   . LEU B 1 71 ? -19.566 -0.474  2.176   1.00 49.88  ? 71  LEU B N   1 
ATOM   1167 C  CA  . LEU B 1 71 ? -18.368 -0.275  1.378   1.00 50.71  ? 71  LEU B CA  1 
ATOM   1168 C  C   . LEU B 1 71 ? -18.212 1.139   0.769   1.00 51.08  ? 71  LEU B C   1 
ATOM   1169 O  O   . LEU B 1 71 ? -19.170 1.743   0.273   1.00 49.97  ? 71  LEU B O   1 
ATOM   1170 C  CB  . LEU B 1 71 ? -18.340 -1.291  0.243   1.00 51.89  ? 71  LEU B CB  1 
ATOM   1171 C  CG  . LEU B 1 71 ? -17.085 -1.172  -0.633  1.00 54.10  ? 71  LEU B CG  1 
ATOM   1172 C  CD1 . LEU B 1 71 ? -15.974 -1.689  0.192   1.00 57.75  ? 71  LEU B CD1 1 
ATOM   1173 C  CD2 . LEU B 1 71 ? -17.092 -2.005  -1.864  1.00 55.17  ? 71  LEU B CD2 1 
ATOM   1174 N  N   . GLU B 1 72 ? -16.993 1.658   0.803   1.00 49.83  ? 72  GLU B N   1 
ATOM   1175 C  CA  . GLU B 1 72 ? -16.716 2.963   0.239   1.00 51.65  ? 72  GLU B CA  1 
ATOM   1176 C  C   . GLU B 1 72 ? -15.359 2.906   -0.402  1.00 52.78  ? 72  GLU B C   1 
ATOM   1177 O  O   . GLU B 1 72 ? -14.488 2.222   0.113   1.00 55.89  ? 72  GLU B O   1 
ATOM   1178 C  CB  . GLU B 1 72 ? -16.677 4.062   1.307   1.00 50.99  ? 72  GLU B CB  1 
ATOM   1179 C  CG  . GLU B 1 72 ? -18.005 4.369   2.003   1.00 52.95  ? 72  GLU B CG  1 
ATOM   1180 C  CD  . GLU B 1 72 ? -19.081 4.932   1.104   1.00 55.36  ? 72  GLU B CD  1 
ATOM   1181 O  OE1 . GLU B 1 72 ? -20.229 5.019   1.565   1.00 55.33  ? 72  GLU B OE1 1 
ATOM   1182 O  OE2 . GLU B 1 72 ? -18.791 5.278   -0.064  1.00 58.44  ? 72  GLU B OE2 1 
ATOM   1183 N  N   . ILE B 1 73 ? -15.169 3.597   -1.523  1.00 52.03  ? 73  ILE B N   1 
ATOM   1184 C  CA  . ILE B 1 73 ? -13.856 3.639   -2.133  1.00 50.08  ? 73  ILE B CA  1 
ATOM   1185 C  C   . ILE B 1 73 ? -13.372 5.016   -1.756  1.00 51.24  ? 73  ILE B C   1 
ATOM   1186 O  O   . ILE B 1 73 ? -14.101 5.990   -1.914  1.00 53.21  ? 73  ILE B O   1 
ATOM   1187 C  CB  . ILE B 1 73 ? -13.910 3.540   -3.649  1.00 49.85  ? 73  ILE B CB  1 
ATOM   1188 C  CG1 . ILE B 1 73 ? -14.433 2.166   -4.057  1.00 49.94  ? 73  ILE B CG1 1 
ATOM   1189 C  CG2 . ILE B 1 73 ? -12.532 3.831   -4.238  1.00 47.69  ? 73  ILE B CG2 1 
ATOM   1190 C  CD1 . ILE B 1 73 ? -14.480 1.925   -5.553  1.00 47.71  ? 73  ILE B CD1 1 
ATOM   1191 N  N   . GLN B 1 74 ? -12.152 5.106   -1.244  1.00 51.91  ? 74  GLN B N   1 
ATOM   1192 C  CA  . GLN B 1 74 ? -11.587 6.379   -0.830  1.00 51.51  ? 74  GLN B CA  1 
ATOM   1193 C  C   . GLN B 1 74 ? -10.176 6.493   -1.304  1.00 51.63  ? 74  GLN B C   1 
ATOM   1194 O  O   . GLN B 1 74 ? -9.490  5.495   -1.473  1.00 52.79  ? 74  GLN B O   1 
ATOM   1195 C  CB  . GLN B 1 74 ? -11.566 6.481   0.683   1.00 51.64  ? 74  GLN B CB  1 
ATOM   1196 C  CG  . GLN B 1 74 ? -12.915 6.302   1.334   1.00 52.36  ? 74  GLN B CG  1 
ATOM   1197 C  CD  . GLN B 1 74 ? -12.866 6.542   2.835   1.00 54.18  ? 74  GLN B CD  1 
ATOM   1198 O  OE1 . GLN B 1 74 ? -11.953 7.221   3.351   1.00 55.74  ? 74  GLN B OE1 1 
ATOM   1199 N  NE2 . GLN B 1 74 ? -13.850 5.997   3.548   1.00 53.33  ? 74  GLN B NE2 1 
ATOM   1200 N  N   . PRO B 1 75 ? -9.704  7.722   -1.513  1.00 52.62  ? 75  PRO B N   1 
ATOM   1201 C  CA  . PRO B 1 75 ? -8.324  7.880   -1.967  1.00 53.24  ? 75  PRO B CA  1 
ATOM   1202 C  C   . PRO B 1 75 ? -7.297  7.523   -0.883  1.00 55.94  ? 75  PRO B C   1 
ATOM   1203 O  O   . PRO B 1 75 ? -7.607  7.430   0.323   1.00 54.95  ? 75  PRO B O   1 
ATOM   1204 C  CB  . PRO B 1 75 ? -8.268  9.346   -2.361  1.00 52.71  ? 75  PRO B CB  1 
ATOM   1205 C  CG  . PRO B 1 75 ? -9.232  9.992   -1.423  1.00 49.78  ? 75  PRO B CG  1 
ATOM   1206 C  CD  . PRO B 1 75 ? -10.387 9.025   -1.429  1.00 51.16  ? 75  PRO B CD  1 
HETATM 1207 N  N   . MSE B 1 76 ? -6.071  7.300   -1.331  1.00 59.62  ? 76  MSE B N   1 
HETATM 1208 C  CA  . MSE B 1 76 ? -4.993  6.974   -0.427  1.00 63.30  ? 76  MSE B CA  1 
HETATM 1209 C  C   . MSE B 1 76 ? -4.462  8.282   0.132   1.00 64.89  ? 76  MSE B C   1 
HETATM 1210 O  O   . MSE B 1 76 ? -4.458  9.303   -0.530  1.00 63.54  ? 76  MSE B O   1 
HETATM 1211 C  CB  . MSE B 1 76 ? -3.875  6.244   -1.157  1.00 64.72  ? 76  MSE B CB  1 
HETATM 1212 C  CG  . MSE B 1 76 ? -4.288  4.963   -1.834  1.00 68.63  ? 76  MSE B CG  1 
HETATM 1213 SE SE  . MSE B 1 76 ? -2.756  3.766   -1.878  1.00 73.74  ? 76  MSE B SE  1 
HETATM 1214 C  CE  . MSE B 1 76 ? -2.741  3.367   0.034   1.00 74.44  ? 76  MSE B CE  1 
ATOM   1215 N  N   . ILE B 1 77 ? -4.015  8.241   1.372   1.00 68.22  ? 77  ILE B N   1 
ATOM   1216 C  CA  . ILE B 1 77 ? -3.491  9.433   1.983   1.00 70.18  ? 77  ILE B CA  1 
ATOM   1217 C  C   . ILE B 1 77 ? -1.988  9.279   2.251   1.00 71.55  ? 77  ILE B C   1 
ATOM   1218 O  O   . ILE B 1 77 ? -1.494  8.220   2.653   1.00 72.39  ? 77  ILE B O   1 
ATOM   1219 C  CB  . ILE B 1 77 ? -4.334  9.755   3.248   1.00 70.45  ? 77  ILE B CB  1 
ATOM   1220 C  CG1 . ILE B 1 77 ? -4.568  11.257  3.285   1.00 74.02  ? 77  ILE B CG1 1 
ATOM   1221 C  CG2 . ILE B 1 77 ? -3.676  9.272   4.531   1.00 68.41  ? 77  ILE B CG2 1 
ATOM   1222 C  CD1 . ILE B 1 77 ? -5.281  11.832  2.032   1.00 75.55  ? 77  ILE B CD1 1 
ATOM   1223 N  N   . VAL B 1 78 ? -1.250  10.337  1.982   1.00 73.72  ? 78  VAL B N   1 
ATOM   1224 C  CA  . VAL B 1 78 ? 0.210   10.331  2.164   1.00 75.74  ? 78  VAL B CA  1 
ATOM   1225 C  C   . VAL B 1 78 ? 0.608   11.451  3.156   1.00 78.11  ? 78  VAL B C   1 
ATOM   1226 O  O   . VAL B 1 78 ? -0.026  12.515  3.178   1.00 78.89  ? 78  VAL B O   1 
ATOM   1227 C  CB  . VAL B 1 78 ? 0.918   10.563  0.791   1.00 73.76  ? 78  VAL B CB  1 
ATOM   1228 C  CG1 . VAL B 1 78 ? 1.293   12.005  0.632   1.00 73.44  ? 78  VAL B CG1 1 
ATOM   1229 C  CG2 . VAL B 1 78 ? 2.109   9.703   0.656   1.00 73.46  ? 78  VAL B CG2 1 
ATOM   1230 N  N   . PRO B 1 79 ? 1.669   11.242  3.971   1.00 79.87  ? 79  PRO B N   1 
ATOM   1231 C  CA  . PRO B 1 79 ? 2.093   12.271  4.939   1.00 81.21  ? 79  PRO B CA  1 
ATOM   1232 C  C   . PRO B 1 79 ? 2.666   13.560  4.319   1.00 82.93  ? 79  PRO B C   1 
ATOM   1233 O  O   . PRO B 1 79 ? 3.398   13.534  3.304   1.00 82.55  ? 79  PRO B O   1 
ATOM   1234 C  CB  . PRO B 1 79 ? 3.112   11.531  5.793   1.00 80.26  ? 79  PRO B CB  1 
ATOM   1235 C  CG  . PRO B 1 79 ? 3.779   10.659  4.774   1.00 80.00  ? 79  PRO B CG  1 
ATOM   1236 C  CD  . PRO B 1 79 ? 2.613   10.109  3.972   1.00 79.54  ? 79  PRO B CD  1 
ATOM   1237 N  N   . THR B 1 80 ? 2.318   14.688  4.938   1.00 85.01  ? 80  THR B N   1 
ATOM   1238 C  CA  . THR B 1 80 ? 2.784   15.997  4.470   1.00 87.21  ? 80  THR B CA  1 
ATOM   1239 C  C   . THR B 1 80 ? 2.903   17.001  5.624   1.00 88.01  ? 80  THR B C   1 
ATOM   1240 O  O   . THR B 1 80 ? 4.035   17.517  5.796   1.00 89.38  ? 80  THR B O   1 
ATOM   1241 C  CB  . THR B 1 80 ? 1.841   16.592  3.362   1.00 87.54  ? 80  THR B CB  1 
ATOM   1242 O  OG1 . THR B 1 80 ? 2.443   17.779  2.815   1.00 86.71  ? 80  THR B OG1 1 
ATOM   1243 C  CG2 . THR B 1 80 ? 0.424   16.910  3.942   1.00 85.91  ? 80  THR B CG2 1 
HETATM 1244 O  O   . HOH C 2 .  ? 21.079  -6.876  19.188  1.00 75.82  ? 91  HOH A O   1 
HETATM 1245 O  O   . HOH C 2 .  ? 13.010  5.830   13.364  1.00 63.18  ? 92  HOH A O   1 
HETATM 1246 O  O   . HOH C 2 .  ? 7.663   3.129   12.510  1.00 62.16  ? 93  HOH A O   1 
HETATM 1247 O  O   . HOH C 2 .  ? 10.637  -8.262  -5.350  1.00 73.11  ? 94  HOH A O   1 
HETATM 1248 O  O   . HOH C 2 .  ? 11.486  -15.304 4.687   1.00 57.64  ? 95  HOH A O   1 
HETATM 1249 O  O   . HOH C 2 .  ? 1.435   -4.052  -2.585  1.00 55.96  ? 96  HOH A O   1 
HETATM 1250 O  O   . HOH C 2 .  ? 6.811   6.111   -13.643 1.00 77.23  ? 97  HOH A O   1 
HETATM 1251 O  O   . HOH C 2 .  ? 22.837  -10.297 16.837  1.00 80.42  ? 98  HOH A O   1 
HETATM 1252 O  O   . HOH C 2 .  ? 6.561   -1.737  16.234  1.00 68.51  ? 99  HOH A O   1 
HETATM 1253 O  O   . HOH C 2 .  ? 17.600  13.687  10.336  1.00 64.39  ? 100 HOH A O   1 
HETATM 1254 O  O   . HOH C 2 .  ? 23.828  9.092   5.800   1.00 66.56  ? 101 HOH A O   1 
HETATM 1255 O  O   . HOH C 2 .  ? 16.726  -4.698  -12.436 1.00 74.86  ? 102 HOH A O   1 
HETATM 1256 O  O   . HOH C 2 .  ? 17.682  -0.784  -15.230 1.00 74.97  ? 103 HOH A O   1 
HETATM 1257 O  O   . HOH C 2 .  ? 12.967  -12.310 -1.998  1.00 63.95  ? 104 HOH A O   1 
HETATM 1258 O  O   . HOH C 2 .  ? 15.939  -12.601 10.351  1.00 53.67  ? 105 HOH A O   1 
HETATM 1259 O  O   . HOH C 2 .  ? 11.240  -12.631 10.411  1.00 73.19  ? 106 HOH A O   1 
HETATM 1260 O  O   . HOH D 2 .  ? 0.812   3.163   -13.833 1.00 69.54  ? 91  HOH B O   1 
HETATM 1261 O  O   . HOH D 2 .  ? -1.244  4.873   2.470   1.00 74.53  ? 92  HOH B O   1 
HETATM 1262 O  O   . HOH D 2 .  ? -18.586 3.344   9.389   1.00 66.11  ? 93  HOH B O   1 
HETATM 1263 O  O   . HOH D 2 .  ? -16.908 1.404   11.068  1.00 50.51  ? 94  HOH B O   1 
HETATM 1264 O  O   . HOH D 2 .  ? -23.053 3.754   4.773   1.00 61.37  ? 95  HOH B O   1 
HETATM 1265 O  O   . HOH D 2 .  ? -22.310 2.999   1.758   1.00 58.18  ? 96  HOH B O   1 
HETATM 1266 O  O   . HOH D 2 .  ? -24.822 3.853   -0.266  0.50 70.96  ? 97  HOH B O   1 
HETATM 1267 O  O   . HOH D 2 .  ? -8.337  7.233   -6.422  1.00 62.86  ? 98  HOH B O   1 
HETATM 1268 O  O   . HOH D 2 .  ? -12.236 8.421   -4.487  0.50 52.65  ? 99  HOH B O   1 
HETATM 1269 O  O   . HOH D 2 .  ? -14.447 -6.747  8.909   1.00 59.47  ? 100 HOH B O   1 
HETATM 1270 O  O   . HOH D 2 .  ? -11.667 -11.253 6.646   1.00 73.30  ? 101 HOH B O   1 
HETATM 1271 O  O   . HOH D 2 .  ? -16.792 -19.842 0.480   1.00 82.38  ? 102 HOH B O   1 
HETATM 1272 O  O   . HOH D 2 .  ? -19.586 -12.247 -4.641  1.00 61.78  ? 103 HOH B O   1 
HETATM 1273 O  O   . HOH D 2 .  ? -4.895  -11.886 -12.462 1.00 64.79  ? 104 HOH B O   1 
HETATM 1274 O  O   . HOH D 2 .  ? -6.632  -2.061  -19.628 1.00 64.98  ? 105 HOH B O   1 
HETATM 1275 O  O   . HOH D 2 .  ? -25.908 -4.837  -1.014  1.00 81.67  ? 106 HOH B O   1 
HETATM 1276 O  O   . HOH D 2 .  ? -2.616  -10.431 1.270   1.00 76.22  ? 107 HOH B O   1 
HETATM 1277 O  O   . HOH D 2 .  ? -18.087 6.297   -2.514  0.50 60.64  ? 108 HOH B O   1 
HETATM 1278 O  O   . HOH D 2 .  ? -28.140 -4.827  4.272   1.00 73.48  ? 109 HOH B O   1 
HETATM 1279 O  O   . HOH D 2 .  ? -20.078 -15.039 2.793   1.00 82.48  ? 110 HOH B O   1 
HETATM 1280 O  O   . HOH D 2 .  ? -21.479 -17.346 -0.076  1.00 82.32  ? 111 HOH B O   1 
HETATM 1281 O  O   . HOH D 2 .  ? -14.661 -15.656 1.147   1.00 61.55  ? 112 HOH B O   1 
HETATM 1282 O  O   . HOH D 2 .  ? -23.747 -11.458 -1.001  1.00 64.98  ? 113 HOH B O   1 
# 
